data_1UL4
#
_entry.id   1UL4
#
loop_
_entity.id
_entity.type
_entity.pdbx_description
1 polymer 'squamosa promoter binding protein-like 4'
2 non-polymer 'ZINC ION'
#
_entity_poly.entity_id   1
_entity_poly.type   'polypeptide(L)'
_entity_poly.pdbx_seq_one_letter_code
;GSSGSSGLRLCQVDRCTADMKEAKLYHRRHKVCEVHAKASSVFLSGLNQRFCQQCSRFHDLQEFDEAKRSCRRRLAGHNE
RRRKSSGESGPSSG
;
_entity_poly.pdbx_strand_id   A
#
loop_
_chem_comp.id
_chem_comp.type
_chem_comp.name
_chem_comp.formula
ZN non-polymer 'ZINC ION' 'Zn 2'
#
# COMPACT_ATOMS: atom_id res chain seq x y z
N LEU A 8 -2.52 16.23 14.51
CA LEU A 8 -3.47 15.10 14.75
C LEU A 8 -2.76 13.75 14.64
N ARG A 9 -2.73 13.02 15.75
CA ARG A 9 -2.09 11.71 15.79
C ARG A 9 -3.10 10.60 15.54
N LEU A 10 -3.30 10.26 14.27
CA LEU A 10 -4.26 9.22 13.90
C LEU A 10 -3.64 8.25 12.90
N CYS A 11 -2.31 8.20 12.86
CA CYS A 11 -1.60 7.32 11.94
C CYS A 11 -1.44 5.93 12.54
N GLN A 12 -1.84 4.91 11.78
CA GLN A 12 -1.75 3.53 12.23
C GLN A 12 -0.30 3.15 12.53
N VAL A 13 0.62 3.69 11.73
CA VAL A 13 2.05 3.42 11.92
C VAL A 13 2.53 3.94 13.26
N ASP A 14 3.12 3.04 14.05
CA ASP A 14 3.64 3.40 15.37
C ASP A 14 4.98 4.11 15.25
N ARG A 15 5.35 4.86 16.29
CA ARG A 15 6.61 5.59 16.31
C ARG A 15 6.65 6.65 15.21
N CYS A 16 5.48 7.07 14.76
CA CYS A 16 5.39 8.10 13.71
C CYS A 16 5.46 9.50 14.32
N THR A 17 6.29 10.35 13.74
CA THR A 17 6.45 11.72 14.23
C THR A 17 6.08 12.74 13.16
N ALA A 18 5.17 12.36 12.27
CA ALA A 18 4.73 13.25 11.20
C ALA A 18 3.54 14.07 11.63
N ASP A 19 3.54 15.36 11.29
CA ASP A 19 2.45 16.25 11.66
C ASP A 19 1.46 16.40 10.51
N MET A 20 0.20 16.03 10.76
CA MET A 20 -0.84 16.12 9.76
C MET A 20 -1.79 17.27 10.05
N LYS A 21 -1.24 18.38 10.54
CA LYS A 21 -2.03 19.55 10.88
C LYS A 21 -2.77 20.07 9.65
N GLU A 22 -2.14 19.95 8.48
CA GLU A 22 -2.75 20.40 7.23
C GLU A 22 -2.60 19.34 6.14
N ALA A 23 -3.46 18.34 6.19
CA ALA A 23 -3.42 17.26 5.20
C ALA A 23 -4.70 17.25 4.37
N LYS A 24 -4.70 16.45 3.29
CA LYS A 24 -5.85 16.35 2.40
C LYS A 24 -6.84 15.32 2.95
N LEU A 25 -8.05 15.34 2.39
CA LEU A 25 -9.09 14.40 2.81
C LEU A 25 -8.72 12.96 2.50
N TYR A 26 -7.75 12.79 1.60
CA TYR A 26 -7.29 11.45 1.20
C TYR A 26 -6.34 10.88 2.24
N HIS A 27 -5.62 11.76 2.93
CA HIS A 27 -4.67 11.33 3.95
C HIS A 27 -5.28 11.42 5.34
N ARG A 28 -6.21 12.34 5.51
CA ARG A 28 -6.88 12.52 6.80
C ARG A 28 -7.98 11.48 7.01
N ARG A 29 -8.60 11.05 5.90
CA ARG A 29 -9.66 10.06 5.97
C ARG A 29 -9.10 8.67 6.22
N HIS A 30 -8.12 8.28 5.41
CA HIS A 30 -7.50 6.97 5.55
C HIS A 30 -6.59 6.90 6.78
N LYS A 31 -6.36 8.05 7.41
CA LYS A 31 -5.51 8.11 8.60
C LYS A 31 -4.08 7.71 8.26
N VAL A 32 -3.56 8.26 7.17
CA VAL A 32 -2.20 7.96 6.74
C VAL A 32 -1.45 9.22 6.33
N CYS A 33 -0.13 9.16 6.34
CA CYS A 33 0.71 10.30 5.97
C CYS A 33 1.13 10.22 4.51
N GLU A 34 1.30 11.38 3.88
CA GLU A 34 1.71 11.44 2.49
C GLU A 34 3.08 10.77 2.31
N VAL A 35 3.92 10.88 3.33
CA VAL A 35 5.24 10.29 3.30
C VAL A 35 5.17 8.78 3.49
N HIS A 36 4.20 8.34 4.28
CA HIS A 36 4.02 6.92 4.55
C HIS A 36 3.27 6.24 3.40
N ALA A 37 2.43 7.00 2.71
CA ALA A 37 1.65 6.47 1.60
C ALA A 37 2.56 5.97 0.48
N LYS A 38 3.62 6.73 0.20
CA LYS A 38 4.57 6.37 -0.84
C LYS A 38 6.00 6.33 -0.29
N ALA A 39 6.17 5.70 0.86
CA ALA A 39 7.48 5.60 1.49
C ALA A 39 8.20 4.34 1.04
N SER A 40 9.45 4.20 1.48
CA SER A 40 10.25 3.03 1.13
C SER A 40 10.21 1.98 2.23
N SER A 41 9.07 1.30 2.34
CA SER A 41 8.89 0.26 3.36
C SER A 41 8.98 0.85 4.75
N VAL A 42 7.85 0.90 5.45
CA VAL A 42 7.80 1.45 6.80
C VAL A 42 8.03 0.35 7.84
N PHE A 43 8.46 0.76 9.03
CA PHE A 43 8.72 -0.19 10.11
C PHE A 43 7.47 -0.39 10.97
N LEU A 44 6.64 -1.35 10.58
CA LEU A 44 5.41 -1.64 11.31
C LEU A 44 5.48 -3.00 11.99
N SER A 45 5.26 -3.01 13.31
CA SER A 45 5.31 -4.25 14.08
C SER A 45 6.68 -4.91 13.98
N GLY A 46 7.69 -4.13 13.61
CA GLY A 46 9.04 -4.67 13.49
C GLY A 46 9.35 -5.14 12.07
N LEU A 47 8.37 -5.72 11.41
CA LEU A 47 8.56 -6.22 10.04
C LEU A 47 8.40 -5.09 9.03
N ASN A 48 8.80 -5.35 7.79
CA ASN A 48 8.70 -4.36 6.73
C ASN A 48 7.34 -4.42 6.05
N GLN A 49 6.55 -3.36 6.22
CA GLN A 49 5.22 -3.28 5.61
C GLN A 49 5.10 -2.05 4.73
N ARG A 50 4.75 -2.27 3.47
CA ARG A 50 4.60 -1.17 2.52
C ARG A 50 3.11 -0.89 2.25
N PHE A 51 2.84 0.20 1.54
CA PHE A 51 1.48 0.57 1.20
C PHE A 51 1.03 -0.07 -0.09
N CYS A 52 -0.28 -0.19 -0.27
CA CYS A 52 -0.85 -0.79 -1.48
C CYS A 52 -1.95 0.10 -2.05
N GLN A 53 -1.58 0.94 -3.00
CA GLN A 53 -2.54 1.84 -3.64
C GLN A 53 -3.71 1.07 -4.23
N GLN A 54 -3.50 -0.21 -4.53
CA GLN A 54 -4.53 -1.05 -5.10
C GLN A 54 -5.75 -1.14 -4.18
N CYS A 55 -5.50 -1.53 -2.93
CA CYS A 55 -6.59 -1.66 -1.96
C CYS A 55 -6.56 -0.51 -0.95
N SER A 56 -5.55 0.35 -1.03
CA SER A 56 -5.42 1.49 -0.13
C SER A 56 -5.06 1.04 1.30
N ARG A 57 -4.95 -0.28 1.50
CA ARG A 57 -4.62 -0.82 2.82
C ARG A 57 -3.12 -1.03 2.96
N PHE A 58 -2.72 -1.69 4.04
CA PHE A 58 -1.30 -1.96 4.29
C PHE A 58 -1.00 -3.45 4.13
N HIS A 59 0.02 -3.76 3.34
CA HIS A 59 0.40 -5.15 3.11
C HIS A 59 1.88 -5.36 3.40
N ASP A 60 2.22 -6.56 3.87
CA ASP A 60 3.60 -6.89 4.19
C ASP A 60 4.47 -6.89 2.92
N LEU A 61 5.78 -6.92 3.12
CA LEU A 61 6.73 -6.91 2.00
C LEU A 61 6.74 -8.28 1.32
N GLN A 62 6.53 -9.33 2.10
CA GLN A 62 6.53 -10.69 1.57
C GLN A 62 5.45 -10.86 0.51
N GLU A 63 4.40 -10.04 0.59
CA GLU A 63 3.31 -10.11 -0.37
C GLU A 63 3.68 -9.40 -1.67
N PHE A 64 4.51 -8.36 -1.56
CA PHE A 64 4.94 -7.60 -2.73
C PHE A 64 6.08 -8.31 -3.45
N ASP A 65 6.16 -8.12 -4.76
CA ASP A 65 7.20 -8.74 -5.57
C ASP A 65 7.33 -8.05 -6.92
N GLU A 66 8.32 -8.46 -7.71
CA GLU A 66 8.54 -7.89 -9.02
C GLU A 66 8.83 -6.40 -8.93
N ALA A 67 9.14 -5.79 -10.07
CA ALA A 67 9.42 -4.36 -10.12
C ALA A 67 8.24 -3.54 -9.62
N LYS A 68 7.03 -4.07 -9.83
CA LYS A 68 5.82 -3.38 -9.40
C LYS A 68 5.59 -3.57 -7.90
N ARG A 69 5.47 -2.47 -7.18
CA ARG A 69 5.25 -2.51 -5.74
C ARG A 69 3.77 -2.45 -5.42
N SER A 70 2.99 -3.35 -6.03
CA SER A 70 1.55 -3.39 -5.80
C SER A 70 1.11 -4.79 -5.40
N CYS A 71 -0.18 -4.93 -5.08
CA CYS A 71 -0.73 -6.22 -4.67
C CYS A 71 -0.48 -7.29 -5.73
N ARG A 72 -0.57 -8.55 -5.33
CA ARG A 72 -0.35 -9.67 -6.24
C ARG A 72 -1.63 -10.01 -7.01
N ARG A 73 -2.77 -9.76 -6.38
CA ARG A 73 -4.07 -10.04 -7.00
C ARG A 73 -4.32 -9.07 -8.16
N ARG A 74 -4.74 -9.63 -9.28
CA ARG A 74 -5.03 -8.83 -10.48
C ARG A 74 -3.75 -8.42 -11.19
N LEU A 75 -2.91 -7.69 -10.47
CA LEU A 75 -1.63 -7.22 -11.02
C LEU A 75 -0.84 -8.38 -11.62
N ALA A 76 -0.53 -9.37 -10.80
CA ALA A 76 0.22 -10.53 -11.25
C ALA A 76 -0.56 -11.34 -12.28
N GLY A 77 -1.75 -11.80 -11.88
CA GLY A 77 -2.58 -12.57 -12.78
C GLY A 77 -2.64 -14.04 -12.39
N HIS A 78 -3.79 -14.46 -11.88
CA HIS A 78 -3.97 -15.85 -11.47
C HIS A 78 -4.26 -16.74 -12.67
N ASN A 79 -4.87 -16.15 -13.71
CA ASN A 79 -5.19 -16.89 -14.92
C ASN A 79 -6.22 -17.99 -14.63
N GLU A 80 -6.95 -18.39 -15.66
CA GLU A 80 -7.96 -19.44 -15.51
C GLU A 80 -7.34 -20.75 -15.10
N ARG A 81 -6.63 -21.38 -16.03
CA ARG A 81 -5.97 -22.66 -15.77
C ARG A 81 -6.99 -23.73 -15.38
N ARG A 82 -6.51 -24.93 -15.12
CA ARG A 82 -7.38 -26.04 -14.74
C ARG A 82 -6.85 -26.73 -13.47
N ARG A 83 -7.75 -27.44 -12.78
CA ARG A 83 -7.37 -28.15 -11.56
C ARG A 83 -7.86 -29.59 -11.61
N LYS A 84 -9.16 -29.77 -11.80
CA LYS A 84 -9.75 -31.10 -11.86
C LYS A 84 -10.22 -31.42 -13.27
N SER A 85 -10.51 -32.70 -13.52
CA SER A 85 -10.98 -33.13 -14.83
C SER A 85 -12.42 -33.62 -14.75
N SER A 86 -13.09 -33.62 -15.90
CA SER A 86 -14.49 -34.06 -15.97
C SER A 86 -14.56 -35.56 -16.23
N GLY A 87 -15.51 -36.22 -15.56
CA GLY A 87 -15.67 -37.65 -15.72
C GLY A 87 -16.88 -38.19 -14.99
N GLU A 88 -16.68 -39.21 -14.17
CA GLU A 88 -17.78 -39.81 -13.42
C GLU A 88 -17.35 -40.13 -11.99
ZN ZN B . 2.63 8.24 9.65
ZN ZN C . -3.63 -4.85 -1.76
N LEU A 8 -2.78 15.60 15.70
CA LEU A 8 -3.71 14.44 15.63
C LEU A 8 -2.97 13.16 15.28
N ARG A 9 -3.11 12.14 16.12
CA ARG A 9 -2.46 10.86 15.89
C ARG A 9 -3.42 9.85 15.28
N LEU A 10 -3.60 9.92 13.97
CA LEU A 10 -4.49 9.01 13.26
C LEU A 10 -3.71 8.02 12.40
N CYS A 11 -2.47 8.39 12.05
CA CYS A 11 -1.63 7.52 11.23
C CYS A 11 -1.51 6.13 11.84
N GLN A 12 -1.81 5.10 11.04
CA GLN A 12 -1.74 3.73 11.50
C GLN A 12 -0.30 3.32 11.79
N VAL A 13 0.64 3.91 11.05
CA VAL A 13 2.06 3.62 11.24
C VAL A 13 2.50 3.98 12.65
N ASP A 14 2.92 2.96 13.42
CA ASP A 14 3.37 3.16 14.78
C ASP A 14 4.73 3.84 14.80
N ARG A 15 5.02 4.55 15.90
CA ARG A 15 6.29 5.24 16.05
C ARG A 15 6.46 6.29 14.96
N CYS A 16 5.36 6.85 14.49
CA CYS A 16 5.39 7.86 13.44
C CYS A 16 5.90 9.19 14.00
N THR A 17 6.57 9.97 13.17
CA THR A 17 7.10 11.26 13.57
C THR A 17 6.35 12.40 12.90
N ALA A 18 5.89 12.16 11.68
CA ALA A 18 5.15 13.17 10.93
C ALA A 18 3.83 13.51 11.61
N ASP A 19 3.50 14.80 11.66
CA ASP A 19 2.26 15.25 12.28
C ASP A 19 1.14 15.34 11.26
N MET A 20 -0.04 14.84 11.65
CA MET A 20 -1.19 14.86 10.77
C MET A 20 -2.20 15.90 11.23
N LYS A 21 -1.70 17.02 11.73
CA LYS A 21 -2.56 18.10 12.21
C LYS A 21 -3.36 18.71 11.05
N GLU A 22 -2.74 18.77 9.88
CA GLU A 22 -3.38 19.33 8.70
C GLU A 22 -3.02 18.55 7.44
N ALA A 23 -3.73 17.45 7.21
CA ALA A 23 -3.48 16.61 6.04
C ALA A 23 -4.40 16.99 4.90
N LYS A 24 -4.22 16.32 3.76
CA LYS A 24 -5.04 16.58 2.58
C LYS A 24 -6.23 15.64 2.53
N LEU A 25 -7.13 15.86 1.57
CA LEU A 25 -8.32 15.04 1.41
C LEU A 25 -7.93 13.59 1.13
N TYR A 26 -6.79 13.40 0.48
CA TYR A 26 -6.30 12.06 0.15
C TYR A 26 -5.60 11.44 1.35
N HIS A 27 -5.00 12.27 2.19
CA HIS A 27 -4.30 11.79 3.37
C HIS A 27 -5.18 11.91 4.61
N ARG A 28 -6.49 11.73 4.43
CA ARG A 28 -7.44 11.82 5.53
C ARG A 28 -8.31 10.56 5.60
N ARG A 29 -8.91 10.22 4.47
CA ARG A 29 -9.77 9.03 4.40
C ARG A 29 -8.95 7.76 4.61
N HIS A 30 -7.71 7.78 4.14
CA HIS A 30 -6.82 6.63 4.28
C HIS A 30 -6.04 6.69 5.59
N LYS A 31 -5.86 7.90 6.11
CA LYS A 31 -5.14 8.09 7.36
C LYS A 31 -3.67 7.69 7.20
N VAL A 32 -2.99 8.30 6.22
CA VAL A 32 -1.59 8.00 5.97
C VAL A 32 -0.84 9.26 5.54
N CYS A 33 0.39 9.40 6.01
CA CYS A 33 1.21 10.56 5.68
C CYS A 33 1.70 10.49 4.23
N GLU A 34 1.95 11.65 3.64
CA GLU A 34 2.42 11.72 2.27
C GLU A 34 3.75 10.98 2.12
N VAL A 35 4.57 11.03 3.16
CA VAL A 35 5.86 10.37 3.16
C VAL A 35 5.71 8.87 3.41
N HIS A 36 4.68 8.51 4.19
CA HIS A 36 4.42 7.11 4.50
C HIS A 36 3.63 6.43 3.39
N ALA A 37 2.84 7.22 2.67
CA ALA A 37 2.03 6.70 1.57
C ALA A 37 2.92 6.20 0.44
N LYS A 38 3.77 7.09 -0.08
CA LYS A 38 4.67 6.73 -1.17
C LYS A 38 6.07 6.45 -0.65
N ALA A 39 6.15 5.75 0.48
CA ALA A 39 7.43 5.41 1.08
C ALA A 39 8.04 4.18 0.41
N SER A 40 9.24 3.82 0.85
CA SER A 40 9.94 2.67 0.28
C SER A 40 9.92 1.50 1.26
N SER A 41 9.89 1.81 2.56
CA SER A 41 9.88 0.77 3.58
C SER A 41 9.65 1.39 4.96
N VAL A 42 8.44 1.27 5.47
CA VAL A 42 8.09 1.82 6.77
C VAL A 42 8.17 0.75 7.86
N PHE A 43 8.35 1.18 9.10
CA PHE A 43 8.44 0.26 10.23
C PHE A 43 7.08 0.10 10.91
N LEU A 44 6.45 -1.05 10.69
CA LEU A 44 5.15 -1.34 11.29
C LEU A 44 5.15 -2.70 11.96
N SER A 45 4.84 -2.71 13.26
CA SER A 45 4.81 -3.95 14.03
C SER A 45 6.15 -4.66 14.00
N GLY A 46 7.22 -3.89 13.80
CA GLY A 46 8.55 -4.46 13.75
C GLY A 46 8.96 -4.89 12.35
N LEU A 47 8.06 -5.57 11.65
CA LEU A 47 8.35 -6.03 10.30
C LEU A 47 8.16 -4.90 9.29
N ASN A 48 8.68 -5.10 8.08
CA ASN A 48 8.57 -4.10 7.03
C ASN A 48 7.20 -4.16 6.37
N GLN A 49 6.70 -3.00 5.96
CA GLN A 49 5.39 -2.91 5.31
C GLN A 49 5.34 -1.73 4.35
N ARG A 50 4.38 -1.77 3.43
CA ARG A 50 4.22 -0.70 2.45
C ARG A 50 2.75 -0.38 2.24
N PHE A 51 2.46 0.89 1.96
CA PHE A 51 1.08 1.32 1.73
C PHE A 51 0.50 0.69 0.49
N CYS A 52 -0.68 0.09 0.63
CA CYS A 52 -1.34 -0.56 -0.50
C CYS A 52 -2.59 0.21 -0.91
N GLN A 53 -2.45 1.06 -1.92
CA GLN A 53 -3.56 1.86 -2.42
C GLN A 53 -4.72 0.96 -2.87
N GLN A 54 -4.39 -0.23 -3.32
CA GLN A 54 -5.39 -1.19 -3.80
C GLN A 54 -6.43 -1.45 -2.72
N CYS A 55 -5.98 -1.73 -1.51
CA CYS A 55 -6.88 -2.01 -0.39
C CYS A 55 -6.84 -0.89 0.64
N SER A 56 -6.38 0.29 0.22
CA SER A 56 -6.30 1.45 1.12
C SER A 56 -5.73 1.08 2.49
N ARG A 57 -4.93 0.01 2.53
CA ARG A 57 -4.33 -0.43 3.78
C ARG A 57 -2.86 -0.80 3.57
N PHE A 58 -2.23 -1.34 4.61
CA PHE A 58 -0.83 -1.73 4.54
C PHE A 58 -0.70 -3.26 4.48
N HIS A 59 0.42 -3.72 3.94
CA HIS A 59 0.68 -5.16 3.82
C HIS A 59 2.14 -5.47 4.12
N ASP A 60 2.44 -6.75 4.28
CA ASP A 60 3.80 -7.20 4.56
C ASP A 60 4.71 -6.96 3.36
N LEU A 61 5.98 -6.69 3.64
CA LEU A 61 6.96 -6.45 2.57
C LEU A 61 7.13 -7.69 1.70
N GLN A 62 6.95 -8.86 2.30
CA GLN A 62 7.09 -10.11 1.58
C GLN A 62 6.06 -10.21 0.44
N GLU A 63 4.97 -9.45 0.56
CA GLU A 63 3.93 -9.46 -0.46
C GLU A 63 4.32 -8.60 -1.65
N PHE A 64 4.92 -7.44 -1.38
CA PHE A 64 5.34 -6.53 -2.43
C PHE A 64 6.62 -7.03 -3.10
N ASP A 65 6.87 -6.55 -4.31
CA ASP A 65 8.06 -6.95 -5.06
C ASP A 65 8.20 -6.13 -6.34
N GLU A 66 9.24 -6.42 -7.12
CA GLU A 66 9.48 -5.72 -8.36
C GLU A 66 8.30 -5.88 -9.32
N ALA A 67 8.44 -5.30 -10.51
CA ALA A 67 7.39 -5.37 -11.52
C ALA A 67 6.11 -4.67 -11.05
N LYS A 68 5.35 -5.35 -10.21
CA LYS A 68 4.11 -4.79 -9.67
C LYS A 68 4.26 -4.40 -8.21
N ARG A 69 3.58 -3.34 -7.81
CA ARG A 69 3.65 -2.86 -6.44
C ARG A 69 2.28 -2.37 -5.97
N SER A 70 1.24 -3.15 -6.27
CA SER A 70 -0.12 -2.80 -5.87
C SER A 70 -0.93 -4.06 -5.56
N CYS A 71 -0.43 -4.86 -4.63
CA CYS A 71 -1.11 -6.09 -4.25
C CYS A 71 -1.24 -7.04 -5.43
N ARG A 72 -1.55 -8.30 -5.14
CA ARG A 72 -1.69 -9.31 -6.19
C ARG A 72 -3.04 -10.02 -6.07
N ARG A 73 -4.01 -9.35 -5.46
CA ARG A 73 -5.35 -9.91 -5.28
C ARG A 73 -6.24 -9.55 -6.46
N ARG A 74 -6.61 -8.28 -6.54
CA ARG A 74 -7.47 -7.79 -7.61
C ARG A 74 -6.63 -7.24 -8.77
N LEU A 75 -5.46 -6.69 -8.44
CA LEU A 75 -4.58 -6.12 -9.45
C LEU A 75 -4.18 -7.18 -10.47
N ALA A 76 -3.85 -8.37 -10.00
CA ALA A 76 -3.45 -9.46 -10.88
C ALA A 76 -4.56 -9.81 -11.85
N GLY A 77 -4.44 -9.34 -13.09
CA GLY A 77 -5.44 -9.61 -14.10
C GLY A 77 -5.12 -10.85 -14.91
N HIS A 78 -5.99 -11.85 -14.85
CA HIS A 78 -5.80 -13.09 -15.58
C HIS A 78 -5.82 -12.84 -17.08
N ASN A 79 -4.73 -13.16 -17.75
CA ASN A 79 -4.62 -12.97 -19.19
C ASN A 79 -5.51 -13.97 -19.94
N GLU A 80 -6.77 -13.61 -20.11
CA GLU A 80 -7.73 -14.47 -20.80
C GLU A 80 -8.91 -13.65 -21.32
N ARG A 81 -9.85 -14.34 -21.96
CA ARG A 81 -11.03 -13.68 -22.52
C ARG A 81 -12.27 -14.56 -22.37
N ARG A 82 -12.14 -15.82 -22.77
CA ARG A 82 -13.24 -16.77 -22.68
C ARG A 82 -13.23 -17.49 -21.33
N ARG A 83 -13.97 -16.94 -20.38
CA ARG A 83 -14.04 -17.53 -19.05
C ARG A 83 -15.40 -17.26 -18.41
N LYS A 84 -15.65 -15.99 -18.08
CA LYS A 84 -16.91 -15.60 -17.46
C LYS A 84 -17.69 -14.65 -18.36
N SER A 85 -16.97 -13.79 -19.07
CA SER A 85 -17.60 -12.83 -19.98
C SER A 85 -18.49 -11.86 -19.21
N SER A 86 -17.98 -10.66 -18.97
CA SER A 86 -18.73 -9.64 -18.25
C SER A 86 -19.60 -8.82 -19.19
N GLY A 87 -18.94 -7.99 -20.00
CA GLY A 87 -19.67 -7.16 -20.95
C GLY A 87 -19.16 -5.73 -20.99
N GLU A 88 -19.84 -4.85 -20.26
CA GLU A 88 -19.45 -3.44 -20.21
C GLU A 88 -19.54 -2.90 -18.78
ZN ZN B . 2.84 8.59 9.50
ZN ZN C . -3.70 -4.97 -0.72
N LEU A 8 -1.30 16.11 15.71
CA LEU A 8 -2.43 15.17 15.50
C LEU A 8 -1.91 13.77 15.16
N ARG A 9 -2.22 12.82 16.02
CA ARG A 9 -1.80 11.44 15.82
C ARG A 9 -2.93 10.59 15.25
N LEU A 10 -3.12 10.66 13.94
CA LEU A 10 -4.18 9.92 13.26
C LEU A 10 -3.59 8.81 12.38
N CYS A 11 -2.36 9.01 11.93
CA CYS A 11 -1.70 8.02 11.08
C CYS A 11 -1.68 6.65 11.75
N GLN A 12 -2.23 5.66 11.04
CA GLN A 12 -2.28 4.30 11.56
C GLN A 12 -0.88 3.75 11.83
N VAL A 13 0.08 4.21 11.03
CA VAL A 13 1.46 3.77 11.18
C VAL A 13 2.03 4.16 12.53
N ASP A 14 2.86 3.30 13.10
CA ASP A 14 3.47 3.56 14.40
C ASP A 14 4.80 4.29 14.24
N ARG A 15 5.25 4.91 15.32
CA ARG A 15 6.51 5.65 15.31
C ARG A 15 6.47 6.82 14.31
N CYS A 16 5.27 7.28 13.98
CA CYS A 16 5.11 8.38 13.04
C CYS A 16 5.24 9.72 13.75
N THR A 17 6.35 10.42 13.50
CA THR A 17 6.60 11.71 14.11
C THR A 17 6.38 12.84 13.12
N ALA A 18 5.46 12.63 12.19
CA ALA A 18 5.15 13.63 11.18
C ALA A 18 4.12 14.63 11.68
N ASP A 19 3.64 15.49 10.78
CA ASP A 19 2.65 16.50 11.16
C ASP A 19 1.38 16.34 10.32
N MET A 20 0.31 15.89 10.97
CA MET A 20 -0.96 15.70 10.28
C MET A 20 -1.90 16.87 10.53
N LYS A 21 -1.32 18.06 10.70
CA LYS A 21 -2.10 19.26 10.95
C LYS A 21 -2.76 19.75 9.66
N GLU A 22 -1.94 19.96 8.63
CA GLU A 22 -2.45 20.42 7.34
C GLU A 22 -2.55 19.27 6.35
N ALA A 23 -3.12 18.16 6.80
CA ALA A 23 -3.28 16.98 5.96
C ALA A 23 -4.49 17.12 5.04
N LYS A 24 -4.49 16.38 3.94
CA LYS A 24 -5.58 16.43 2.97
C LYS A 24 -6.71 15.49 3.40
N LEU A 25 -7.88 15.66 2.78
CA LEU A 25 -9.04 14.84 3.08
C LEU A 25 -8.77 13.38 2.75
N TYR A 26 -7.80 13.13 1.88
CA TYR A 26 -7.45 11.78 1.48
C TYR A 26 -6.57 11.10 2.53
N HIS A 27 -5.48 11.76 2.89
CA HIS A 27 -4.55 11.23 3.88
C HIS A 27 -5.23 11.08 5.25
N ARG A 28 -6.22 11.93 5.50
CA ARG A 28 -6.96 11.89 6.77
C ARG A 28 -8.00 10.78 6.74
N ARG A 29 -8.54 10.51 5.56
CA ARG A 29 -9.56 9.47 5.41
C ARG A 29 -8.98 8.09 5.64
N HIS A 30 -7.85 7.81 4.97
CA HIS A 30 -7.20 6.52 5.10
C HIS A 30 -6.38 6.43 6.38
N LYS A 31 -6.33 7.52 7.15
CA LYS A 31 -5.58 7.57 8.39
C LYS A 31 -4.10 7.32 8.14
N VAL A 32 -3.57 7.96 7.10
CA VAL A 32 -2.16 7.81 6.75
C VAL A 32 -1.61 9.10 6.15
N CYS A 33 -0.33 9.37 6.39
CA CYS A 33 0.31 10.57 5.88
C CYS A 33 1.07 10.27 4.59
N GLU A 34 1.54 11.32 3.93
CA GLU A 34 2.28 11.17 2.68
C GLU A 34 3.65 10.51 2.92
N VAL A 35 4.23 10.80 4.08
CA VAL A 35 5.53 10.25 4.43
C VAL A 35 5.49 8.72 4.47
N HIS A 36 4.32 8.18 4.80
CA HIS A 36 4.14 6.73 4.87
C HIS A 36 3.35 6.22 3.67
N ALA A 37 2.46 7.06 3.15
CA ALA A 37 1.64 6.69 2.01
C ALA A 37 2.48 6.62 0.73
N LYS A 38 3.51 7.46 0.67
CA LYS A 38 4.38 7.50 -0.49
C LYS A 38 5.80 7.06 -0.12
N ALA A 39 5.90 6.19 0.87
CA ALA A 39 7.20 5.69 1.32
C ALA A 39 7.60 4.43 0.56
N SER A 40 8.78 3.91 0.86
CA SER A 40 9.28 2.71 0.21
C SER A 40 9.17 1.51 1.14
N SER A 41 9.33 1.75 2.44
CA SER A 41 9.25 0.68 3.43
C SER A 41 9.05 1.26 4.83
N VAL A 42 8.22 0.59 5.61
CA VAL A 42 7.93 1.04 6.98
C VAL A 42 8.02 -0.12 7.97
N PHE A 43 8.25 0.21 9.23
CA PHE A 43 8.35 -0.80 10.28
C PHE A 43 7.08 -0.84 11.13
N LEU A 44 6.08 -1.58 10.66
CA LEU A 44 4.82 -1.70 11.39
C LEU A 44 4.78 -2.99 12.20
N SER A 45 4.59 -2.85 13.51
CA SER A 45 4.53 -4.01 14.39
C SER A 45 5.82 -4.81 14.32
N GLY A 46 6.95 -4.11 14.31
CA GLY A 46 8.24 -4.77 14.25
C GLY A 46 8.40 -5.60 13.00
N LEU A 47 7.70 -5.23 11.94
CA LEU A 47 7.77 -5.94 10.67
C LEU A 47 7.77 -4.97 9.50
N ASN A 48 8.46 -5.36 8.42
CA ASN A 48 8.54 -4.52 7.23
C ASN A 48 7.29 -4.66 6.38
N GLN A 49 6.63 -3.54 6.11
CA GLN A 49 5.41 -3.53 5.31
C GLN A 49 5.36 -2.31 4.40
N ARG A 50 4.74 -2.47 3.23
CA ARG A 50 4.63 -1.37 2.28
C ARG A 50 3.17 -0.95 2.11
N PHE A 51 2.97 0.26 1.59
CA PHE A 51 1.62 0.78 1.39
C PHE A 51 1.02 0.25 0.09
N CYS A 52 -0.02 -0.57 0.22
CA CYS A 52 -0.69 -1.14 -0.95
C CYS A 52 -1.78 -0.20 -1.44
N GLN A 53 -1.52 0.46 -2.57
CA GLN A 53 -2.48 1.39 -3.15
C GLN A 53 -3.74 0.66 -3.62
N GLN A 54 -3.60 -0.64 -3.88
CA GLN A 54 -4.71 -1.45 -4.35
C GLN A 54 -5.79 -1.58 -3.27
N CYS A 55 -5.36 -1.72 -2.01
CA CYS A 55 -6.29 -1.85 -0.90
C CYS A 55 -6.14 -0.69 0.09
N SER A 56 -5.50 0.39 -0.35
CA SER A 56 -5.30 1.56 0.49
C SER A 56 -4.80 1.19 1.89
N ARG A 57 -4.17 0.02 2.02
CA ARG A 57 -3.66 -0.43 3.31
C ARG A 57 -2.25 -1.00 3.15
N PHE A 58 -1.62 -1.31 4.28
CA PHE A 58 -0.27 -1.87 4.26
C PHE A 58 -0.30 -3.38 4.09
N HIS A 59 0.80 -3.92 3.56
CA HIS A 59 0.90 -5.36 3.33
C HIS A 59 2.32 -5.86 3.62
N ASP A 60 2.48 -7.18 3.67
CA ASP A 60 3.78 -7.78 3.94
C ASP A 60 4.81 -7.35 2.89
N LEU A 61 6.06 -7.25 3.30
CA LEU A 61 7.14 -6.86 2.40
C LEU A 61 7.42 -7.94 1.36
N GLN A 62 6.89 -9.14 1.60
CA GLN A 62 7.09 -10.26 0.68
C GLN A 62 6.00 -10.31 -0.38
N GLU A 63 5.28 -9.20 -0.57
CA GLU A 63 4.22 -9.13 -1.56
C GLU A 63 4.64 -8.28 -2.76
N PHE A 64 5.50 -7.30 -2.50
CA PHE A 64 5.98 -6.41 -3.55
C PHE A 64 7.40 -6.79 -3.97
N ASP A 65 7.75 -6.49 -5.21
CA ASP A 65 9.08 -6.80 -5.73
C ASP A 65 9.43 -5.90 -6.92
N GLU A 66 10.72 -5.85 -7.24
CA GLU A 66 11.19 -5.03 -8.36
C GLU A 66 10.91 -3.55 -8.10
N ALA A 67 9.69 -3.13 -8.38
CA ALA A 67 9.30 -1.75 -8.19
C ALA A 67 7.84 -1.64 -7.77
N LYS A 68 7.42 -2.54 -6.88
CA LYS A 68 6.04 -2.55 -6.40
C LYS A 68 5.06 -2.81 -7.54
N ARG A 69 4.64 -4.06 -7.67
CA ARG A 69 3.71 -4.45 -8.72
C ARG A 69 2.28 -4.51 -8.18
N SER A 70 2.00 -3.73 -7.15
CA SER A 70 0.67 -3.70 -6.55
C SER A 70 0.29 -5.07 -6.01
N CYS A 71 -0.87 -5.14 -5.35
CA CYS A 71 -1.36 -6.38 -4.78
C CYS A 71 -1.53 -7.45 -5.86
N ARG A 72 -1.96 -8.64 -5.46
CA ARG A 72 -2.18 -9.74 -6.39
C ARG A 72 -3.54 -10.38 -6.18
N ARG A 73 -4.47 -9.62 -5.61
CA ARG A 73 -5.82 -10.12 -5.36
C ARG A 73 -6.73 -9.84 -6.54
N ARG A 74 -6.99 -8.56 -6.79
CA ARG A 74 -7.85 -8.14 -7.89
C ARG A 74 -7.03 -7.89 -9.14
N LEU A 75 -5.79 -7.45 -8.96
CA LEU A 75 -4.89 -7.17 -10.08
C LEU A 75 -4.66 -8.42 -10.92
N ALA A 76 -4.28 -9.51 -10.26
CA ALA A 76 -4.03 -10.76 -10.94
C ALA A 76 -5.29 -11.29 -11.61
N GLY A 77 -5.42 -11.03 -12.91
CA GLY A 77 -6.58 -11.48 -13.65
C GLY A 77 -6.60 -12.99 -13.85
N HIS A 78 -6.73 -13.72 -12.74
CA HIS A 78 -6.76 -15.18 -12.79
C HIS A 78 -8.05 -15.71 -12.18
N ASN A 79 -9.04 -15.96 -13.04
CA ASN A 79 -10.33 -16.48 -12.58
C ASN A 79 -10.49 -17.95 -12.94
N GLU A 80 -11.45 -18.61 -12.30
CA GLU A 80 -11.71 -20.01 -12.55
C GLU A 80 -13.10 -20.23 -13.14
N ARG A 81 -13.25 -19.95 -14.43
CA ARG A 81 -14.53 -20.10 -15.10
C ARG A 81 -14.34 -20.74 -16.47
N ARG A 82 -13.38 -20.23 -17.24
CA ARG A 82 -13.10 -20.74 -18.57
C ARG A 82 -11.79 -21.54 -18.58
N ARG A 83 -11.84 -22.73 -19.17
CA ARG A 83 -10.67 -23.59 -19.25
C ARG A 83 -10.95 -24.81 -20.13
N LYS A 84 -10.93 -24.60 -21.44
CA LYS A 84 -11.18 -25.68 -22.38
C LYS A 84 -10.65 -25.33 -23.77
N SER A 85 -9.36 -24.98 -23.84
CA SER A 85 -8.75 -24.62 -25.11
C SER A 85 -7.22 -24.66 -25.00
N SER A 86 -6.66 -25.86 -25.15
CA SER A 86 -5.22 -26.04 -25.06
C SER A 86 -4.62 -26.26 -26.45
N GLY A 87 -5.06 -27.31 -27.12
CA GLY A 87 -4.55 -27.61 -28.45
C GLY A 87 -4.31 -29.09 -28.66
N GLU A 88 -4.01 -29.80 -27.58
CA GLU A 88 -3.76 -31.23 -27.65
C GLU A 88 -5.02 -32.00 -28.02
ZN ZN B . 2.74 8.59 9.01
ZN ZN C . -3.54 -5.20 -1.16
N LEU A 8 -2.84 16.74 14.66
CA LEU A 8 -3.88 15.75 14.27
C LEU A 8 -3.25 14.36 14.07
N ARG A 9 -3.00 13.68 15.18
CA ARG A 9 -2.41 12.34 15.13
C ARG A 9 -3.47 11.28 14.86
N LEU A 10 -3.52 10.81 13.61
CA LEU A 10 -4.50 9.80 13.22
C LEU A 10 -3.89 8.81 12.23
N CYS A 11 -2.56 8.70 12.26
CA CYS A 11 -1.86 7.78 11.37
C CYS A 11 -1.81 6.38 11.96
N GLN A 12 -2.16 5.38 11.14
CA GLN A 12 -2.16 3.99 11.57
C GLN A 12 -0.74 3.51 11.85
N VAL A 13 0.23 4.08 11.13
CA VAL A 13 1.63 3.70 11.30
C VAL A 13 2.14 4.08 12.68
N ASP A 14 3.02 3.24 13.22
CA ASP A 14 3.58 3.49 14.54
C ASP A 14 4.86 4.31 14.44
N ARG A 15 5.25 4.92 15.56
CA ARG A 15 6.46 5.75 15.59
C ARG A 15 6.35 6.94 14.65
N CYS A 16 5.12 7.32 14.32
CA CYS A 16 4.88 8.45 13.43
C CYS A 16 4.87 9.77 14.20
N THR A 17 5.67 10.72 13.75
CA THR A 17 5.74 12.02 14.40
C THR A 17 5.84 13.15 13.38
N ALA A 18 5.28 12.92 12.20
CA ALA A 18 5.30 13.92 11.14
C ALA A 18 4.09 14.86 11.23
N ASP A 19 4.21 16.02 10.61
CA ASP A 19 3.12 17.00 10.61
C ASP A 19 1.89 16.45 9.87
N MET A 20 0.81 16.27 10.62
CA MET A 20 -0.43 15.76 10.04
C MET A 20 -1.61 16.68 10.36
N LYS A 21 -1.32 17.97 10.47
CA LYS A 21 -2.35 18.95 10.77
C LYS A 21 -3.06 19.41 9.50
N GLU A 22 -2.28 19.74 8.48
CA GLU A 22 -2.83 20.19 7.21
C GLU A 22 -2.88 19.04 6.20
N ALA A 23 -3.56 17.96 6.58
CA ALA A 23 -3.69 16.79 5.71
C ALA A 23 -4.78 17.01 4.66
N LYS A 24 -4.67 16.28 3.56
CA LYS A 24 -5.65 16.39 2.48
C LYS A 24 -6.78 15.38 2.66
N LEU A 25 -7.68 15.31 1.68
CA LEU A 25 -8.80 14.39 1.73
C LEU A 25 -8.33 12.94 1.61
N TYR A 26 -7.18 12.75 0.96
CA TYR A 26 -6.63 11.42 0.79
C TYR A 26 -5.91 10.94 2.06
N HIS A 27 -5.36 11.89 2.81
CA HIS A 27 -4.65 11.58 4.04
C HIS A 27 -5.55 11.78 5.25
N ARG A 28 -6.84 11.51 5.08
CA ARG A 28 -7.81 11.66 6.17
C ARG A 28 -8.49 10.33 6.46
N ARG A 29 -9.47 9.97 5.64
CA ARG A 29 -10.21 8.74 5.81
C ARG A 29 -9.27 7.52 5.80
N HIS A 30 -8.14 7.67 5.12
CA HIS A 30 -7.16 6.59 5.02
C HIS A 30 -6.34 6.48 6.30
N LYS A 31 -6.29 7.57 7.08
CA LYS A 31 -5.55 7.57 8.33
C LYS A 31 -4.06 7.34 8.08
N VAL A 32 -3.53 8.03 7.08
CA VAL A 32 -2.12 7.91 6.73
C VAL A 32 -1.56 9.23 6.21
N CYS A 33 -0.32 9.53 6.60
CA CYS A 33 0.33 10.77 6.18
C CYS A 33 1.11 10.55 4.88
N GLU A 34 1.64 11.64 4.33
CA GLU A 34 2.41 11.57 3.11
C GLU A 34 3.75 10.85 3.33
N VAL A 35 4.27 10.95 4.55
CA VAL A 35 5.54 10.31 4.89
C VAL A 35 5.41 8.79 4.87
N HIS A 36 4.21 8.29 5.18
CA HIS A 36 3.97 6.86 5.20
C HIS A 36 3.19 6.41 3.97
N ALA A 37 2.35 7.30 3.45
CA ALA A 37 1.54 7.00 2.27
C ALA A 37 2.42 6.80 1.04
N LYS A 38 3.56 7.49 1.01
CA LYS A 38 4.48 7.37 -0.10
C LYS A 38 5.83 6.83 0.35
N ALA A 39 5.80 5.95 1.35
CA ALA A 39 7.01 5.34 1.88
C ALA A 39 7.37 4.07 1.13
N SER A 40 8.67 3.80 1.01
CA SER A 40 9.14 2.60 0.31
C SER A 40 8.86 1.36 1.13
N SER A 41 9.26 1.37 2.39
CA SER A 41 9.06 0.23 3.28
C SER A 41 9.13 0.66 4.74
N VAL A 42 7.99 0.58 5.43
CA VAL A 42 7.93 0.96 6.84
C VAL A 42 8.06 -0.26 7.75
N PHE A 43 8.47 -0.04 8.99
CA PHE A 43 8.63 -1.12 9.95
C PHE A 43 7.40 -1.23 10.85
N LEU A 44 6.49 -2.12 10.50
CA LEU A 44 5.27 -2.32 11.28
C LEU A 44 5.24 -3.71 11.89
N SER A 45 5.00 -3.78 13.20
CA SER A 45 4.95 -5.05 13.90
C SER A 45 6.28 -5.78 13.80
N GLY A 46 7.37 -5.02 13.75
CA GLY A 46 8.69 -5.62 13.65
C GLY A 46 8.92 -6.30 12.32
N LEU A 47 8.28 -5.79 11.28
CA LEU A 47 8.40 -6.36 9.94
C LEU A 47 8.28 -5.27 8.88
N ASN A 48 8.81 -5.55 7.69
CA ASN A 48 8.75 -4.60 6.59
C ASN A 48 7.39 -4.65 5.90
N GLN A 49 6.74 -3.48 5.81
CA GLN A 49 5.43 -3.39 5.18
C GLN A 49 5.31 -2.12 4.36
N ARG A 50 5.08 -2.29 3.06
CA ARG A 50 4.95 -1.15 2.15
C ARG A 50 3.49 -0.69 2.07
N PHE A 51 3.29 0.55 1.63
CA PHE A 51 1.96 1.10 1.49
C PHE A 51 1.27 0.60 0.23
N CYS A 52 0.22 -0.18 0.40
CA CYS A 52 -0.54 -0.72 -0.73
C CYS A 52 -1.57 0.28 -1.23
N GLN A 53 -1.29 0.89 -2.37
CA GLN A 53 -2.20 1.88 -2.95
C GLN A 53 -3.49 1.22 -3.42
N GLN A 54 -3.49 -0.10 -3.53
CA GLN A 54 -4.66 -0.84 -3.99
C GLN A 54 -5.74 -0.86 -2.92
N CYS A 55 -5.33 -0.98 -1.66
CA CYS A 55 -6.27 -1.04 -0.54
C CYS A 55 -6.00 0.09 0.47
N SER A 56 -4.98 0.90 0.20
CA SER A 56 -4.63 2.00 1.09
C SER A 56 -4.14 1.49 2.45
N ARG A 57 -4.03 0.17 2.60
CA ARG A 57 -3.56 -0.41 3.85
C ARG A 57 -2.08 -0.73 3.79
N PHE A 58 -1.58 -1.46 4.79
CA PHE A 58 -0.17 -1.82 4.84
C PHE A 58 0.00 -3.33 4.75
N HIS A 59 0.71 -3.78 3.72
CA HIS A 59 0.95 -5.21 3.51
C HIS A 59 2.43 -5.53 3.56
N ASP A 60 2.75 -6.80 3.84
CA ASP A 60 4.13 -7.23 3.94
C ASP A 60 4.88 -6.95 2.64
N LEU A 61 6.22 -6.94 2.72
CA LEU A 61 7.05 -6.68 1.56
C LEU A 61 7.07 -7.89 0.62
N GLN A 62 6.90 -9.08 1.19
CA GLN A 62 6.90 -10.31 0.41
C GLN A 62 5.49 -10.66 -0.08
N GLU A 63 4.58 -9.69 -0.03
CA GLU A 63 3.22 -9.91 -0.47
C GLU A 63 2.92 -9.16 -1.77
N PHE A 64 3.96 -9.00 -2.59
CA PHE A 64 3.82 -8.30 -3.86
C PHE A 64 4.63 -9.00 -4.96
N ASP A 65 4.27 -8.74 -6.21
CA ASP A 65 4.97 -9.34 -7.35
C ASP A 65 6.25 -8.58 -7.65
N GLU A 66 7.21 -9.28 -8.25
CA GLU A 66 8.49 -8.67 -8.60
C GLU A 66 8.31 -7.59 -9.66
N ALA A 67 7.36 -7.81 -10.56
CA ALA A 67 7.08 -6.85 -11.62
C ALA A 67 6.05 -5.82 -11.18
N LYS A 68 4.98 -6.29 -10.55
CA LYS A 68 3.92 -5.41 -10.07
C LYS A 68 4.12 -5.07 -8.60
N ARG A 69 4.09 -3.77 -8.29
CA ARG A 69 4.27 -3.31 -6.92
C ARG A 69 2.92 -3.03 -6.26
N SER A 70 1.91 -3.81 -6.63
CA SER A 70 0.58 -3.63 -6.08
C SER A 70 0.01 -4.97 -5.61
N CYS A 71 -1.11 -4.91 -4.88
CA CYS A 71 -1.76 -6.11 -4.37
C CYS A 71 -2.10 -7.07 -5.50
N ARG A 72 -2.63 -8.24 -5.15
CA ARG A 72 -2.98 -9.24 -6.15
C ARG A 72 -4.41 -9.75 -5.92
N ARG A 73 -5.20 -9.01 -5.15
CA ARG A 73 -6.57 -9.40 -4.87
C ARG A 73 -7.52 -8.81 -5.90
N ARG A 74 -7.23 -7.59 -6.35
CA ARG A 74 -8.05 -6.92 -7.34
C ARG A 74 -7.32 -6.81 -8.67
N LEU A 75 -6.00 -6.69 -8.62
CA LEU A 75 -5.19 -6.57 -9.82
C LEU A 75 -5.28 -7.85 -10.66
N ALA A 76 -5.20 -8.99 -9.99
CA ALA A 76 -5.28 -10.29 -10.67
C ALA A 76 -6.72 -10.69 -10.93
N GLY A 77 -7.56 -10.52 -9.91
CA GLY A 77 -8.96 -10.87 -10.04
C GLY A 77 -9.16 -12.35 -10.34
N HIS A 78 -9.71 -13.07 -9.37
CA HIS A 78 -9.95 -14.51 -9.54
C HIS A 78 -11.37 -14.76 -10.04
N ASN A 79 -11.50 -15.03 -11.34
CA ASN A 79 -12.80 -15.29 -11.95
C ASN A 79 -13.23 -16.73 -11.69
N GLU A 80 -13.91 -16.95 -10.57
CA GLU A 80 -14.39 -18.28 -10.21
C GLU A 80 -15.59 -18.66 -11.06
N ARG A 81 -15.47 -19.77 -11.79
CA ARG A 81 -16.55 -20.26 -12.64
C ARG A 81 -16.36 -21.73 -12.98
N ARG A 82 -17.43 -22.37 -13.42
CA ARG A 82 -17.38 -23.79 -13.78
C ARG A 82 -17.49 -23.96 -15.30
N ARG A 83 -16.55 -24.71 -15.86
CA ARG A 83 -16.54 -24.97 -17.29
C ARG A 83 -17.15 -26.32 -17.62
N LYS A 84 -18.16 -26.33 -18.48
CA LYS A 84 -18.84 -27.56 -18.87
C LYS A 84 -18.20 -28.15 -20.13
N SER A 85 -18.34 -29.45 -20.30
CA SER A 85 -17.79 -30.14 -21.46
C SER A 85 -18.83 -31.05 -22.10
N SER A 86 -19.29 -30.65 -23.29
CA SER A 86 -20.30 -31.42 -24.01
C SER A 86 -21.57 -31.56 -23.20
N GLY A 87 -22.58 -32.21 -23.78
CA GLY A 87 -23.84 -32.40 -23.10
C GLY A 87 -24.93 -31.50 -23.64
N GLU A 88 -25.72 -30.92 -22.74
CA GLU A 88 -26.80 -30.02 -23.13
C GLU A 88 -26.27 -28.68 -23.60
ZN ZN B . 2.56 8.62 9.33
ZN ZN C . -3.67 -4.53 -0.73
N LEU A 8 -1.42 16.40 15.53
CA LEU A 8 -1.84 15.22 16.33
C LEU A 8 -1.30 13.93 15.72
N ARG A 9 -1.76 12.79 16.23
CA ARG A 9 -1.33 11.49 15.74
C ARG A 9 -2.46 10.78 15.01
N LEU A 10 -2.66 11.13 13.74
CA LEU A 10 -3.71 10.53 12.94
C LEU A 10 -3.17 9.35 12.12
N CYS A 11 -1.89 9.41 11.79
CA CYS A 11 -1.25 8.36 11.01
C CYS A 11 -1.38 7.00 11.70
N GLN A 12 -1.65 5.96 10.92
CA GLN A 12 -1.80 4.63 11.47
C GLN A 12 -0.44 4.01 11.79
N VAL A 13 0.57 4.39 11.03
CA VAL A 13 1.92 3.89 11.23
C VAL A 13 2.44 4.26 12.62
N ASP A 14 3.24 3.37 13.21
CA ASP A 14 3.79 3.61 14.53
C ASP A 14 5.14 4.33 14.44
N ARG A 15 5.54 4.95 15.54
CA ARG A 15 6.81 5.67 15.59
C ARG A 15 6.80 6.86 14.63
N CYS A 16 5.61 7.31 14.24
CA CYS A 16 5.48 8.44 13.33
C CYS A 16 5.41 9.75 14.11
N THR A 17 6.30 10.67 13.79
CA THR A 17 6.34 11.98 14.45
C THR A 17 5.94 13.10 13.50
N ALA A 18 5.09 12.77 12.53
CA ALA A 18 4.63 13.75 11.56
C ALA A 18 3.37 14.45 12.04
N ASP A 19 3.17 15.68 11.58
CA ASP A 19 2.00 16.46 11.96
C ASP A 19 0.93 16.43 10.88
N MET A 20 -0.30 16.11 11.26
CA MET A 20 -1.40 16.04 10.31
C MET A 20 -2.56 16.93 10.75
N LYS A 21 -2.24 18.09 11.31
CA LYS A 21 -3.25 19.02 11.79
C LYS A 21 -4.14 19.47 10.64
N GLU A 22 -3.53 19.76 9.49
CA GLU A 22 -4.28 20.19 8.31
C GLU A 22 -3.76 19.50 7.06
N ALA A 23 -4.11 18.22 6.91
CA ALA A 23 -3.68 17.44 5.75
C ALA A 23 -4.80 17.32 4.73
N LYS A 24 -4.55 16.56 3.68
CA LYS A 24 -5.54 16.37 2.62
C LYS A 24 -6.58 15.33 3.03
N LEU A 25 -7.70 15.31 2.32
CA LEU A 25 -8.78 14.36 2.61
C LEU A 25 -8.36 12.94 2.28
N TYR A 26 -7.32 12.79 1.46
CA TYR A 26 -6.84 11.47 1.07
C TYR A 26 -5.96 10.86 2.17
N HIS A 27 -5.16 11.69 2.82
CA HIS A 27 -4.29 11.23 3.88
C HIS A 27 -5.07 11.03 5.18
N ARG A 28 -6.14 11.80 5.34
CA ARG A 28 -6.97 11.72 6.54
C ARG A 28 -7.93 10.54 6.46
N ARG A 29 -8.35 10.21 5.24
CA ARG A 29 -9.26 9.10 5.02
C ARG A 29 -8.55 7.76 5.13
N HIS A 30 -7.27 7.75 4.76
CA HIS A 30 -6.47 6.53 4.83
C HIS A 30 -5.68 6.45 6.13
N LYS A 31 -5.68 7.54 6.90
CA LYS A 31 -4.96 7.58 8.17
C LYS A 31 -3.46 7.37 7.95
N VAL A 32 -2.92 8.02 6.93
CA VAL A 32 -1.51 7.90 6.61
C VAL A 32 -0.96 9.21 6.07
N CYS A 33 0.29 9.53 6.43
CA CYS A 33 0.92 10.76 5.97
C CYS A 33 1.70 10.53 4.68
N GLU A 34 2.14 11.61 4.05
CA GLU A 34 2.90 11.53 2.81
C GLU A 34 4.22 10.81 3.02
N VAL A 35 4.82 11.00 4.19
CA VAL A 35 6.10 10.38 4.52
C VAL A 35 6.00 8.86 4.44
N HIS A 36 4.88 8.31 4.88
CA HIS A 36 4.66 6.87 4.88
C HIS A 36 3.88 6.44 3.64
N ALA A 37 3.02 7.33 3.15
CA ALA A 37 2.21 7.04 1.97
C ALA A 37 3.08 6.92 0.73
N LYS A 38 4.15 7.70 0.68
CA LYS A 38 5.06 7.67 -0.46
C LYS A 38 6.42 7.12 -0.05
N ALA A 39 6.42 6.22 0.91
CA ALA A 39 7.66 5.60 1.40
C ALA A 39 7.99 4.34 0.60
N SER A 40 9.15 3.77 0.88
CA SER A 40 9.60 2.56 0.20
C SER A 40 9.42 1.33 1.08
N SER A 41 9.53 1.53 2.39
CA SER A 41 9.38 0.44 3.35
C SER A 41 9.21 0.98 4.77
N VAL A 42 8.07 0.68 5.37
CA VAL A 42 7.78 1.13 6.72
C VAL A 42 7.91 -0.01 7.73
N PHE A 43 8.13 0.34 8.99
CA PHE A 43 8.27 -0.66 10.05
C PHE A 43 6.99 -0.78 10.86
N LEU A 44 6.07 -1.62 10.38
CA LEU A 44 4.80 -1.82 11.06
C LEU A 44 4.84 -3.08 11.92
N SER A 45 4.68 -2.91 13.23
CA SER A 45 4.69 -4.04 14.16
C SER A 45 6.01 -4.80 14.07
N GLY A 46 7.06 -4.13 13.62
CA GLY A 46 8.36 -4.76 13.50
C GLY A 46 8.62 -5.31 12.11
N LEU A 47 7.55 -5.69 11.42
CA LEU A 47 7.68 -6.24 10.07
C LEU A 47 7.59 -5.13 9.03
N ASN A 48 8.27 -5.34 7.90
CA ASN A 48 8.27 -4.35 6.82
C ASN A 48 7.00 -4.47 5.98
N GLN A 49 6.20 -3.42 5.97
CA GLN A 49 4.96 -3.41 5.21
C GLN A 49 4.96 -2.28 4.17
N ARG A 50 4.31 -2.51 3.04
CA ARG A 50 4.23 -1.53 1.99
C ARG A 50 2.79 -1.05 1.79
N PHE A 51 2.64 0.22 1.45
CA PHE A 51 1.32 0.81 1.24
C PHE A 51 0.69 0.27 -0.04
N CYS A 52 -0.33 -0.57 0.11
CA CYS A 52 -1.01 -1.16 -1.04
C CYS A 52 -2.21 -0.29 -1.45
N GLN A 53 -2.03 0.49 -2.49
CA GLN A 53 -3.10 1.36 -2.99
C GLN A 53 -4.27 0.53 -3.52
N GLN A 54 -3.97 -0.68 -3.97
CA GLN A 54 -4.99 -1.57 -4.51
C GLN A 54 -6.10 -1.81 -3.49
N CYS A 55 -5.71 -2.01 -2.23
CA CYS A 55 -6.68 -2.24 -1.16
C CYS A 55 -6.69 -1.10 -0.15
N SER A 56 -6.08 0.02 -0.51
CA SER A 56 -6.02 1.19 0.35
C SER A 56 -5.50 0.84 1.75
N ARG A 57 -4.85 -0.30 1.89
CA ARG A 57 -4.31 -0.73 3.18
C ARG A 57 -2.86 -1.18 3.03
N PHE A 58 -2.24 -1.52 4.15
CA PHE A 58 -0.85 -1.98 4.15
C PHE A 58 -0.75 -3.49 4.05
N HIS A 59 0.37 -3.98 3.54
CA HIS A 59 0.58 -5.41 3.39
C HIS A 59 2.03 -5.78 3.71
N ASP A 60 2.28 -7.07 3.89
CA ASP A 60 3.62 -7.56 4.21
C ASP A 60 4.55 -7.38 3.01
N LEU A 61 5.83 -7.18 3.29
CA LEU A 61 6.83 -7.01 2.24
C LEU A 61 6.86 -8.23 1.31
N GLN A 62 6.55 -9.39 1.87
CA GLN A 62 6.53 -10.63 1.09
C GLN A 62 5.44 -10.60 0.02
N GLU A 63 4.49 -9.69 0.17
CA GLU A 63 3.39 -9.56 -0.78
C GLU A 63 3.68 -8.46 -1.80
N PHE A 64 4.95 -8.31 -2.15
CA PHE A 64 5.36 -7.30 -3.12
C PHE A 64 6.57 -7.76 -3.92
N ASP A 65 6.41 -7.86 -5.23
CA ASP A 65 7.50 -8.30 -6.10
C ASP A 65 8.64 -7.28 -6.10
N GLU A 66 9.79 -7.70 -6.61
CA GLU A 66 10.96 -6.83 -6.66
C GLU A 66 10.70 -5.63 -7.57
N ALA A 67 9.92 -5.84 -8.62
CA ALA A 67 9.59 -4.77 -9.55
C ALA A 67 8.21 -4.19 -9.27
N LYS A 68 7.24 -5.07 -9.07
CA LYS A 68 5.87 -4.65 -8.78
C LYS A 68 5.77 -4.05 -7.38
N ARG A 69 5.04 -2.95 -7.27
CA ARG A 69 4.85 -2.28 -5.98
C ARG A 69 3.37 -2.24 -5.60
N SER A 70 2.68 -3.35 -5.86
CA SER A 70 1.26 -3.45 -5.55
C SER A 70 0.91 -4.83 -5.00
N CYS A 71 -0.37 -5.13 -4.94
CA CYS A 71 -0.85 -6.43 -4.46
C CYS A 71 -0.63 -7.51 -5.50
N ARG A 72 -1.20 -8.69 -5.27
CA ARG A 72 -1.06 -9.81 -6.20
C ARG A 72 -2.37 -10.07 -6.94
N ARG A 73 -3.49 -9.74 -6.30
CA ARG A 73 -4.81 -9.93 -6.88
C ARG A 73 -5.06 -8.92 -8.00
N ARG A 74 -5.43 -9.43 -9.17
CA ARG A 74 -5.70 -8.58 -10.34
C ARG A 74 -4.42 -8.07 -10.97
N LEU A 75 -3.64 -7.34 -10.19
CA LEU A 75 -2.37 -6.78 -10.67
C LEU A 75 -1.54 -7.84 -11.41
N ALA A 76 -1.40 -9.01 -10.79
CA ALA A 76 -0.63 -10.09 -11.40
C ALA A 76 -1.24 -10.51 -12.74
N GLY A 77 -0.76 -11.64 -13.27
CA GLY A 77 -1.26 -12.13 -14.54
C GLY A 77 -1.75 -13.56 -14.46
N HIS A 78 -0.89 -14.49 -14.84
CA HIS A 78 -1.24 -15.91 -14.80
C HIS A 78 -0.26 -16.69 -13.95
N ASN A 79 -0.73 -17.16 -12.79
CA ASN A 79 0.12 -17.93 -11.88
C ASN A 79 0.33 -19.34 -12.40
N GLU A 80 1.14 -20.12 -11.69
CA GLU A 80 1.43 -21.49 -12.07
C GLU A 80 1.42 -22.41 -10.86
N ARG A 81 0.28 -23.06 -10.61
CA ARG A 81 0.15 -23.96 -9.47
C ARG A 81 -0.16 -25.38 -9.94
N ARG A 82 -1.22 -25.53 -10.71
CA ARG A 82 -1.63 -26.83 -11.23
C ARG A 82 -1.96 -26.75 -12.72
N ARG A 83 -1.31 -25.83 -13.41
CA ARG A 83 -1.54 -25.64 -14.84
C ARG A 83 -0.61 -24.57 -15.41
N LYS A 84 -0.14 -24.79 -16.63
CA LYS A 84 0.75 -23.83 -17.29
C LYS A 84 -0.04 -22.69 -17.92
N SER A 85 0.67 -21.63 -18.30
CA SER A 85 0.03 -20.47 -18.92
C SER A 85 -0.66 -20.86 -20.22
N SER A 86 -1.98 -20.74 -20.25
CA SER A 86 -2.75 -21.07 -21.45
C SER A 86 -3.58 -19.88 -21.91
N GLY A 87 -4.19 -19.19 -20.95
CA GLY A 87 -5.01 -18.04 -21.29
C GLY A 87 -4.25 -16.99 -22.07
N GLU A 88 -4.89 -16.45 -23.11
CA GLU A 88 -4.26 -15.43 -23.95
C GLU A 88 -4.78 -14.04 -23.59
ZN ZN B . 3.26 8.67 9.08
ZN ZN C . -3.63 -5.36 -1.29
N LEU A 8 -3.16 16.40 14.72
CA LEU A 8 -4.22 15.40 14.42
C LEU A 8 -3.62 14.02 14.15
N ARG A 9 -3.50 13.22 15.20
CA ARG A 9 -2.94 11.88 15.07
C ARG A 9 -3.90 10.96 14.32
N LEU A 10 -3.76 10.92 13.00
CA LEU A 10 -4.62 10.08 12.17
C LEU A 10 -3.83 8.94 11.54
N CYS A 11 -2.54 9.16 11.33
CA CYS A 11 -1.67 8.14 10.74
C CYS A 11 -1.73 6.84 11.53
N GLN A 12 -1.96 5.73 10.83
CA GLN A 12 -2.03 4.43 11.47
C GLN A 12 -0.64 3.87 11.76
N VAL A 13 0.34 4.31 10.98
CA VAL A 13 1.71 3.85 11.15
C VAL A 13 2.21 4.15 12.56
N ASP A 14 3.01 3.23 13.10
CA ASP A 14 3.56 3.39 14.45
C ASP A 14 4.87 4.19 14.40
N ARG A 15 5.25 4.74 15.55
CA ARG A 15 6.47 5.52 15.66
C ARG A 15 6.41 6.77 14.79
N CYS A 16 5.19 7.20 14.46
CA CYS A 16 5.01 8.39 13.64
C CYS A 16 4.91 9.64 14.51
N THR A 17 5.48 10.74 14.02
CA THR A 17 5.46 12.00 14.75
C THR A 17 5.28 13.18 13.82
N ALA A 18 4.67 12.94 12.66
CA ALA A 18 4.44 13.99 11.68
C ALA A 18 3.10 14.67 11.92
N ASP A 19 3.13 15.99 12.11
CA ASP A 19 1.92 16.76 12.35
C ASP A 19 1.00 16.71 11.13
N MET A 20 -0.15 16.05 11.30
CA MET A 20 -1.12 15.93 10.22
C MET A 20 -2.23 16.97 10.35
N LYS A 21 -1.87 18.15 10.84
CA LYS A 21 -2.83 19.23 11.01
C LYS A 21 -3.28 19.78 9.67
N GLU A 22 -2.38 19.74 8.69
CA GLU A 22 -2.68 20.25 7.35
C GLU A 22 -2.78 19.11 6.35
N ALA A 23 -3.42 18.01 6.77
CA ALA A 23 -3.58 16.85 5.90
C ALA A 23 -4.73 17.06 4.92
N LYS A 24 -4.95 16.06 4.07
CA LYS A 24 -6.02 16.12 3.07
C LYS A 24 -6.82 14.83 3.04
N LEU A 25 -7.82 14.77 2.17
CA LEU A 25 -8.66 13.59 2.04
C LEU A 25 -7.84 12.38 1.57
N TYR A 26 -6.72 12.65 0.93
CA TYR A 26 -5.85 11.59 0.43
C TYR A 26 -4.99 11.01 1.54
N HIS A 27 -4.68 11.83 2.54
CA HIS A 27 -3.87 11.39 3.67
C HIS A 27 -4.74 11.02 4.86
N ARG A 28 -5.91 11.66 4.96
CA ARG A 28 -6.82 11.39 6.05
C ARG A 28 -7.63 10.12 5.80
N ARG A 29 -8.17 10.01 4.58
CA ARG A 29 -8.97 8.84 4.21
C ARG A 29 -8.14 7.56 4.33
N HIS A 30 -6.88 7.63 3.89
CA HIS A 30 -5.99 6.47 3.95
C HIS A 30 -5.35 6.34 5.33
N LYS A 31 -5.49 7.37 6.15
CA LYS A 31 -4.92 7.36 7.50
C LYS A 31 -3.40 7.22 7.44
N VAL A 32 -2.78 7.94 6.51
CA VAL A 32 -1.33 7.90 6.35
C VAL A 32 -0.79 9.25 5.90
N CYS A 33 0.39 9.60 6.39
CA CYS A 33 1.03 10.87 6.05
C CYS A 33 2.00 10.70 4.89
N GLU A 34 2.57 11.81 4.43
CA GLU A 34 3.52 11.78 3.33
C GLU A 34 4.84 11.11 3.75
N VAL A 35 5.19 11.25 5.02
CA VAL A 35 6.42 10.66 5.53
C VAL A 35 6.40 9.15 5.42
N HIS A 36 5.21 8.56 5.45
CA HIS A 36 5.06 7.12 5.35
C HIS A 36 4.43 6.72 4.02
N ALA A 37 3.59 7.60 3.49
CA ALA A 37 2.92 7.34 2.22
C ALA A 37 3.90 7.38 1.05
N LYS A 38 4.91 8.25 1.17
CA LYS A 38 5.92 8.38 0.13
C LYS A 38 7.04 7.36 0.33
N ALA A 39 7.44 7.15 1.58
CA ALA A 39 8.50 6.22 1.90
C ALA A 39 8.14 4.80 1.43
N SER A 40 6.85 4.48 1.46
CA SER A 40 6.37 3.17 1.04
C SER A 40 6.82 2.09 2.02
N SER A 41 8.12 1.84 2.06
CA SER A 41 8.68 0.83 2.96
C SER A 41 8.75 1.35 4.39
N VAL A 42 7.85 0.87 5.24
CA VAL A 42 7.81 1.28 6.64
C VAL A 42 7.97 0.09 7.57
N PHE A 43 8.41 0.35 8.80
CA PHE A 43 8.60 -0.69 9.78
C PHE A 43 7.33 -0.94 10.58
N LEU A 44 6.50 -1.86 10.09
CA LEU A 44 5.24 -2.19 10.74
C LEU A 44 5.24 -3.64 11.23
N SER A 45 4.81 -3.85 12.46
CA SER A 45 4.77 -5.19 13.04
C SER A 45 6.16 -5.81 13.08
N GLY A 46 7.15 -5.00 13.41
CA GLY A 46 8.52 -5.50 13.48
C GLY A 46 8.99 -6.06 12.15
N LEU A 47 8.44 -5.55 11.05
CA LEU A 47 8.82 -6.01 9.73
C LEU A 47 8.63 -4.90 8.69
N ASN A 48 9.19 -5.10 7.51
CA ASN A 48 9.09 -4.11 6.44
C ASN A 48 7.81 -4.31 5.63
N GLN A 49 6.92 -3.33 5.68
CA GLN A 49 5.66 -3.40 4.95
C GLN A 49 5.52 -2.23 3.99
N ARG A 50 4.61 -2.36 3.03
CA ARG A 50 4.38 -1.31 2.04
C ARG A 50 2.91 -0.92 2.01
N PHE A 51 2.64 0.31 1.56
CA PHE A 51 1.28 0.80 1.48
C PHE A 51 0.54 0.19 0.29
N CYS A 52 -0.61 -0.42 0.57
CA CYS A 52 -1.41 -1.05 -0.47
C CYS A 52 -2.66 -0.22 -0.77
N GLN A 53 -2.59 0.56 -1.85
CA GLN A 53 -3.71 1.41 -2.24
C GLN A 53 -4.94 0.57 -2.57
N GLN A 54 -4.71 -0.68 -2.97
CA GLN A 54 -5.81 -1.58 -3.32
C GLN A 54 -6.74 -1.80 -2.13
N CYS A 55 -6.15 -2.02 -0.96
CA CYS A 55 -6.93 -2.24 0.26
C CYS A 55 -6.79 -1.08 1.23
N SER A 56 -6.29 0.05 0.75
CA SER A 56 -6.12 1.24 1.57
C SER A 56 -5.36 0.94 2.88
N ARG A 57 -4.66 -0.20 2.91
CA ARG A 57 -3.90 -0.58 4.10
C ARG A 57 -2.49 -1.02 3.73
N PHE A 58 -1.72 -1.43 4.73
CA PHE A 58 -0.35 -1.86 4.50
C PHE A 58 -0.27 -3.38 4.37
N HIS A 59 0.81 -3.86 3.75
CA HIS A 59 1.01 -5.29 3.57
C HIS A 59 2.49 -5.65 3.69
N ASP A 60 2.76 -6.93 3.94
CA ASP A 60 4.13 -7.40 4.07
C ASP A 60 4.90 -7.22 2.77
N LEU A 61 6.23 -7.19 2.87
CA LEU A 61 7.08 -7.03 1.70
C LEU A 61 7.07 -8.27 0.82
N GLN A 62 6.59 -9.38 1.37
CA GLN A 62 6.52 -10.64 0.63
C GLN A 62 5.19 -10.78 -0.11
N GLU A 63 4.49 -9.67 -0.30
CA GLU A 63 3.21 -9.68 -0.99
C GLU A 63 3.31 -8.99 -2.35
N PHE A 64 4.15 -7.95 -2.42
CA PHE A 64 4.34 -7.20 -3.65
C PHE A 64 5.47 -7.81 -4.48
N ASP A 65 5.47 -7.48 -5.77
CA ASP A 65 6.50 -7.99 -6.67
C ASP A 65 7.53 -6.91 -6.99
N GLU A 66 8.67 -7.32 -7.55
CA GLU A 66 9.73 -6.39 -7.90
C GLU A 66 9.24 -5.35 -8.91
N ALA A 67 8.29 -5.75 -9.75
CA ALA A 67 7.74 -4.85 -10.75
C ALA A 67 6.40 -4.29 -10.31
N LYS A 68 5.48 -5.19 -9.97
CA LYS A 68 4.15 -4.79 -9.52
C LYS A 68 4.20 -4.15 -8.14
N ARG A 69 3.51 -3.03 -7.97
CA ARG A 69 3.48 -2.33 -6.69
C ARG A 69 2.06 -2.29 -6.12
N SER A 70 1.36 -3.42 -6.22
CA SER A 70 0.00 -3.51 -5.72
C SER A 70 -0.25 -4.85 -5.04
N CYS A 71 -1.51 -5.15 -4.79
CA CYS A 71 -1.89 -6.41 -4.13
C CYS A 71 -2.02 -7.53 -5.16
N ARG A 72 -1.90 -8.77 -4.69
CA ARG A 72 -2.01 -9.93 -5.57
C ARG A 72 -3.47 -10.29 -5.82
N ARG A 73 -4.33 -9.96 -4.86
CA ARG A 73 -5.75 -10.24 -4.98
C ARG A 73 -6.38 -9.35 -6.05
N ARG A 74 -7.21 -9.95 -6.89
CA ARG A 74 -7.90 -9.24 -7.96
C ARG A 74 -6.92 -8.85 -9.06
N LEU A 75 -5.96 -8.00 -8.73
CA LEU A 75 -4.96 -7.55 -9.68
C LEU A 75 -4.34 -8.72 -10.44
N ALA A 76 -3.69 -9.61 -9.71
CA ALA A 76 -3.06 -10.78 -10.31
C ALA A 76 -4.10 -11.80 -10.75
N GLY A 77 -4.11 -12.12 -12.04
CA GLY A 77 -5.06 -13.08 -12.56
C GLY A 77 -6.20 -12.42 -13.31
N HIS A 78 -6.01 -12.20 -14.61
CA HIS A 78 -7.04 -11.57 -15.43
C HIS A 78 -7.44 -12.48 -16.58
N ASN A 79 -6.51 -12.73 -17.49
CA ASN A 79 -6.77 -13.59 -18.64
C ASN A 79 -6.14 -14.98 -18.44
N GLU A 80 -6.98 -16.01 -18.52
CA GLU A 80 -6.51 -17.38 -18.35
C GLU A 80 -6.56 -18.14 -19.67
N ARG A 81 -7.61 -17.90 -20.44
CA ARG A 81 -7.77 -18.56 -21.74
C ARG A 81 -6.87 -17.93 -22.79
N ARG A 82 -5.64 -18.44 -22.89
CA ARG A 82 -4.68 -17.93 -23.86
C ARG A 82 -4.73 -18.74 -25.15
N ARG A 83 -5.49 -18.24 -26.12
CA ARG A 83 -5.62 -18.92 -27.40
C ARG A 83 -4.52 -18.49 -28.37
N LYS A 84 -3.52 -19.36 -28.53
CA LYS A 84 -2.40 -19.07 -29.41
C LYS A 84 -2.14 -20.24 -30.36
N SER A 85 -1.12 -20.10 -31.20
CA SER A 85 -0.76 -21.16 -32.15
C SER A 85 0.65 -21.67 -31.89
N SER A 86 1.01 -21.79 -30.62
CA SER A 86 2.33 -22.27 -30.23
C SER A 86 2.55 -23.71 -30.70
N GLY A 87 3.67 -23.95 -31.37
CA GLY A 87 3.99 -25.28 -31.86
C GLY A 87 4.53 -25.27 -33.26
N GLU A 88 3.64 -25.10 -34.25
CA GLU A 88 4.04 -25.08 -35.64
C GLU A 88 4.70 -26.39 -36.05
ZN ZN B . 3.03 8.81 9.39
ZN ZN C . -3.92 -5.35 -0.35
N LEU A 8 -1.09 15.49 14.83
CA LEU A 8 -2.20 14.60 15.27
C LEU A 8 -1.84 13.13 15.08
N ARG A 9 -2.09 12.34 16.11
CA ARG A 9 -1.80 10.91 16.07
C ARG A 9 -2.92 10.15 15.37
N LEU A 10 -2.97 10.27 14.04
CA LEU A 10 -3.99 9.60 13.25
C LEU A 10 -3.38 8.52 12.37
N CYS A 11 -2.13 8.71 11.97
CA CYS A 11 -1.43 7.75 11.12
C CYS A 11 -1.41 6.37 11.77
N GLN A 12 -1.93 5.38 11.05
CA GLN A 12 -1.98 4.02 11.55
C GLN A 12 -0.57 3.49 11.84
N VAL A 13 0.40 4.00 11.10
CA VAL A 13 1.80 3.58 11.28
C VAL A 13 2.31 3.95 12.66
N ASP A 14 3.17 3.11 13.22
CA ASP A 14 3.73 3.36 14.54
C ASP A 14 5.03 4.16 14.44
N ARG A 15 5.41 4.78 15.54
CA ARG A 15 6.63 5.58 15.59
C ARG A 15 6.53 6.80 14.67
N CYS A 16 5.31 7.18 14.31
CA CYS A 16 5.10 8.33 13.43
C CYS A 16 4.94 9.60 14.26
N THR A 17 5.56 10.68 13.79
CA THR A 17 5.49 11.96 14.48
C THR A 17 5.27 13.11 13.50
N ALA A 18 4.50 12.84 12.45
CA ALA A 18 4.21 13.85 11.44
C ALA A 18 2.97 14.65 11.80
N ASP A 19 2.94 15.91 11.39
CA ASP A 19 1.79 16.78 11.67
C ASP A 19 0.76 16.70 10.55
N MET A 20 -0.45 16.28 10.90
CA MET A 20 -1.53 16.15 9.93
C MET A 20 -2.58 17.23 10.13
N LYS A 21 -2.13 18.40 10.57
CA LYS A 21 -3.03 19.53 10.82
C LYS A 21 -3.47 20.16 9.50
N GLU A 22 -2.56 20.16 8.52
CA GLU A 22 -2.85 20.76 7.22
C GLU A 22 -2.60 19.73 6.11
N ALA A 23 -3.27 18.59 6.21
CA ALA A 23 -3.13 17.53 5.21
C ALA A 23 -4.29 17.54 4.23
N LYS A 24 -4.21 16.70 3.21
CA LYS A 24 -5.25 16.62 2.20
C LYS A 24 -6.37 15.69 2.65
N LEU A 25 -7.50 15.72 1.93
CA LEU A 25 -8.65 14.89 2.25
C LEU A 25 -8.35 13.41 1.99
N TYR A 26 -7.34 13.16 1.16
CA TYR A 26 -6.96 11.79 0.81
C TYR A 26 -6.11 11.17 1.92
N HIS A 27 -5.15 11.95 2.43
CA HIS A 27 -4.27 11.49 3.49
C HIS A 27 -5.00 11.42 4.83
N ARG A 28 -6.05 12.23 4.97
CA ARG A 28 -6.83 12.26 6.20
C ARG A 28 -7.82 11.11 6.25
N ARG A 29 -8.49 10.86 5.14
CA ARG A 29 -9.47 9.77 5.06
C ARG A 29 -8.82 8.43 5.36
N HIS A 30 -7.70 8.16 4.68
CA HIS A 30 -6.98 6.90 4.88
C HIS A 30 -6.23 6.89 6.21
N LYS A 31 -6.15 8.05 6.85
CA LYS A 31 -5.46 8.16 8.13
C LYS A 31 -3.98 7.79 7.99
N VAL A 32 -3.30 8.44 7.06
CA VAL A 32 -1.89 8.18 6.82
C VAL A 32 -1.20 9.39 6.19
N CYS A 33 0.07 9.57 6.52
CA CYS A 33 0.84 10.69 5.99
C CYS A 33 1.59 10.29 4.71
N GLU A 34 1.95 11.28 3.91
CA GLU A 34 2.66 11.03 2.66
C GLU A 34 4.00 10.36 2.91
N VAL A 35 4.63 10.68 4.04
CA VAL A 35 5.92 10.10 4.40
C VAL A 35 5.86 8.57 4.41
N HIS A 36 4.79 8.03 4.98
CA HIS A 36 4.61 6.59 5.06
C HIS A 36 3.88 6.06 3.84
N ALA A 37 3.02 6.90 3.26
CA ALA A 37 2.25 6.50 2.08
C ALA A 37 3.17 6.25 0.89
N LYS A 38 4.31 6.94 0.86
CA LYS A 38 5.27 6.78 -0.23
C LYS A 38 6.67 6.54 0.31
N ALA A 39 6.76 5.72 1.36
CA ALA A 39 8.04 5.41 1.97
C ALA A 39 8.67 4.17 1.33
N SER A 40 7.81 3.27 0.85
CA SER A 40 8.28 2.04 0.20
C SER A 40 8.92 1.08 1.21
N SER A 41 8.79 1.40 2.50
CA SER A 41 9.36 0.57 3.56
C SER A 41 9.03 1.15 4.93
N VAL A 42 8.23 0.43 5.71
CA VAL A 42 7.85 0.88 7.04
C VAL A 42 8.03 -0.23 8.07
N PHE A 43 8.19 0.16 9.33
CA PHE A 43 8.37 -0.80 10.40
C PHE A 43 7.07 -1.03 11.16
N LEU A 44 6.32 -2.04 10.73
CA LEU A 44 5.04 -2.37 11.36
C LEU A 44 5.15 -3.65 12.19
N SER A 45 5.07 -3.50 13.51
CA SER A 45 5.16 -4.64 14.41
C SER A 45 6.48 -5.37 14.23
N GLY A 46 7.54 -4.62 13.96
CA GLY A 46 8.85 -5.21 13.77
C GLY A 46 8.97 -5.95 12.45
N LEU A 47 8.18 -5.53 11.47
CA LEU A 47 8.20 -6.15 10.14
C LEU A 47 8.09 -5.10 9.04
N ASN A 48 8.70 -5.39 7.90
CA ASN A 48 8.67 -4.46 6.77
C ASN A 48 7.35 -4.56 6.01
N GLN A 49 6.65 -3.44 5.90
CA GLN A 49 5.37 -3.41 5.20
C GLN A 49 5.31 -2.23 4.24
N ARG A 50 4.38 -2.30 3.29
CA ARG A 50 4.21 -1.24 2.30
C ARG A 50 2.75 -0.82 2.20
N PHE A 51 2.52 0.43 1.83
CA PHE A 51 1.17 0.95 1.69
C PHE A 51 0.50 0.45 0.41
N CYS A 52 -0.46 -0.44 0.56
CA CYS A 52 -1.17 -1.00 -0.59
C CYS A 52 -2.43 -0.19 -0.90
N GLN A 53 -2.34 0.67 -1.91
CA GLN A 53 -3.47 1.50 -2.31
C GLN A 53 -4.63 0.65 -2.81
N GLN A 54 -4.31 -0.53 -3.32
CA GLN A 54 -5.33 -1.44 -3.84
C GLN A 54 -6.34 -1.81 -2.75
N CYS A 55 -5.83 -2.06 -1.54
CA CYS A 55 -6.70 -2.42 -0.42
C CYS A 55 -6.69 -1.35 0.67
N SER A 56 -6.22 -0.16 0.31
CA SER A 56 -6.16 0.97 1.25
C SER A 56 -5.51 0.57 2.57
N ARG A 57 -4.75 -0.52 2.56
CA ARG A 57 -4.08 -0.98 3.78
C ARG A 57 -2.62 -1.35 3.48
N PHE A 58 -1.92 -1.85 4.50
CA PHE A 58 -0.53 -2.22 4.35
C PHE A 58 -0.39 -3.73 4.16
N HIS A 59 0.75 -4.15 3.61
CA HIS A 59 1.02 -5.56 3.38
C HIS A 59 2.49 -5.89 3.63
N ASP A 60 2.84 -7.16 3.47
CA ASP A 60 4.22 -7.61 3.67
C ASP A 60 5.12 -7.10 2.55
N LEU A 61 6.39 -6.88 2.88
CA LEU A 61 7.36 -6.40 1.90
C LEU A 61 7.47 -7.36 0.72
N GLN A 62 7.08 -8.62 0.93
CA GLN A 62 7.14 -9.63 -0.11
C GLN A 62 5.86 -9.63 -0.96
N GLU A 63 5.46 -8.45 -1.41
CA GLU A 63 4.25 -8.32 -2.23
C GLU A 63 4.34 -7.08 -3.11
N PHE A 64 5.56 -6.66 -3.44
CA PHE A 64 5.77 -5.48 -4.28
C PHE A 64 7.11 -5.56 -4.99
N ASP A 65 7.26 -6.55 -5.86
CA ASP A 65 8.50 -6.74 -6.61
C ASP A 65 8.39 -7.91 -7.57
N GLU A 66 7.72 -8.97 -7.13
CA GLU A 66 7.54 -10.17 -7.94
C GLU A 66 6.97 -9.82 -9.31
N ALA A 67 6.14 -8.79 -9.35
CA ALA A 67 5.52 -8.35 -10.60
C ALA A 67 4.69 -7.10 -10.39
N LYS A 68 3.74 -7.17 -9.48
CA LYS A 68 2.86 -6.03 -9.18
C LYS A 68 3.43 -5.19 -8.05
N ARG A 69 3.22 -3.88 -8.12
CA ARG A 69 3.72 -2.96 -7.10
C ARG A 69 2.57 -2.45 -6.23
N SER A 70 1.59 -3.31 -5.99
CA SER A 70 0.43 -2.96 -5.17
C SER A 70 -0.16 -4.18 -4.50
N CYS A 71 -0.58 -5.13 -5.31
CA CYS A 71 -1.18 -6.37 -4.80
C CYS A 71 -1.46 -7.35 -5.94
N ARG A 72 -1.99 -8.52 -5.60
CA ARG A 72 -2.31 -9.53 -6.60
C ARG A 72 -3.73 -10.06 -6.41
N ARG A 73 -4.60 -9.23 -5.85
CA ARG A 73 -5.99 -9.60 -5.61
C ARG A 73 -6.86 -9.22 -6.81
N ARG A 74 -6.81 -7.96 -7.20
CA ARG A 74 -7.59 -7.47 -8.32
C ARG A 74 -6.69 -7.09 -9.49
N LEU A 75 -5.50 -6.59 -9.17
CA LEU A 75 -4.54 -6.18 -10.20
C LEU A 75 -4.19 -7.36 -11.12
N ALA A 76 -4.06 -8.54 -10.53
CA ALA A 76 -3.73 -9.74 -11.29
C ALA A 76 -4.79 -10.03 -12.34
N GLY A 77 -6.03 -9.65 -12.06
CA GLY A 77 -7.11 -9.88 -12.99
C GLY A 77 -7.99 -11.05 -12.60
N HIS A 78 -7.74 -12.20 -13.22
CA HIS A 78 -8.52 -13.41 -12.92
C HIS A 78 -7.61 -14.54 -12.46
N ASN A 79 -7.89 -15.06 -11.27
CA ASN A 79 -7.10 -16.14 -10.70
C ASN A 79 -7.86 -17.46 -10.77
N GLU A 80 -8.27 -17.85 -11.98
CA GLU A 80 -9.01 -19.09 -12.17
C GLU A 80 -8.99 -19.51 -13.64
N ARG A 81 -8.60 -20.76 -13.89
CA ARG A 81 -8.54 -21.28 -15.26
C ARG A 81 -9.62 -22.32 -15.49
N ARG A 82 -10.40 -22.12 -16.54
CA ARG A 82 -11.47 -23.05 -16.88
C ARG A 82 -11.01 -24.08 -17.91
N ARG A 83 -11.95 -24.83 -18.47
CA ARG A 83 -11.63 -25.85 -19.47
C ARG A 83 -10.73 -26.93 -18.88
N LYS A 84 -10.81 -28.14 -19.43
CA LYS A 84 -10.01 -29.25 -18.96
C LYS A 84 -8.52 -28.92 -19.03
N SER A 85 -8.01 -28.74 -20.24
CA SER A 85 -6.60 -28.42 -20.44
C SER A 85 -6.41 -27.60 -21.72
N SER A 86 -5.75 -26.46 -21.58
CA SER A 86 -5.49 -25.58 -22.71
C SER A 86 -4.00 -25.54 -23.05
N GLY A 87 -3.68 -25.74 -24.31
CA GLY A 87 -2.29 -25.72 -24.74
C GLY A 87 -1.98 -26.82 -25.74
N GLU A 88 -1.99 -28.06 -25.27
CA GLU A 88 -1.71 -29.21 -26.13
C GLU A 88 -2.14 -30.51 -25.46
ZN ZN B . 3.02 8.47 9.16
ZN ZN C . -3.51 -5.37 -1.01
N LEU A 8 -2.26 15.94 15.64
CA LEU A 8 -3.23 14.85 15.93
C LEU A 8 -2.56 13.48 15.85
N ARG A 9 -3.37 12.43 15.94
CA ARG A 9 -2.87 11.07 15.88
C ARG A 9 -3.86 10.15 15.17
N LEU A 10 -3.89 10.25 13.83
CA LEU A 10 -4.79 9.43 13.04
C LEU A 10 -4.02 8.36 12.26
N CYS A 11 -2.76 8.65 11.95
CA CYS A 11 -1.92 7.72 11.21
C CYS A 11 -1.83 6.38 11.95
N GLN A 12 -2.02 5.29 11.21
CA GLN A 12 -1.96 3.95 11.76
C GLN A 12 -0.51 3.47 11.89
N VAL A 13 0.36 4.01 11.05
CA VAL A 13 1.76 3.64 11.07
C VAL A 13 2.38 3.88 12.44
N ASP A 14 2.96 2.83 13.01
CA ASP A 14 3.59 2.93 14.32
C ASP A 14 4.90 3.70 14.25
N ARG A 15 5.32 4.26 15.38
CA ARG A 15 6.56 5.02 15.44
C ARG A 15 6.50 6.22 14.52
N CYS A 16 5.29 6.70 14.25
CA CYS A 16 5.11 7.86 13.37
C CYS A 16 5.51 9.15 14.09
N THR A 17 6.27 9.99 13.40
CA THR A 17 6.72 11.25 13.98
C THR A 17 6.49 12.41 13.00
N ALA A 18 5.48 12.27 12.16
CA ALA A 18 5.16 13.32 11.19
C ALA A 18 4.16 14.32 11.76
N ASP A 19 3.80 15.32 10.96
CA ASP A 19 2.86 16.34 11.40
C ASP A 19 1.51 16.16 10.70
N MET A 20 0.45 16.00 11.51
CA MET A 20 -0.89 15.82 10.97
C MET A 20 -1.82 16.92 11.47
N LYS A 21 -1.26 18.10 11.71
CA LYS A 21 -2.04 19.23 12.19
C LYS A 21 -3.06 19.67 11.15
N GLU A 22 -2.63 19.73 9.89
CA GLU A 22 -3.51 20.13 8.80
C GLU A 22 -3.34 19.21 7.59
N ALA A 23 -3.97 18.06 7.64
CA ALA A 23 -3.89 17.09 6.56
C ALA A 23 -4.97 17.35 5.51
N LYS A 24 -4.78 16.80 4.31
CA LYS A 24 -5.73 16.97 3.22
C LYS A 24 -6.92 16.04 3.40
N LEU A 25 -7.90 16.17 2.50
CA LEU A 25 -9.10 15.32 2.55
C LEU A 25 -8.78 13.90 2.12
N TYR A 26 -7.73 13.74 1.32
CA TYR A 26 -7.33 12.42 0.84
C TYR A 26 -6.53 11.68 1.91
N HIS A 27 -5.49 12.32 2.42
CA HIS A 27 -4.64 11.72 3.44
C HIS A 27 -5.42 11.49 4.73
N ARG A 28 -6.56 12.16 4.87
CA ARG A 28 -7.39 12.01 6.06
C ARG A 28 -8.24 10.76 5.98
N ARG A 29 -8.64 10.39 4.76
CA ARG A 29 -9.45 9.20 4.55
C ARG A 29 -8.63 7.93 4.78
N HIS A 30 -7.44 7.90 4.21
CA HIS A 30 -6.55 6.75 4.35
C HIS A 30 -5.83 6.77 5.69
N LYS A 31 -5.67 7.96 6.26
CA LYS A 31 -4.99 8.11 7.55
C LYS A 31 -3.54 7.70 7.44
N VAL A 32 -2.82 8.30 6.48
CA VAL A 32 -1.41 7.99 6.28
C VAL A 32 -0.66 9.20 5.71
N CYS A 33 0.54 9.43 6.21
CA CYS A 33 1.35 10.55 5.75
C CYS A 33 1.91 10.29 4.35
N GLU A 34 2.31 11.35 3.67
CA GLU A 34 2.86 11.23 2.33
C GLU A 34 4.14 10.39 2.34
N VAL A 35 4.88 10.48 3.44
CA VAL A 35 6.12 9.74 3.57
C VAL A 35 5.84 8.27 3.88
N HIS A 36 4.73 8.01 4.57
CA HIS A 36 4.34 6.65 4.93
C HIS A 36 3.47 6.02 3.84
N ALA A 37 2.83 6.86 3.04
CA ALA A 37 1.96 6.39 1.96
C ALA A 37 2.76 6.09 0.71
N LYS A 38 3.67 7.00 0.37
CA LYS A 38 4.49 6.85 -0.83
C LYS A 38 5.86 6.25 -0.48
N ALA A 39 5.91 5.50 0.62
CA ALA A 39 7.15 4.87 1.07
C ALA A 39 7.31 3.48 0.46
N SER A 40 8.56 3.03 0.36
CA SER A 40 8.84 1.72 -0.20
C SER A 40 8.73 0.63 0.87
N SER A 41 9.05 1.00 2.11
CA SER A 41 8.99 0.06 3.22
C SER A 41 9.03 0.80 4.55
N VAL A 42 7.88 0.86 5.23
CA VAL A 42 7.79 1.54 6.51
C VAL A 42 7.91 0.56 7.67
N PHE A 43 8.29 1.06 8.83
CA PHE A 43 8.45 0.22 10.01
C PHE A 43 7.15 0.14 10.81
N LEU A 44 6.22 -0.69 10.33
CA LEU A 44 4.93 -0.86 10.98
C LEU A 44 4.94 -2.09 11.88
N SER A 45 4.65 -1.89 13.16
CA SER A 45 4.61 -2.99 14.13
C SER A 45 5.97 -3.68 14.21
N GLY A 46 7.03 -2.90 14.02
CA GLY A 46 8.38 -3.45 14.08
C GLY A 46 8.66 -4.42 12.94
N LEU A 47 7.98 -4.21 11.81
CA LEU A 47 8.16 -5.06 10.65
C LEU A 47 8.32 -4.23 9.38
N ASN A 48 8.37 -4.90 8.23
CA ASN A 48 8.51 -4.22 6.95
C ASN A 48 7.27 -4.39 6.10
N GLN A 49 6.53 -3.30 5.90
CA GLN A 49 5.32 -3.33 5.10
C GLN A 49 5.22 -2.10 4.21
N ARG A 50 4.65 -2.29 3.02
CA ARG A 50 4.50 -1.20 2.06
C ARG A 50 3.03 -0.83 1.89
N PHE A 51 2.74 0.46 1.87
CA PHE A 51 1.38 0.94 1.70
C PHE A 51 0.78 0.45 0.38
N CYS A 52 -0.21 -0.42 0.48
CA CYS A 52 -0.87 -0.96 -0.70
C CYS A 52 -2.11 -0.14 -1.06
N GLN A 53 -1.95 0.76 -2.00
CA GLN A 53 -3.06 1.61 -2.44
C GLN A 53 -4.20 0.77 -3.01
N GLN A 54 -3.86 -0.41 -3.54
CA GLN A 54 -4.85 -1.31 -4.12
C GLN A 54 -5.93 -1.66 -3.10
N CYS A 55 -5.53 -1.84 -1.84
CA CYS A 55 -6.48 -2.17 -0.78
C CYS A 55 -6.49 -1.09 0.31
N SER A 56 -5.90 0.06 0.02
CA SER A 56 -5.85 1.17 0.97
C SER A 56 -5.26 0.75 2.31
N ARG A 57 -4.60 -0.41 2.35
CA ARG A 57 -4.00 -0.90 3.59
C ARG A 57 -2.55 -1.30 3.35
N PHE A 58 -1.88 -1.74 4.41
CA PHE A 58 -0.48 -2.16 4.32
C PHE A 58 -0.36 -3.67 4.14
N HIS A 59 0.75 -4.10 3.57
CA HIS A 59 1.00 -5.53 3.34
C HIS A 59 2.46 -5.88 3.60
N ASP A 60 2.70 -7.14 3.96
CA ASP A 60 4.06 -7.60 4.23
C ASP A 60 4.94 -7.47 3.00
N LEU A 61 6.25 -7.34 3.23
CA LEU A 61 7.20 -7.21 2.12
C LEU A 61 7.12 -8.41 1.18
N GLN A 62 6.71 -9.55 1.72
CA GLN A 62 6.59 -10.77 0.93
C GLN A 62 5.38 -10.71 -0.01
N GLU A 63 4.55 -9.68 0.16
CA GLU A 63 3.36 -9.52 -0.68
C GLU A 63 3.63 -8.57 -1.83
N PHE A 64 4.87 -8.54 -2.29
CA PHE A 64 5.26 -7.68 -3.40
C PHE A 64 6.33 -8.35 -4.26
N ASP A 65 5.94 -9.42 -4.95
CA ASP A 65 6.85 -10.16 -5.81
C ASP A 65 7.44 -9.25 -6.89
N GLU A 66 8.71 -9.46 -7.20
CA GLU A 66 9.39 -8.66 -8.23
C GLU A 66 9.36 -7.18 -7.87
N ALA A 67 9.91 -6.35 -8.75
CA ALA A 67 9.95 -4.91 -8.53
C ALA A 67 8.57 -4.30 -8.70
N LYS A 68 7.64 -4.67 -7.82
CA LYS A 68 6.28 -4.15 -7.88
C LYS A 68 5.87 -3.55 -6.54
N ARG A 69 5.44 -2.29 -6.57
CA ARG A 69 5.02 -1.59 -5.37
C ARG A 69 3.51 -1.64 -5.20
N SER A 70 2.92 -2.80 -5.50
CA SER A 70 1.49 -2.97 -5.39
C SER A 70 1.13 -4.43 -5.06
N CYS A 71 -0.14 -4.66 -4.75
CA CYS A 71 -0.61 -6.00 -4.42
C CYS A 71 -0.36 -6.97 -5.56
N ARG A 72 -0.88 -8.19 -5.44
CA ARG A 72 -0.70 -9.21 -6.46
C ARG A 72 -1.99 -9.98 -6.71
N ARG A 73 -3.12 -9.33 -6.45
CA ARG A 73 -4.42 -9.96 -6.65
C ARG A 73 -4.94 -9.73 -8.06
N ARG A 74 -5.23 -8.46 -8.37
CA ARG A 74 -5.73 -8.09 -9.68
C ARG A 74 -4.63 -7.44 -10.52
N LEU A 75 -3.69 -6.78 -9.84
CA LEU A 75 -2.58 -6.11 -10.51
C LEU A 75 -1.78 -7.10 -11.36
N ALA A 76 -1.58 -8.30 -10.82
CA ALA A 76 -0.83 -9.34 -11.52
C ALA A 76 -1.56 -9.79 -12.78
N GLY A 77 -1.08 -10.88 -13.37
CA GLY A 77 -1.72 -11.40 -14.57
C GLY A 77 -0.98 -12.59 -15.14
N HIS A 78 -1.20 -12.87 -16.42
CA HIS A 78 -0.55 -13.99 -17.09
C HIS A 78 -0.92 -15.32 -16.41
N ASN A 79 -0.75 -16.41 -17.14
CA ASN A 79 -1.07 -17.73 -16.61
C ASN A 79 0.11 -18.69 -16.80
N GLU A 80 -0.06 -19.92 -16.33
CA GLU A 80 0.98 -20.93 -16.44
C GLU A 80 0.62 -21.99 -17.47
N ARG A 81 -0.65 -22.35 -17.51
CA ARG A 81 -1.14 -23.35 -18.45
C ARG A 81 -0.45 -24.69 -18.22
N ARG A 82 -0.28 -25.05 -16.95
CA ARG A 82 0.38 -26.30 -16.59
C ARG A 82 -0.66 -27.35 -16.17
N ARG A 83 -1.52 -26.99 -15.22
CA ARG A 83 -2.55 -27.90 -14.74
C ARG A 83 -3.75 -27.12 -14.20
N LYS A 84 -3.48 -26.14 -13.35
CA LYS A 84 -4.52 -25.31 -12.77
C LYS A 84 -4.33 -23.84 -13.11
N SER A 85 -5.39 -23.19 -13.58
CA SER A 85 -5.33 -21.78 -13.95
C SER A 85 -6.49 -21.01 -13.32
N SER A 86 -6.28 -20.56 -12.09
CA SER A 86 -7.31 -19.79 -11.38
C SER A 86 -6.74 -19.17 -10.11
N GLY A 87 -7.18 -17.96 -9.79
CA GLY A 87 -6.70 -17.28 -8.60
C GLY A 87 -7.45 -16.00 -8.32
N GLU A 88 -8.74 -15.99 -8.65
CA GLU A 88 -9.57 -14.81 -8.43
C GLU A 88 -10.22 -14.84 -7.04
ZN ZN B . 2.58 8.73 9.60
ZN ZN C . -3.37 -5.23 -1.20
N LEU A 8 -1.65 16.68 13.28
CA LEU A 8 -2.58 15.80 14.03
C LEU A 8 -2.09 14.35 14.03
N ARG A 9 -2.15 13.72 15.20
CA ARG A 9 -1.71 12.34 15.33
C ARG A 9 -2.85 11.37 15.05
N LEU A 10 -3.02 11.02 13.78
CA LEU A 10 -4.08 10.10 13.38
C LEU A 10 -3.57 9.09 12.35
N CYS A 11 -2.26 8.87 12.34
CA CYS A 11 -1.65 7.93 11.41
C CYS A 11 -1.68 6.51 11.98
N GLN A 12 -2.06 5.55 11.14
CA GLN A 12 -2.14 4.16 11.56
C GLN A 12 -0.74 3.61 11.87
N VAL A 13 0.26 4.14 11.19
CA VAL A 13 1.64 3.71 11.39
C VAL A 13 2.16 4.16 12.76
N ASP A 14 2.99 3.33 13.37
CA ASP A 14 3.56 3.65 14.67
C ASP A 14 4.87 4.40 14.53
N ARG A 15 5.27 5.09 15.60
CA ARG A 15 6.51 5.85 15.59
C ARG A 15 6.48 6.96 14.53
N CYS A 16 5.28 7.40 14.17
CA CYS A 16 5.12 8.45 13.17
C CYS A 16 5.33 9.83 13.80
N THR A 17 6.51 10.40 13.58
CA THR A 17 6.82 11.71 14.13
C THR A 17 6.63 12.81 13.09
N ALA A 18 5.75 12.56 12.13
CA ALA A 18 5.47 13.52 11.06
C ALA A 18 4.35 14.47 11.46
N ASP A 19 4.28 15.62 10.80
CA ASP A 19 3.26 16.61 11.08
C ASP A 19 2.12 16.52 10.07
N MET A 20 0.92 16.23 10.57
CA MET A 20 -0.25 16.11 9.71
C MET A 20 -1.31 17.15 10.09
N LYS A 21 -0.86 18.29 10.58
CA LYS A 21 -1.76 19.37 10.96
C LYS A 21 -2.48 19.95 9.75
N GLU A 22 -1.80 19.93 8.61
CA GLU A 22 -2.38 20.46 7.37
C GLU A 22 -2.41 19.38 6.30
N ALA A 23 -3.26 18.37 6.50
CA ALA A 23 -3.38 17.28 5.54
C ALA A 23 -4.58 17.49 4.62
N LYS A 24 -4.85 16.51 3.76
CA LYS A 24 -5.96 16.59 2.82
C LYS A 24 -7.06 15.61 3.20
N LEU A 25 -8.13 15.60 2.41
CA LEU A 25 -9.25 14.70 2.66
C LEU A 25 -8.89 13.25 2.33
N TYR A 26 -7.84 13.07 1.52
CA TYR A 26 -7.40 11.74 1.14
C TYR A 26 -6.56 11.10 2.25
N HIS A 27 -5.52 11.80 2.68
CA HIS A 27 -4.65 11.29 3.73
C HIS A 27 -5.41 11.15 5.05
N ARG A 28 -6.43 11.97 5.23
CA ARG A 28 -7.24 11.94 6.44
C ARG A 28 -8.37 10.92 6.34
N ARG A 29 -8.38 10.14 5.26
CA ARG A 29 -9.41 9.13 5.05
C ARG A 29 -8.85 7.73 5.28
N HIS A 30 -7.58 7.55 4.96
CA HIS A 30 -6.93 6.25 5.13
C HIS A 30 -6.12 6.20 6.42
N LYS A 31 -6.27 7.21 7.27
CA LYS A 31 -5.55 7.27 8.53
C LYS A 31 -4.04 7.16 8.30
N VAL A 32 -3.57 7.72 7.20
CA VAL A 32 -2.15 7.69 6.87
C VAL A 32 -1.68 9.03 6.33
N CYS A 33 -0.41 9.35 6.58
CA CYS A 33 0.17 10.61 6.11
C CYS A 33 0.90 10.42 4.79
N GLU A 34 1.36 11.51 4.20
CA GLU A 34 2.08 11.46 2.94
C GLU A 34 3.45 10.80 3.11
N VAL A 35 4.03 10.93 4.29
CA VAL A 35 5.33 10.36 4.58
C VAL A 35 5.27 8.83 4.60
N HIS A 36 4.12 8.29 4.93
CA HIS A 36 3.93 6.85 4.98
C HIS A 36 3.11 6.35 3.80
N ALA A 37 2.21 7.20 3.32
CA ALA A 37 1.35 6.85 2.19
C ALA A 37 2.18 6.67 0.93
N LYS A 38 3.22 7.48 0.78
CA LYS A 38 4.08 7.40 -0.40
C LYS A 38 5.47 6.89 -0.02
N ALA A 39 5.52 6.04 1.01
CA ALA A 39 6.78 5.48 1.47
C ALA A 39 7.12 4.18 0.73
N SER A 40 8.33 3.68 0.93
CA SER A 40 8.77 2.44 0.29
C SER A 40 8.88 1.32 1.30
N SER A 41 9.22 1.67 2.54
CA SER A 41 9.37 0.68 3.61
C SER A 41 9.06 1.30 4.97
N VAL A 42 8.31 0.58 5.78
CA VAL A 42 7.94 1.06 7.11
C VAL A 42 7.95 -0.08 8.13
N PHE A 43 8.09 0.27 9.40
CA PHE A 43 8.11 -0.72 10.46
C PHE A 43 6.76 -0.81 11.16
N LEU A 44 6.21 -2.01 11.23
CA LEU A 44 4.92 -2.23 11.88
C LEU A 44 4.86 -3.59 12.56
N SER A 45 4.67 -3.58 13.87
CA SER A 45 4.60 -4.82 14.64
C SER A 45 5.89 -5.63 14.50
N GLY A 46 7.00 -4.93 14.33
CA GLY A 46 8.29 -5.60 14.19
C GLY A 46 8.42 -6.30 12.86
N LEU A 47 7.84 -5.70 11.82
CA LEU A 47 7.90 -6.28 10.48
C LEU A 47 7.79 -5.19 9.41
N ASN A 48 8.53 -5.35 8.32
CA ASN A 48 8.51 -4.38 7.23
C ASN A 48 7.30 -4.59 6.34
N GLN A 49 6.65 -3.48 5.97
CA GLN A 49 5.47 -3.55 5.13
C GLN A 49 5.47 -2.41 4.10
N ARG A 50 4.42 -2.33 3.30
CA ARG A 50 4.30 -1.30 2.27
C ARG A 50 2.86 -0.82 2.15
N PHE A 51 2.69 0.43 1.74
CA PHE A 51 1.36 1.01 1.58
C PHE A 51 0.74 0.58 0.25
N CYS A 52 -0.07 -0.47 0.29
CA CYS A 52 -0.73 -0.97 -0.91
C CYS A 52 -1.99 -0.15 -1.23
N GLN A 53 -1.87 0.72 -2.22
CA GLN A 53 -3.00 1.57 -2.62
C GLN A 53 -4.12 0.72 -3.21
N GLN A 54 -3.76 -0.41 -3.81
CA GLN A 54 -4.74 -1.31 -4.42
C GLN A 54 -5.81 -1.71 -3.42
N CYS A 55 -5.39 -1.96 -2.17
CA CYS A 55 -6.33 -2.35 -1.12
C CYS A 55 -6.39 -1.29 -0.01
N SER A 56 -5.79 -0.13 -0.26
CA SER A 56 -5.79 0.97 0.70
C SER A 56 -5.28 0.51 2.07
N ARG A 57 -4.61 -0.64 2.12
CA ARG A 57 -4.08 -1.16 3.37
C ARG A 57 -2.61 -1.54 3.22
N PHE A 58 -1.98 -1.89 4.34
CA PHE A 58 -0.57 -2.27 4.33
C PHE A 58 -0.39 -3.74 3.96
N HIS A 59 0.79 -4.08 3.46
CA HIS A 59 1.10 -5.45 3.06
C HIS A 59 2.56 -5.79 3.38
N ASP A 60 2.84 -7.09 3.47
CA ASP A 60 4.20 -7.54 3.76
C ASP A 60 5.16 -7.15 2.65
N LEU A 61 6.42 -6.91 3.01
CA LEU A 61 7.44 -6.53 2.04
C LEU A 61 7.63 -7.62 0.98
N GLN A 62 7.27 -8.85 1.33
CA GLN A 62 7.40 -9.97 0.42
C GLN A 62 6.14 -10.15 -0.43
N GLU A 63 5.27 -9.14 -0.44
CA GLU A 63 4.03 -9.20 -1.21
C GLU A 63 4.09 -8.28 -2.42
N PHE A 64 5.30 -8.04 -2.91
CA PHE A 64 5.49 -7.17 -4.07
C PHE A 64 6.68 -7.65 -4.91
N ASP A 65 6.59 -8.88 -5.40
CA ASP A 65 7.65 -9.45 -6.22
C ASP A 65 7.91 -8.60 -7.46
N GLU A 66 9.11 -8.75 -8.03
CA GLU A 66 9.47 -7.99 -9.22
C GLU A 66 9.44 -6.49 -8.95
N ALA A 67 9.60 -5.70 -10.00
CA ALA A 67 9.58 -4.24 -9.86
C ALA A 67 8.16 -3.71 -9.98
N LYS A 68 7.25 -4.25 -9.19
CA LYS A 68 5.86 -3.83 -9.21
C LYS A 68 5.47 -3.16 -7.89
N ARG A 69 5.05 -1.91 -7.96
CA ARG A 69 4.67 -1.16 -6.76
C ARG A 69 3.17 -1.26 -6.53
N SER A 70 2.63 -2.48 -6.61
CA SER A 70 1.21 -2.70 -6.41
C SER A 70 0.94 -4.11 -5.88
N CYS A 71 -0.33 -4.47 -5.79
CA CYS A 71 -0.73 -5.79 -5.31
C CYS A 71 -0.79 -6.79 -6.46
N ARG A 72 -0.93 -8.06 -6.12
CA ARG A 72 -1.00 -9.13 -7.13
C ARG A 72 -2.42 -9.69 -7.24
N ARG A 73 -3.40 -8.88 -6.88
CA ARG A 73 -4.79 -9.30 -6.95
C ARG A 73 -5.40 -8.95 -8.30
N ARG A 74 -5.12 -7.74 -8.76
CA ARG A 74 -5.62 -7.28 -10.05
C ARG A 74 -4.50 -7.12 -11.06
N LEU A 75 -3.32 -6.73 -10.57
CA LEU A 75 -2.16 -6.54 -11.44
C LEU A 75 -1.81 -7.85 -12.16
N ALA A 76 -1.99 -8.97 -11.47
CA ALA A 76 -1.69 -10.27 -12.04
C ALA A 76 -2.91 -10.86 -12.75
N GLY A 77 -3.86 -10.01 -13.13
CA GLY A 77 -5.05 -10.48 -13.81
C GLY A 77 -4.74 -11.13 -15.14
N HIS A 78 -3.65 -10.70 -15.76
CA HIS A 78 -3.24 -11.25 -17.05
C HIS A 78 -2.82 -12.72 -16.91
N ASN A 79 -2.30 -13.07 -15.74
CA ASN A 79 -1.87 -14.43 -15.48
C ASN A 79 -3.03 -15.42 -15.65
N GLU A 80 -2.74 -16.70 -15.48
CA GLU A 80 -3.76 -17.74 -15.61
C GLU A 80 -3.66 -18.75 -14.47
N ARG A 81 -4.62 -19.65 -14.40
CA ARG A 81 -4.65 -20.67 -13.35
C ARG A 81 -5.57 -21.82 -13.73
N ARG A 82 -5.59 -22.15 -15.03
CA ARG A 82 -6.43 -23.24 -15.52
C ARG A 82 -5.82 -24.59 -15.19
N ARG A 83 -6.45 -25.65 -15.67
CA ARG A 83 -5.97 -27.01 -15.42
C ARG A 83 -5.36 -27.61 -16.68
N LYS A 84 -6.14 -27.68 -17.74
CA LYS A 84 -5.68 -28.23 -19.01
C LYS A 84 -5.57 -27.13 -20.08
N SER A 85 -4.34 -26.75 -20.41
CA SER A 85 -4.10 -25.72 -21.41
C SER A 85 -4.57 -26.18 -22.78
N SER A 86 -4.43 -27.47 -23.05
CA SER A 86 -4.83 -28.04 -24.34
C SER A 86 -6.35 -28.04 -24.46
N GLY A 87 -6.84 -27.88 -25.69
CA GLY A 87 -8.27 -27.87 -25.93
C GLY A 87 -8.81 -26.47 -26.14
N GLU A 88 -8.73 -25.99 -27.37
CA GLU A 88 -9.21 -24.65 -27.71
C GLU A 88 -10.72 -24.67 -27.99
ZN ZN B . 2.67 8.63 9.16
ZN ZN C . -3.15 -5.30 -1.61
N LEU A 8 -1.99 15.86 15.39
CA LEU A 8 -2.97 14.87 15.91
C LEU A 8 -2.62 13.45 15.46
N ARG A 9 -2.78 12.49 16.37
CA ARG A 9 -2.48 11.10 16.07
C ARG A 9 -3.56 10.50 15.16
N LEU A 10 -3.33 10.57 13.85
CA LEU A 10 -4.27 10.03 12.88
C LEU A 10 -3.64 8.91 12.07
N CYS A 11 -2.37 9.05 11.75
CA CYS A 11 -1.65 8.04 10.98
C CYS A 11 -1.70 6.68 11.67
N GLN A 12 -1.83 5.62 10.86
CA GLN A 12 -1.90 4.27 11.39
C GLN A 12 -0.52 3.77 11.80
N VAL A 13 0.50 4.18 11.05
CA VAL A 13 1.87 3.78 11.34
C VAL A 13 2.29 4.23 12.73
N ASP A 14 3.08 3.39 13.41
CA ASP A 14 3.55 3.70 14.75
C ASP A 14 4.84 4.50 14.70
N ARG A 15 5.14 5.21 15.78
CA ARG A 15 6.35 6.02 15.87
C ARG A 15 6.33 7.16 14.86
N CYS A 16 5.14 7.54 14.42
CA CYS A 16 4.99 8.62 13.46
C CYS A 16 4.83 9.97 14.17
N THR A 17 5.84 10.82 14.05
CA THR A 17 5.82 12.13 14.68
C THR A 17 5.53 13.23 13.66
N ALA A 18 4.75 12.88 12.64
CA ALA A 18 4.39 13.83 11.59
C ALA A 18 3.11 14.57 11.95
N ASP A 19 3.13 15.89 11.80
CA ASP A 19 1.97 16.72 12.10
C ASP A 19 0.88 16.53 11.04
N MET A 20 -0.21 15.88 11.44
CA MET A 20 -1.32 15.63 10.54
C MET A 20 -2.46 16.61 10.80
N LYS A 21 -2.12 17.81 11.23
CA LYS A 21 -3.12 18.83 11.52
C LYS A 21 -3.49 19.60 10.26
N GLU A 22 -2.53 19.73 9.35
CA GLU A 22 -2.77 20.44 8.09
C GLU A 22 -2.59 19.50 6.90
N ALA A 23 -3.24 18.35 6.96
CA ALA A 23 -3.16 17.37 5.88
C ALA A 23 -4.39 17.42 4.99
N LYS A 24 -4.22 17.07 3.72
CA LYS A 24 -5.32 17.06 2.77
C LYS A 24 -6.34 15.98 3.11
N LEU A 25 -7.48 16.04 2.44
CA LEU A 25 -8.54 15.07 2.67
C LEU A 25 -8.18 13.70 2.08
N TYR A 26 -7.17 13.67 1.22
CA TYR A 26 -6.73 12.42 0.60
C TYR A 26 -5.85 11.62 1.55
N HIS A 27 -5.13 12.32 2.41
CA HIS A 27 -4.24 11.67 3.37
C HIS A 27 -4.89 11.62 4.75
N ARG A 28 -6.21 11.51 4.78
CA ARG A 28 -6.96 11.46 6.03
C ARG A 28 -7.69 10.13 6.17
N ARG A 29 -8.68 9.91 5.31
CA ARG A 29 -9.46 8.67 5.34
C ARG A 29 -8.56 7.44 5.24
N HIS A 30 -7.39 7.62 4.62
CA HIS A 30 -6.44 6.52 4.46
C HIS A 30 -5.70 6.24 5.75
N LYS A 31 -5.72 7.21 6.67
CA LYS A 31 -5.04 7.06 7.95
C LYS A 31 -3.53 6.90 7.76
N VAL A 32 -3.01 7.53 6.71
CA VAL A 32 -1.59 7.47 6.41
C VAL A 32 -1.09 8.79 5.84
N CYS A 33 0.07 9.24 6.30
CA CYS A 33 0.65 10.48 5.82
C CYS A 33 1.52 10.25 4.58
N GLU A 34 1.99 11.34 3.98
CA GLU A 34 2.82 11.24 2.78
C GLU A 34 4.17 10.62 3.11
N VAL A 35 4.64 10.82 4.33
CA VAL A 35 5.92 10.27 4.77
C VAL A 35 5.90 8.75 4.79
N HIS A 36 4.72 8.19 5.02
CA HIS A 36 4.57 6.73 5.07
C HIS A 36 3.86 6.21 3.83
N ALA A 37 2.98 7.02 3.26
CA ALA A 37 2.24 6.64 2.07
C ALA A 37 3.17 6.49 0.87
N LYS A 38 4.15 7.38 0.77
CA LYS A 38 5.11 7.35 -0.33
C LYS A 38 6.32 6.47 0.01
N ALA A 39 6.54 6.25 1.31
CA ALA A 39 7.67 5.44 1.76
C ALA A 39 7.68 4.08 1.08
N SER A 40 8.84 3.69 0.55
CA SER A 40 8.98 2.42 -0.12
C SER A 40 8.82 1.25 0.85
N SER A 41 9.20 1.48 2.11
CA SER A 41 9.10 0.45 3.13
C SER A 41 9.06 1.08 4.52
N VAL A 42 8.21 0.53 5.39
CA VAL A 42 8.08 1.04 6.75
C VAL A 42 8.26 -0.08 7.77
N PHE A 43 8.63 0.28 8.99
CA PHE A 43 8.84 -0.69 10.05
C PHE A 43 7.61 -0.77 10.96
N LEU A 44 6.61 -1.53 10.51
CA LEU A 44 5.39 -1.69 11.28
C LEU A 44 5.50 -2.88 12.23
N SER A 45 5.53 -2.59 13.53
CA SER A 45 5.64 -3.64 14.54
C SER A 45 6.90 -4.46 14.35
N GLY A 46 7.95 -3.81 13.83
CA GLY A 46 9.20 -4.50 13.61
C GLY A 46 9.17 -5.39 12.38
N LEU A 47 8.65 -4.86 11.29
CA LEU A 47 8.55 -5.62 10.05
C LEU A 47 8.45 -4.69 8.85
N ASN A 48 8.95 -5.14 7.70
CA ASN A 48 8.91 -4.35 6.48
C ASN A 48 7.54 -4.44 5.80
N GLN A 49 6.88 -3.31 5.66
CA GLN A 49 5.56 -3.26 5.03
C GLN A 49 5.46 -2.10 4.05
N ARG A 50 4.47 -2.16 3.17
CA ARG A 50 4.26 -1.10 2.18
C ARG A 50 2.79 -0.71 2.10
N PHE A 51 2.51 0.42 1.46
CA PHE A 51 1.15 0.90 1.31
C PHE A 51 0.52 0.37 0.03
N CYS A 52 -0.54 -0.44 0.18
CA CYS A 52 -1.23 -1.01 -0.96
C CYS A 52 -2.41 -0.14 -1.37
N GLN A 53 -2.23 0.62 -2.44
CA GLN A 53 -3.28 1.50 -2.94
C GLN A 53 -4.48 0.69 -3.43
N GLN A 54 -4.22 -0.54 -3.88
CA GLN A 54 -5.27 -1.42 -4.37
C GLN A 54 -6.32 -1.67 -3.29
N CYS A 55 -5.88 -1.86 -2.06
CA CYS A 55 -6.78 -2.12 -0.95
C CYS A 55 -6.76 -0.98 0.07
N SER A 56 -6.15 0.14 -0.31
CA SER A 56 -6.07 1.31 0.57
C SER A 56 -5.49 0.95 1.94
N ARG A 57 -4.84 -0.20 2.04
CA ARG A 57 -4.24 -0.63 3.30
C ARG A 57 -2.80 -1.08 3.09
N PHE A 58 -2.16 -1.50 4.18
CA PHE A 58 -0.76 -1.95 4.11
C PHE A 58 -0.68 -3.45 3.91
N HIS A 59 0.46 -3.91 3.40
CA HIS A 59 0.67 -5.33 3.15
C HIS A 59 2.13 -5.72 3.42
N ASP A 60 2.33 -6.93 3.91
CA ASP A 60 3.66 -7.42 4.22
C ASP A 60 4.55 -7.41 2.98
N LEU A 61 5.86 -7.36 3.19
CA LEU A 61 6.82 -7.34 2.08
C LEU A 61 6.81 -8.68 1.34
N GLN A 62 6.42 -9.74 2.04
CA GLN A 62 6.38 -11.07 1.44
C GLN A 62 5.19 -11.21 0.49
N GLU A 63 4.32 -10.21 0.46
CA GLU A 63 3.16 -10.24 -0.41
C GLU A 63 3.52 -9.87 -1.85
N PHE A 64 4.49 -8.98 -1.98
CA PHE A 64 4.95 -8.54 -3.30
C PHE A 64 6.41 -8.12 -3.26
N ASP A 65 7.05 -8.08 -4.43
CA ASP A 65 8.45 -7.70 -4.51
C ASP A 65 8.85 -7.38 -5.96
N GLU A 66 8.32 -8.15 -6.89
CA GLU A 66 8.62 -7.95 -8.31
C GLU A 66 8.36 -6.51 -8.73
N ALA A 67 8.56 -6.22 -10.01
CA ALA A 67 8.36 -4.88 -10.54
C ALA A 67 6.98 -4.35 -10.18
N LYS A 68 6.02 -5.25 -10.05
CA LYS A 68 4.65 -4.87 -9.71
C LYS A 68 4.58 -4.24 -8.33
N ARG A 69 4.37 -2.93 -8.29
CA ARG A 69 4.29 -2.21 -7.02
C ARG A 69 2.84 -2.11 -6.55
N SER A 70 2.15 -3.24 -6.56
CA SER A 70 0.75 -3.28 -6.13
C SER A 70 0.38 -4.67 -5.61
N CYS A 71 -0.92 -4.89 -5.41
CA CYS A 71 -1.40 -6.18 -4.91
C CYS A 71 -1.47 -7.20 -6.04
N ARG A 72 -1.08 -8.43 -5.73
CA ARG A 72 -1.10 -9.51 -6.73
C ARG A 72 -2.38 -10.34 -6.61
N ARG A 73 -3.41 -9.75 -6.02
CA ARG A 73 -4.68 -10.44 -5.84
C ARG A 73 -5.60 -10.21 -7.03
N ARG A 74 -6.02 -8.96 -7.20
CA ARG A 74 -6.91 -8.59 -8.30
C ARG A 74 -6.12 -7.93 -9.43
N LEU A 75 -5.06 -7.23 -9.07
CA LEU A 75 -4.22 -6.55 -10.05
C LEU A 75 -3.64 -7.54 -11.05
N ALA A 76 -3.18 -8.69 -10.55
CA ALA A 76 -2.60 -9.71 -11.39
C ALA A 76 -3.64 -10.31 -12.33
N GLY A 77 -4.55 -11.11 -11.77
CA GLY A 77 -5.58 -11.73 -12.58
C GLY A 77 -6.80 -10.84 -12.73
N HIS A 78 -6.77 -9.98 -13.75
CA HIS A 78 -7.88 -9.08 -14.02
C HIS A 78 -8.77 -9.61 -15.12
N ASN A 79 -8.18 -10.37 -16.04
CA ASN A 79 -8.93 -10.95 -17.16
C ASN A 79 -9.53 -9.84 -18.02
N GLU A 80 -9.97 -10.22 -19.23
CA GLU A 80 -10.56 -9.27 -20.16
C GLU A 80 -11.70 -9.92 -20.94
N ARG A 81 -12.71 -9.11 -21.26
CA ARG A 81 -13.86 -9.60 -22.00
C ARG A 81 -13.75 -9.23 -23.49
N ARG A 82 -13.20 -10.15 -24.28
CA ARG A 82 -13.03 -9.92 -25.71
C ARG A 82 -12.13 -8.72 -25.97
N ARG A 83 -11.88 -8.43 -27.24
CA ARG A 83 -11.03 -7.31 -27.62
C ARG A 83 -11.70 -6.47 -28.70
N LYS A 84 -11.51 -5.15 -28.62
CA LYS A 84 -12.09 -4.24 -29.60
C LYS A 84 -11.36 -4.33 -30.94
N SER A 85 -12.09 -4.75 -31.97
CA SER A 85 -11.50 -4.88 -33.31
C SER A 85 -12.59 -4.85 -34.37
N SER A 86 -13.61 -4.02 -34.15
CA SER A 86 -14.71 -3.89 -35.10
C SER A 86 -15.43 -5.22 -35.27
N GLY A 87 -16.45 -5.23 -36.12
CA GLY A 87 -17.22 -6.44 -36.36
C GLY A 87 -18.43 -6.20 -37.23
N GLU A 88 -18.76 -7.19 -38.06
CA GLU A 88 -19.90 -7.09 -38.95
C GLU A 88 -21.07 -7.95 -38.46
ZN ZN B . 2.88 8.64 9.15
ZN ZN C . -3.79 -5.28 -1.30
N LEU A 8 -3.40 16.16 14.69
CA LEU A 8 -4.05 14.82 14.61
C LEU A 8 -3.01 13.70 14.62
N ARG A 9 -3.30 12.65 15.38
CA ARG A 9 -2.39 11.51 15.48
C ARG A 9 -3.14 10.19 15.33
N LEU A 10 -3.83 10.03 14.22
CA LEU A 10 -4.59 8.82 13.95
C LEU A 10 -3.91 7.97 12.89
N CYS A 11 -2.60 8.13 12.76
CA CYS A 11 -1.82 7.37 11.79
C CYS A 11 -1.66 5.92 12.22
N GLN A 12 -1.84 5.00 11.29
CA GLN A 12 -1.71 3.58 11.58
C GLN A 12 -0.26 3.20 11.84
N VAL A 13 0.65 3.87 11.15
CA VAL A 13 2.08 3.61 11.31
C VAL A 13 2.53 3.86 12.74
N ASP A 14 3.43 3.02 13.24
CA ASP A 14 3.94 3.14 14.59
C ASP A 14 5.19 4.02 14.62
N ARG A 15 5.48 4.59 15.78
CA ARG A 15 6.64 5.45 15.94
C ARG A 15 6.56 6.67 15.02
N CYS A 16 5.33 7.06 14.67
CA CYS A 16 5.11 8.21 13.80
C CYS A 16 5.22 9.51 14.58
N THR A 17 5.73 10.54 13.93
CA THR A 17 5.88 11.85 14.56
C THR A 17 5.82 12.98 13.54
N ALA A 18 5.17 12.70 12.40
CA ALA A 18 5.04 13.70 11.34
C ALA A 18 3.78 14.54 11.54
N ASP A 19 3.78 15.74 10.98
CA ASP A 19 2.63 16.64 11.08
C ASP A 19 1.46 16.11 10.28
N MET A 20 0.32 15.95 10.94
CA MET A 20 -0.89 15.45 10.29
C MET A 20 -2.10 16.32 10.65
N LYS A 21 -1.86 17.59 10.90
CA LYS A 21 -2.92 18.52 11.25
C LYS A 21 -3.83 18.78 10.07
N GLU A 22 -3.23 19.09 8.92
CA GLU A 22 -3.98 19.36 7.70
C GLU A 22 -3.16 19.05 6.46
N ALA A 23 -3.16 17.78 6.06
CA ALA A 23 -2.40 17.35 4.89
C ALA A 23 -3.22 17.54 3.62
N LYS A 24 -4.13 16.61 3.37
CA LYS A 24 -4.98 16.67 2.18
C LYS A 24 -6.21 15.79 2.34
N LEU A 25 -7.28 16.13 1.63
CA LEU A 25 -8.51 15.36 1.69
C LEU A 25 -8.26 13.88 1.43
N TYR A 26 -7.21 13.58 0.68
CA TYR A 26 -6.86 12.20 0.37
C TYR A 26 -6.12 11.54 1.53
N HIS A 27 -5.41 12.36 2.30
CA HIS A 27 -4.66 11.86 3.45
C HIS A 27 -5.43 12.08 4.74
N ARG A 28 -6.76 12.07 4.65
CA ARG A 28 -7.62 12.26 5.80
C ARG A 28 -8.38 10.98 6.13
N ARG A 29 -9.35 10.64 5.28
CA ARG A 29 -10.15 9.44 5.49
C ARG A 29 -9.27 8.20 5.67
N HIS A 30 -8.10 8.22 5.04
CA HIS A 30 -7.16 7.11 5.14
C HIS A 30 -6.33 7.21 6.42
N LYS A 31 -6.16 8.43 6.91
CA LYS A 31 -5.39 8.67 8.13
C LYS A 31 -3.95 8.21 7.96
N VAL A 32 -3.33 8.60 6.84
CA VAL A 32 -1.96 8.23 6.57
C VAL A 32 -1.15 9.43 6.09
N CYS A 33 0.16 9.39 6.32
CA CYS A 33 1.04 10.48 5.92
C CYS A 33 1.59 10.26 4.51
N GLU A 34 1.87 11.35 3.82
CA GLU A 34 2.40 11.28 2.46
C GLU A 34 3.74 10.55 2.44
N VAL A 35 4.51 10.71 3.51
CA VAL A 35 5.81 10.07 3.63
C VAL A 35 5.66 8.60 3.97
N HIS A 36 4.59 8.26 4.70
CA HIS A 36 4.33 6.89 5.09
C HIS A 36 3.56 6.15 3.99
N ALA A 37 2.78 6.90 3.21
CA ALA A 37 2.00 6.31 2.13
C ALA A 37 2.89 5.95 0.94
N LYS A 38 3.80 6.86 0.59
CA LYS A 38 4.70 6.63 -0.53
C LYS A 38 6.09 6.22 -0.03
N ALA A 39 6.11 5.46 1.06
CA ALA A 39 7.38 5.00 1.63
C ALA A 39 7.80 3.66 1.03
N SER A 40 9.11 3.47 0.86
CA SER A 40 9.65 2.25 0.30
C SER A 40 9.47 1.08 1.27
N SER A 41 9.55 1.38 2.56
CA SER A 41 9.40 0.37 3.60
C SER A 41 9.32 1.00 4.98
N VAL A 42 8.13 0.97 5.58
CA VAL A 42 7.92 1.55 6.90
C VAL A 42 7.93 0.46 7.97
N PHE A 43 8.21 0.87 9.21
CA PHE A 43 8.26 -0.06 10.32
C PHE A 43 6.85 -0.34 10.86
N LEU A 44 6.42 -1.59 10.76
CA LEU A 44 5.10 -1.99 11.22
C LEU A 44 5.13 -3.39 11.82
N SER A 45 4.80 -3.50 13.10
CA SER A 45 4.78 -4.77 13.79
C SER A 45 6.15 -5.45 13.74
N GLY A 46 7.20 -4.63 13.62
CA GLY A 46 8.55 -5.16 13.57
C GLY A 46 9.01 -5.45 12.15
N LEU A 47 8.15 -6.10 11.37
CA LEU A 47 8.48 -6.44 9.99
C LEU A 47 8.30 -5.22 9.07
N ASN A 48 8.87 -5.32 7.87
CA ASN A 48 8.77 -4.22 6.91
C ASN A 48 7.49 -4.35 6.07
N GLN A 49 6.75 -3.26 5.99
CA GLN A 49 5.50 -3.25 5.22
C GLN A 49 5.44 -2.04 4.30
N ARG A 50 4.66 -2.15 3.23
CA ARG A 50 4.51 -1.08 2.26
C ARG A 50 3.04 -0.69 2.09
N PHE A 51 2.80 0.52 1.60
CA PHE A 51 1.45 1.00 1.40
C PHE A 51 0.82 0.35 0.17
N CYS A 52 -0.42 -0.11 0.31
CA CYS A 52 -1.13 -0.75 -0.79
C CYS A 52 -2.34 0.08 -1.21
N GLN A 53 -2.21 0.78 -2.34
CA GLN A 53 -3.28 1.62 -2.85
C GLN A 53 -4.47 0.77 -3.30
N GLN A 54 -4.26 -0.54 -3.45
CA GLN A 54 -5.32 -1.43 -3.87
C GLN A 54 -6.35 -1.64 -2.77
N CYS A 55 -5.89 -1.74 -1.53
CA CYS A 55 -6.78 -1.93 -0.39
C CYS A 55 -6.66 -0.79 0.62
N SER A 56 -5.74 0.14 0.36
CA SER A 56 -5.53 1.28 1.26
C SER A 56 -4.95 0.84 2.61
N ARG A 57 -4.69 -0.46 2.75
CA ARG A 57 -4.13 -0.99 3.99
C ARG A 57 -2.61 -1.14 3.88
N PHE A 58 -2.02 -1.81 4.86
CA PHE A 58 -0.57 -2.02 4.88
C PHE A 58 -0.25 -3.51 4.76
N HIS A 59 0.58 -3.85 3.79
CA HIS A 59 0.97 -5.24 3.57
C HIS A 59 2.48 -5.43 3.66
N ASP A 60 2.90 -6.63 4.02
CA ASP A 60 4.33 -6.94 4.15
C ASP A 60 5.08 -6.59 2.87
N LEU A 61 6.41 -6.53 2.97
CA LEU A 61 7.25 -6.21 1.83
C LEU A 61 7.39 -7.41 0.89
N GLN A 62 6.94 -8.58 1.34
CA GLN A 62 7.02 -9.80 0.54
C GLN A 62 5.76 -9.98 -0.32
N GLU A 63 5.02 -8.91 -0.53
CA GLU A 63 3.80 -8.96 -1.33
C GLU A 63 3.78 -7.86 -2.38
N PHE A 64 4.97 -7.48 -2.84
CA PHE A 64 5.10 -6.43 -3.85
C PHE A 64 6.21 -6.78 -4.86
N ASP A 65 5.82 -7.15 -6.07
CA ASP A 65 6.78 -7.50 -7.11
C ASP A 65 7.67 -6.31 -7.45
N GLU A 66 8.77 -6.58 -8.13
CA GLU A 66 9.71 -5.54 -8.53
C GLU A 66 9.05 -4.56 -9.48
N ALA A 67 8.80 -5.00 -10.70
CA ALA A 67 8.18 -4.17 -11.72
C ALA A 67 6.84 -3.62 -11.24
N LYS A 68 6.07 -4.47 -10.55
CA LYS A 68 4.77 -4.07 -10.02
C LYS A 68 4.93 -3.31 -8.71
N ARG A 69 3.85 -2.65 -8.29
CA ARG A 69 3.86 -1.89 -7.05
C ARG A 69 2.49 -1.87 -6.40
N SER A 70 1.84 -3.03 -6.37
CA SER A 70 0.51 -3.15 -5.79
C SER A 70 0.26 -4.56 -5.27
N CYS A 71 -0.92 -4.78 -4.71
CA CYS A 71 -1.30 -6.08 -4.19
C CYS A 71 -1.24 -7.15 -5.27
N ARG A 72 -1.69 -8.36 -4.93
CA ARG A 72 -1.68 -9.46 -5.88
C ARG A 72 -2.96 -10.30 -5.76
N ARG A 73 -3.97 -9.75 -5.09
CA ARG A 73 -5.24 -10.46 -4.91
C ARG A 73 -6.19 -10.15 -6.06
N ARG A 74 -6.14 -8.91 -6.54
CA ARG A 74 -7.00 -8.48 -7.64
C ARG A 74 -6.20 -8.23 -8.90
N LEU A 75 -4.97 -7.75 -8.73
CA LEU A 75 -4.09 -7.46 -9.86
C LEU A 75 -3.67 -8.76 -10.57
N ALA A 76 -3.24 -9.73 -9.79
CA ALA A 76 -2.81 -11.02 -10.33
C ALA A 76 -4.00 -11.93 -10.57
N GLY A 77 -4.42 -12.03 -11.83
CA GLY A 77 -5.54 -12.87 -12.18
C GLY A 77 -5.18 -14.35 -12.21
N HIS A 78 -6.03 -15.18 -11.61
CA HIS A 78 -5.79 -16.62 -11.57
C HIS A 78 -6.68 -17.34 -12.57
N ASN A 79 -6.92 -16.70 -13.71
CA ASN A 79 -7.76 -17.29 -14.76
C ASN A 79 -6.91 -17.89 -15.88
N GLU A 80 -7.37 -18.99 -16.44
CA GLU A 80 -6.65 -19.66 -17.51
C GLU A 80 -6.98 -19.04 -18.87
N ARG A 81 -6.13 -19.30 -19.85
CA ARG A 81 -6.34 -18.77 -21.20
C ARG A 81 -7.35 -19.62 -21.97
N ARG A 82 -8.44 -18.97 -22.41
CA ARG A 82 -9.47 -19.67 -23.16
C ARG A 82 -9.02 -19.96 -24.59
N ARG A 83 -9.95 -20.39 -25.43
CA ARG A 83 -9.64 -20.70 -26.82
C ARG A 83 -10.15 -19.61 -27.74
N LYS A 84 -11.46 -19.54 -27.91
CA LYS A 84 -12.08 -18.54 -28.78
C LYS A 84 -13.41 -18.07 -28.20
N SER A 85 -14.10 -17.21 -28.95
CA SER A 85 -15.39 -16.70 -28.51
C SER A 85 -16.51 -17.16 -29.45
N SER A 86 -16.47 -16.69 -30.69
CA SER A 86 -17.47 -17.05 -31.68
C SER A 86 -16.88 -17.95 -32.75
N GLY A 87 -15.77 -17.52 -33.34
CA GLY A 87 -15.12 -18.30 -34.38
C GLY A 87 -15.89 -18.28 -35.68
N GLU A 88 -16.45 -19.43 -36.06
CA GLU A 88 -17.21 -19.55 -37.29
C GLU A 88 -18.70 -19.72 -36.99
ZN ZN B . 2.50 8.68 9.87
ZN ZN C . -3.69 -5.00 -0.71
N LEU A 8 -2.18 16.54 14.80
CA LEU A 8 -2.83 15.45 15.58
C LEU A 8 -2.36 14.08 15.11
N ARG A 9 -1.77 13.32 16.02
CA ARG A 9 -1.28 11.98 15.70
C ARG A 9 -2.43 11.03 15.40
N LEU A 10 -2.71 10.83 14.12
CA LEU A 10 -3.79 9.95 13.69
C LEU A 10 -3.35 9.05 12.54
N CYS A 11 -2.03 8.85 12.41
CA CYS A 11 -1.49 8.01 11.35
C CYS A 11 -1.52 6.54 11.75
N GLN A 12 -2.00 5.70 10.84
CA GLN A 12 -2.10 4.26 11.11
C GLN A 12 -0.73 3.68 11.45
N VAL A 13 0.33 4.29 10.89
CA VAL A 13 1.68 3.84 11.15
C VAL A 13 2.15 4.23 12.54
N ASP A 14 2.90 3.35 13.18
CA ASP A 14 3.41 3.61 14.52
C ASP A 14 4.76 4.32 14.47
N ARG A 15 5.10 4.99 15.57
CA ARG A 15 6.37 5.72 15.65
C ARG A 15 6.43 6.84 14.61
N CYS A 16 5.26 7.33 14.21
CA CYS A 16 5.18 8.41 13.22
C CYS A 16 5.28 9.76 13.91
N THR A 17 6.20 10.60 13.43
CA THR A 17 6.39 11.93 14.00
C THR A 17 5.65 12.99 13.17
N ALA A 18 5.45 12.71 11.89
CA ALA A 18 4.77 13.63 11.00
C ALA A 18 3.37 13.97 11.54
N ASP A 19 3.14 15.26 11.78
CA ASP A 19 1.86 15.73 12.29
C ASP A 19 0.82 15.80 11.17
N MET A 20 -0.43 15.49 11.51
CA MET A 20 -1.50 15.51 10.54
C MET A 20 -2.35 16.77 10.69
N LYS A 21 -1.71 17.86 11.11
CA LYS A 21 -2.40 19.13 11.30
C LYS A 21 -2.66 19.82 9.96
N GLU A 22 -1.75 19.61 9.01
CA GLU A 22 -1.89 20.20 7.68
C GLU A 22 -1.99 19.14 6.61
N ALA A 23 -2.69 18.05 6.93
CA ALA A 23 -2.86 16.95 5.99
C ALA A 23 -3.96 17.26 4.98
N LYS A 24 -4.09 16.40 3.97
CA LYS A 24 -5.10 16.58 2.94
C LYS A 24 -6.31 15.70 3.20
N LEU A 25 -7.42 15.99 2.52
CA LEU A 25 -8.64 15.21 2.68
C LEU A 25 -8.43 13.76 2.27
N TYR A 26 -7.48 13.54 1.37
CA TYR A 26 -7.18 12.19 0.90
C TYR A 26 -6.31 11.44 1.90
N HIS A 27 -5.49 12.18 2.64
CA HIS A 27 -4.60 11.58 3.63
C HIS A 27 -5.28 11.51 5.00
N ARG A 28 -6.52 11.97 5.08
CA ARG A 28 -7.26 11.96 6.34
C ARG A 28 -8.07 10.67 6.47
N ARG A 29 -9.03 10.47 5.56
CA ARG A 29 -9.87 9.29 5.58
C ARG A 29 -9.03 8.02 5.55
N HIS A 30 -7.82 8.11 5.00
CA HIS A 30 -6.93 6.96 4.91
C HIS A 30 -6.15 6.77 6.21
N LYS A 31 -6.10 7.82 7.03
CA LYS A 31 -5.39 7.77 8.30
C LYS A 31 -3.89 7.57 8.09
N VAL A 32 -3.38 8.08 6.97
CA VAL A 32 -1.97 7.95 6.64
C VAL A 32 -1.42 9.26 6.08
N CYS A 33 -0.20 9.59 6.46
CA CYS A 33 0.43 10.82 6.00
C CYS A 33 1.18 10.59 4.69
N GLU A 34 1.58 11.68 4.04
CA GLU A 34 2.30 11.59 2.77
C GLU A 34 3.64 10.88 2.94
N VAL A 35 4.27 11.07 4.09
CA VAL A 35 5.55 10.45 4.38
C VAL A 35 5.47 8.92 4.30
N HIS A 36 4.35 8.37 4.79
CA HIS A 36 4.15 6.93 4.78
C HIS A 36 3.34 6.50 3.56
N ALA A 37 2.46 7.39 3.10
CA ALA A 37 1.64 7.10 1.93
C ALA A 37 2.48 6.96 0.67
N LYS A 38 3.60 7.68 0.64
CA LYS A 38 4.49 7.64 -0.51
C LYS A 38 5.67 6.70 -0.26
N ALA A 39 6.03 6.53 1.01
CA ALA A 39 7.13 5.66 1.39
C ALA A 39 6.93 4.25 0.84
N SER A 40 8.03 3.63 0.41
CA SER A 40 7.98 2.28 -0.13
C SER A 40 7.78 1.25 0.98
N SER A 41 8.71 1.21 1.93
CA SER A 41 8.63 0.28 3.04
C SER A 41 8.47 1.02 4.36
N VAL A 42 7.93 0.33 5.36
CA VAL A 42 7.72 0.92 6.68
C VAL A 42 7.84 -0.13 7.78
N PHE A 43 8.13 0.32 8.99
CA PHE A 43 8.27 -0.58 10.13
C PHE A 43 6.99 -0.63 10.95
N LEU A 44 6.04 -1.46 10.51
CA LEU A 44 4.77 -1.60 11.20
C LEU A 44 4.83 -2.77 12.19
N SER A 45 4.75 -2.44 13.48
CA SER A 45 4.80 -3.45 14.53
C SER A 45 6.07 -4.27 14.44
N GLY A 46 7.16 -3.63 14.04
CA GLY A 46 8.44 -4.32 13.93
C GLY A 46 8.47 -5.27 12.75
N LEU A 47 7.69 -4.96 11.72
CA LEU A 47 7.65 -5.79 10.52
C LEU A 47 7.76 -4.95 9.26
N ASN A 48 8.36 -5.52 8.22
CA ASN A 48 8.54 -4.82 6.96
C ASN A 48 7.28 -4.92 6.09
N GLN A 49 6.65 -3.78 5.84
CA GLN A 49 5.44 -3.74 5.03
C GLN A 49 5.44 -2.53 4.10
N ARG A 50 4.55 -2.54 3.11
CA ARG A 50 4.45 -1.44 2.17
C ARG A 50 3.00 -1.04 1.96
N PHE A 51 2.74 0.26 1.93
CA PHE A 51 1.39 0.78 1.74
C PHE A 51 0.85 0.37 0.37
N CYS A 52 -0.15 -0.50 0.38
CA CYS A 52 -0.77 -0.96 -0.87
C CYS A 52 -2.03 -0.16 -1.18
N GLN A 53 -1.90 0.80 -2.09
CA GLN A 53 -3.03 1.64 -2.48
C GLN A 53 -4.14 0.80 -3.11
N GLN A 54 -3.76 -0.32 -3.71
CA GLN A 54 -4.72 -1.21 -4.35
C GLN A 54 -5.78 -1.69 -3.34
N CYS A 55 -5.32 -2.06 -2.15
CA CYS A 55 -6.23 -2.54 -1.11
C CYS A 55 -6.33 -1.53 0.04
N SER A 56 -5.89 -0.31 -0.21
CA SER A 56 -5.94 0.75 0.80
C SER A 56 -5.34 0.30 2.14
N ARG A 57 -4.54 -0.76 2.11
CA ARG A 57 -3.92 -1.27 3.33
C ARG A 57 -2.45 -1.58 3.09
N PHE A 58 -1.75 -1.99 4.14
CA PHE A 58 -0.33 -2.31 4.05
C PHE A 58 -0.14 -3.80 3.75
N HIS A 59 1.05 -4.15 3.24
CA HIS A 59 1.36 -5.53 2.90
C HIS A 59 2.80 -5.86 3.24
N ASP A 60 3.03 -7.06 3.77
CA ASP A 60 4.37 -7.49 4.15
C ASP A 60 5.32 -7.44 2.95
N LEU A 61 6.62 -7.46 3.23
CA LEU A 61 7.63 -7.42 2.17
C LEU A 61 7.69 -8.73 1.40
N GLN A 62 7.30 -9.82 2.07
CA GLN A 62 7.31 -11.14 1.45
C GLN A 62 6.11 -11.33 0.51
N GLU A 63 5.22 -10.32 0.47
CA GLU A 63 4.05 -10.39 -0.38
C GLU A 63 4.40 -10.04 -1.82
N PHE A 64 5.35 -9.12 -1.99
CA PHE A 64 5.78 -8.70 -3.32
C PHE A 64 7.26 -8.34 -3.32
N ASP A 65 7.87 -8.35 -4.51
CA ASP A 65 9.29 -8.03 -4.64
C ASP A 65 9.70 -8.06 -6.11
N GLU A 66 8.82 -7.60 -6.98
CA GLU A 66 9.10 -7.57 -8.41
C GLU A 66 8.87 -6.18 -8.98
N ALA A 67 8.96 -6.06 -10.31
CA ALA A 67 8.75 -4.78 -10.98
C ALA A 67 7.42 -4.15 -10.58
N LYS A 68 6.45 -4.99 -10.24
CA LYS A 68 5.14 -4.52 -9.83
C LYS A 68 5.23 -3.72 -8.52
N ARG A 69 4.26 -2.84 -8.31
CA ARG A 69 4.23 -2.01 -7.10
C ARG A 69 2.80 -1.68 -6.72
N SER A 70 1.89 -2.60 -6.98
CA SER A 70 0.47 -2.39 -6.67
C SER A 70 -0.24 -3.72 -6.46
N CYS A 71 0.35 -4.59 -5.64
CA CYS A 71 -0.24 -5.89 -5.36
C CYS A 71 -0.30 -6.74 -6.62
N ARG A 72 -0.75 -7.99 -6.47
CA ARG A 72 -0.86 -8.90 -7.60
C ARG A 72 -2.32 -9.19 -7.93
N ARG A 73 -3.17 -9.22 -6.90
CA ARG A 73 -4.58 -9.49 -7.09
C ARG A 73 -5.22 -8.44 -8.00
N ARG A 74 -5.86 -8.92 -9.08
CA ARG A 74 -6.51 -8.04 -10.04
C ARG A 74 -5.49 -7.35 -10.93
N LEU A 75 -4.63 -6.55 -10.31
CA LEU A 75 -3.60 -5.82 -11.03
C LEU A 75 -2.85 -6.72 -12.01
N ALA A 76 -2.45 -7.90 -11.53
CA ALA A 76 -1.74 -8.85 -12.37
C ALA A 76 -2.70 -9.63 -13.26
N GLY A 77 -2.89 -9.14 -14.48
CA GLY A 77 -3.79 -9.80 -15.40
C GLY A 77 -3.54 -9.38 -16.84
N HIS A 78 -2.46 -9.88 -17.43
CA HIS A 78 -2.12 -9.55 -18.81
C HIS A 78 -1.59 -10.78 -19.54
N ASN A 79 -0.66 -11.48 -18.91
CA ASN A 79 -0.08 -12.68 -19.50
C ASN A 79 -0.08 -13.84 -18.51
N GLU A 80 -0.45 -15.02 -18.99
CA GLU A 80 -0.50 -16.21 -18.16
C GLU A 80 0.22 -17.38 -18.82
N ARG A 81 0.55 -18.40 -18.03
CA ARG A 81 1.24 -19.57 -18.56
C ARG A 81 0.31 -20.78 -18.59
N ARG A 82 -0.63 -20.83 -17.66
CA ARG A 82 -1.59 -21.93 -17.60
C ARG A 82 -0.87 -23.27 -17.48
N ARG A 83 -1.64 -24.36 -17.49
CA ARG A 83 -1.08 -25.69 -17.39
C ARG A 83 -2.06 -26.74 -17.90
N LYS A 84 -1.99 -27.02 -19.19
CA LYS A 84 -2.89 -28.00 -19.81
C LYS A 84 -2.12 -28.91 -20.76
N SER A 85 -2.45 -30.20 -20.73
CA SER A 85 -1.78 -31.17 -21.59
C SER A 85 -2.75 -31.71 -22.65
N SER A 86 -3.56 -30.82 -23.20
CA SER A 86 -4.53 -31.21 -24.23
C SER A 86 -3.82 -31.66 -25.50
N GLY A 87 -4.55 -32.38 -26.35
CA GLY A 87 -3.97 -32.87 -27.59
C GLY A 87 -5.02 -33.13 -28.65
N GLU A 88 -5.00 -32.32 -29.71
CA GLU A 88 -5.96 -32.46 -30.80
C GLU A 88 -7.38 -32.29 -30.30
ZN ZN B . 2.83 8.68 9.06
ZN ZN C . -2.92 -5.33 -1.78
N LEU A 8 -3.34 15.82 13.42
CA LEU A 8 -4.21 14.64 13.68
C LEU A 8 -3.39 13.36 13.83
N ARG A 9 -3.53 12.70 14.97
CA ARG A 9 -2.80 11.47 15.24
C ARG A 9 -3.68 10.25 14.99
N LEU A 10 -3.78 9.83 13.74
CA LEU A 10 -4.59 8.68 13.38
C LEU A 10 -3.84 7.75 12.43
N CYS A 11 -2.52 7.87 12.41
CA CYS A 11 -1.69 7.04 11.55
C CYS A 11 -1.51 5.64 12.15
N GLN A 12 -1.92 4.62 11.40
CA GLN A 12 -1.80 3.25 11.86
C GLN A 12 -0.34 2.89 12.14
N VAL A 13 0.57 3.51 11.39
CA VAL A 13 2.00 3.26 11.57
C VAL A 13 2.47 3.68 12.96
N ASP A 14 3.00 2.72 13.71
CA ASP A 14 3.49 2.98 15.06
C ASP A 14 4.83 3.70 15.01
N ARG A 15 5.19 4.35 16.11
CA ARG A 15 6.46 5.08 16.19
C ARG A 15 6.53 6.19 15.15
N CYS A 16 5.37 6.65 14.70
CA CYS A 16 5.31 7.72 13.72
C CYS A 16 5.55 9.08 14.36
N THR A 17 6.47 9.85 13.80
CA THR A 17 6.80 11.17 14.33
C THR A 17 6.50 12.27 13.31
N ALA A 18 5.57 12.00 12.40
CA ALA A 18 5.20 12.96 11.37
C ALA A 18 4.04 13.84 11.85
N ASP A 19 3.42 14.55 10.91
CA ASP A 19 2.31 15.43 11.24
C ASP A 19 1.21 15.32 10.18
N MET A 20 -0.02 15.66 10.58
CA MET A 20 -1.16 15.61 9.68
C MET A 20 -2.23 16.61 10.09
N LYS A 21 -1.80 17.72 10.68
CA LYS A 21 -2.73 18.75 11.13
C LYS A 21 -3.24 19.57 9.94
N GLU A 22 -2.37 19.79 8.96
CA GLU A 22 -2.75 20.56 7.78
C GLU A 22 -2.66 19.69 6.52
N ALA A 23 -3.13 18.45 6.64
CA ALA A 23 -3.12 17.52 5.51
C ALA A 23 -4.30 17.75 4.59
N LYS A 24 -4.46 16.88 3.60
CA LYS A 24 -5.55 17.00 2.64
C LYS A 24 -6.72 16.09 3.04
N LEU A 25 -7.78 16.12 2.25
CA LEU A 25 -8.96 15.30 2.51
C LEU A 25 -8.71 13.84 2.13
N TYR A 26 -7.76 13.62 1.23
CA TYR A 26 -7.43 12.27 0.78
C TYR A 26 -6.54 11.56 1.80
N HIS A 27 -5.65 12.32 2.43
CA HIS A 27 -4.73 11.76 3.42
C HIS A 27 -5.43 11.61 4.77
N ARG A 28 -6.43 12.45 5.01
CA ARG A 28 -7.17 12.41 6.27
C ARG A 28 -8.21 11.29 6.25
N ARG A 29 -8.77 11.01 5.08
CA ARG A 29 -9.76 9.97 4.92
C ARG A 29 -9.14 8.59 5.13
N HIS A 30 -7.95 8.40 4.58
CA HIS A 30 -7.24 7.13 4.71
C HIS A 30 -6.42 7.07 6.00
N LYS A 31 -6.21 8.23 6.61
CA LYS A 31 -5.44 8.31 7.85
C LYS A 31 -4.01 7.82 7.63
N VAL A 32 -3.33 8.40 6.65
CA VAL A 32 -1.96 8.02 6.33
C VAL A 32 -1.15 9.24 5.89
N CYS A 33 0.10 9.31 6.35
CA CYS A 33 0.99 10.42 6.01
C CYS A 33 1.48 10.31 4.57
N GLU A 34 1.76 11.45 3.97
CA GLU A 34 2.24 11.48 2.58
C GLU A 34 3.59 10.78 2.47
N VAL A 35 4.43 10.97 3.48
CA VAL A 35 5.75 10.36 3.50
C VAL A 35 5.64 8.84 3.67
N HIS A 36 4.60 8.42 4.40
CA HIS A 36 4.37 7.00 4.65
C HIS A 36 3.65 6.35 3.47
N ALA A 37 2.86 7.15 2.75
CA ALA A 37 2.11 6.66 1.60
C ALA A 37 3.04 6.24 0.47
N LYS A 38 3.94 7.15 0.09
CA LYS A 38 4.89 6.89 -0.99
C LYS A 38 6.26 6.53 -0.41
N ALA A 39 6.27 5.82 0.71
CA ALA A 39 7.51 5.43 1.35
C ALA A 39 8.09 4.16 0.70
N SER A 40 9.35 3.88 0.99
CA SER A 40 10.02 2.71 0.44
C SER A 40 9.79 1.49 1.33
N SER A 41 9.75 1.71 2.64
CA SER A 41 9.54 0.63 3.59
C SER A 41 9.33 1.18 5.00
N VAL A 42 8.08 1.16 5.46
CA VAL A 42 7.74 1.65 6.78
C VAL A 42 7.90 0.56 7.83
N PHE A 43 8.08 0.97 9.09
CA PHE A 43 8.24 0.03 10.18
C PHE A 43 6.91 -0.23 10.89
N LEU A 44 6.53 -1.50 11.00
CA LEU A 44 5.28 -1.87 11.64
C LEU A 44 5.46 -3.15 12.48
N SER A 45 5.43 -2.99 13.80
CA SER A 45 5.59 -4.12 14.70
C SER A 45 6.93 -4.82 14.48
N GLY A 46 7.97 -4.03 14.23
CA GLY A 46 9.28 -4.59 14.00
C GLY A 46 9.37 -5.38 12.71
N LEU A 47 8.52 -5.03 11.75
CA LEU A 47 8.49 -5.70 10.46
C LEU A 47 8.36 -4.71 9.32
N ASN A 48 8.93 -5.04 8.17
CA ASN A 48 8.87 -4.18 7.00
C ASN A 48 7.56 -4.35 6.25
N GLN A 49 6.87 -3.25 6.01
CA GLN A 49 5.59 -3.27 5.31
C GLN A 49 5.51 -2.16 4.28
N ARG A 50 4.56 -2.26 3.36
CA ARG A 50 4.38 -1.26 2.32
C ARG A 50 2.91 -0.87 2.19
N PHE A 51 2.66 0.33 1.67
CA PHE A 51 1.29 0.82 1.49
C PHE A 51 0.68 0.25 0.21
N CYS A 52 -0.48 -0.38 0.35
CA CYS A 52 -1.17 -0.96 -0.79
C CYS A 52 -2.36 -0.10 -1.21
N GLN A 53 -2.14 0.76 -2.19
CA GLN A 53 -3.20 1.66 -2.67
C GLN A 53 -4.40 0.85 -3.18
N GLN A 54 -4.14 -0.38 -3.62
CA GLN A 54 -5.19 -1.25 -4.12
C GLN A 54 -6.26 -1.49 -3.06
N CYS A 55 -5.83 -1.73 -1.82
CA CYS A 55 -6.75 -1.97 -0.72
C CYS A 55 -6.71 -0.84 0.30
N SER A 56 -6.17 0.31 -0.09
CA SER A 56 -6.07 1.47 0.79
C SER A 56 -5.49 1.10 2.16
N ARG A 57 -4.78 -0.02 2.23
CA ARG A 57 -4.18 -0.46 3.48
C ARG A 57 -2.74 -0.94 3.25
N PHE A 58 -2.07 -1.34 4.33
CA PHE A 58 -0.70 -1.82 4.23
C PHE A 58 -0.65 -3.34 4.13
N HIS A 59 0.48 -3.85 3.63
CA HIS A 59 0.66 -5.29 3.48
C HIS A 59 2.10 -5.69 3.78
N ASP A 60 2.38 -6.99 3.69
CA ASP A 60 3.72 -7.50 3.96
C ASP A 60 4.67 -7.13 2.83
N LEU A 61 5.91 -6.80 3.19
CA LEU A 61 6.92 -6.42 2.21
C LEU A 61 7.14 -7.55 1.20
N GLN A 62 7.03 -8.78 1.68
CA GLN A 62 7.23 -9.95 0.83
C GLN A 62 6.20 -9.98 -0.31
N GLU A 63 5.06 -9.33 -0.08
CA GLU A 63 4.00 -9.29 -1.09
C GLU A 63 4.29 -8.24 -2.16
N PHE A 64 5.22 -7.33 -1.87
CA PHE A 64 5.59 -6.29 -2.81
C PHE A 64 6.82 -6.70 -3.62
N ASP A 65 6.92 -7.98 -3.95
CA ASP A 65 8.04 -8.49 -4.73
C ASP A 65 7.69 -8.60 -6.20
N GLU A 66 8.70 -8.80 -7.04
CA GLU A 66 8.49 -8.92 -8.48
C GLU A 66 7.85 -7.66 -9.05
N ALA A 67 7.55 -7.68 -10.34
CA ALA A 67 6.93 -6.53 -11.00
C ALA A 67 5.69 -6.07 -10.26
N LYS A 68 5.01 -7.00 -9.61
CA LYS A 68 3.80 -6.69 -8.86
C LYS A 68 4.12 -5.83 -7.65
N ARG A 69 3.86 -4.54 -7.75
CA ARG A 69 4.12 -3.60 -6.66
C ARG A 69 2.82 -3.02 -6.10
N SER A 70 1.82 -3.88 -5.94
CA SER A 70 0.52 -3.45 -5.42
C SER A 70 -0.12 -4.57 -4.61
N CYS A 71 -0.73 -5.53 -5.31
CA CYS A 71 -1.40 -6.64 -4.65
C CYS A 71 -1.70 -7.76 -5.64
N ARG A 72 -2.18 -8.89 -5.13
CA ARG A 72 -2.50 -10.04 -5.97
C ARG A 72 -3.97 -10.43 -5.82
N ARG A 73 -4.79 -9.49 -5.36
CA ARG A 73 -6.22 -9.74 -5.17
C ARG A 73 -7.00 -9.41 -6.42
N ARG A 74 -7.07 -8.13 -6.76
CA ARG A 74 -7.79 -7.67 -7.94
C ARG A 74 -6.81 -7.23 -9.03
N LEU A 75 -5.63 -6.78 -8.61
CA LEU A 75 -4.61 -6.34 -9.56
C LEU A 75 -4.27 -7.44 -10.55
N ALA A 76 -4.18 -8.68 -10.06
CA ALA A 76 -3.86 -9.82 -10.91
C ALA A 76 -4.93 -10.02 -11.98
N GLY A 77 -4.52 -9.92 -13.24
CA GLY A 77 -5.45 -10.10 -14.34
C GLY A 77 -5.72 -8.80 -15.08
N HIS A 78 -6.00 -7.74 -14.32
CA HIS A 78 -6.29 -6.44 -14.90
C HIS A 78 -7.61 -6.46 -15.67
N ASN A 79 -7.60 -7.11 -16.84
CA ASN A 79 -8.79 -7.19 -17.67
C ASN A 79 -9.16 -5.83 -18.26
N GLU A 80 -9.62 -4.94 -17.39
CA GLU A 80 -10.01 -3.59 -17.83
C GLU A 80 -8.78 -2.77 -18.20
N ARG A 81 -8.75 -2.31 -19.45
CA ARG A 81 -7.63 -1.50 -19.93
C ARG A 81 -7.85 -0.02 -19.66
N ARG A 82 -8.85 0.55 -20.33
CA ARG A 82 -9.18 1.96 -20.16
C ARG A 82 -10.56 2.28 -20.72
N ARG A 83 -11.46 1.29 -20.63
CA ARG A 83 -12.83 1.47 -21.13
C ARG A 83 -12.82 1.78 -22.63
N LYS A 84 -13.17 0.78 -23.43
CA LYS A 84 -13.21 0.94 -24.88
C LYS A 84 -14.37 0.16 -25.49
N SER A 85 -14.42 -1.13 -25.17
CA SER A 85 -15.48 -2.00 -25.68
C SER A 85 -16.71 -1.94 -24.78
N SER A 86 -17.89 -1.85 -25.40
CA SER A 86 -19.15 -1.78 -24.67
C SER A 86 -19.92 -3.09 -24.79
N GLY A 87 -20.04 -3.59 -26.02
CA GLY A 87 -20.75 -4.83 -26.26
C GLY A 87 -22.25 -4.62 -26.34
N GLU A 88 -22.86 -4.29 -25.21
CA GLU A 88 -24.30 -4.06 -25.15
C GLU A 88 -25.06 -5.32 -25.56
ZN ZN B . 2.67 8.21 9.68
ZN ZN C . -3.77 -5.17 -1.05
N LEU A 8 -2.79 16.43 14.28
CA LEU A 8 -3.53 15.30 14.88
C LEU A 8 -2.72 14.00 14.80
N ARG A 9 -3.35 12.89 15.20
CA ARG A 9 -2.69 11.59 15.17
C ARG A 9 -3.67 10.50 14.74
N LEU A 10 -3.90 10.41 13.43
CA LEU A 10 -4.81 9.41 12.88
C LEU A 10 -4.08 8.44 11.96
N CYS A 11 -2.76 8.31 12.17
CA CYS A 11 -1.94 7.42 11.37
C CYS A 11 -1.92 6.01 11.96
N GLN A 12 -2.31 5.03 11.15
CA GLN A 12 -2.33 3.65 11.60
C GLN A 12 -0.92 3.15 11.90
N VAL A 13 0.06 3.68 11.18
CA VAL A 13 1.46 3.29 11.37
C VAL A 13 1.91 3.55 12.79
N ASP A 14 2.65 2.61 13.36
CA ASP A 14 3.16 2.73 14.72
C ASP A 14 4.52 3.41 14.73
N ARG A 15 4.88 3.98 15.88
CA ARG A 15 6.17 4.66 16.03
C ARG A 15 6.28 5.83 15.06
N CYS A 16 5.14 6.38 14.66
CA CYS A 16 5.13 7.51 13.73
C CYS A 16 5.28 8.83 14.49
N THR A 17 6.10 9.73 13.94
CA THR A 17 6.33 11.03 14.55
C THR A 17 5.77 12.16 13.69
N ALA A 18 5.61 11.90 12.40
CA ALA A 18 5.10 12.89 11.47
C ALA A 18 3.70 13.34 11.88
N ASP A 19 3.48 14.65 11.92
CA ASP A 19 2.19 15.20 12.29
C ASP A 19 1.26 15.27 11.09
N MET A 20 0.00 14.91 11.29
CA MET A 20 -0.99 14.93 10.22
C MET A 20 -1.91 16.15 10.34
N LYS A 21 -1.32 17.29 10.66
CA LYS A 21 -2.09 18.53 10.81
C LYS A 21 -2.54 19.05 9.45
N GLU A 22 -1.58 19.25 8.55
CA GLU A 22 -1.88 19.74 7.21
C GLU A 22 -2.10 18.59 6.24
N ALA A 23 -2.97 17.66 6.61
CA ALA A 23 -3.27 16.51 5.76
C ALA A 23 -4.44 16.79 4.83
N LYS A 24 -4.35 16.31 3.59
CA LYS A 24 -5.39 16.52 2.61
C LYS A 24 -6.53 15.52 2.81
N LEU A 25 -7.67 15.78 2.18
CA LEU A 25 -8.83 14.91 2.28
C LEU A 25 -8.48 13.48 1.89
N TYR A 26 -7.44 13.33 1.07
CA TYR A 26 -7.01 12.01 0.63
C TYR A 26 -6.17 11.33 1.69
N HIS A 27 -5.32 12.10 2.36
CA HIS A 27 -4.45 11.58 3.42
C HIS A 27 -5.25 11.35 4.70
N ARG A 28 -6.33 12.10 4.86
CA ARG A 28 -7.17 11.98 6.05
C ARG A 28 -8.10 10.77 5.94
N ARG A 29 -8.73 10.61 4.78
CA ARG A 29 -9.65 9.50 4.55
C ARG A 29 -8.93 8.17 4.70
N HIS A 30 -7.77 8.06 4.06
CA HIS A 30 -6.97 6.84 4.13
C HIS A 30 -6.22 6.73 5.44
N LYS A 31 -6.04 7.88 6.12
CA LYS A 31 -5.33 7.92 7.39
C LYS A 31 -3.87 7.50 7.21
N VAL A 32 -3.14 8.27 6.41
CA VAL A 32 -1.74 7.99 6.16
C VAL A 32 -0.97 9.24 5.77
N CYS A 33 0.22 9.41 6.32
CA CYS A 33 1.05 10.58 6.03
C CYS A 33 1.54 10.55 4.59
N GLU A 34 1.93 11.71 4.08
CA GLU A 34 2.42 11.82 2.71
C GLU A 34 3.68 10.97 2.53
N VAL A 35 4.54 10.97 3.55
CA VAL A 35 5.77 10.20 3.50
C VAL A 35 5.49 8.71 3.66
N HIS A 36 4.42 8.39 4.38
CA HIS A 36 4.03 7.00 4.62
C HIS A 36 3.17 6.47 3.47
N ALA A 37 2.47 7.38 2.79
CA ALA A 37 1.61 7.00 1.69
C ALA A 37 2.35 7.04 0.36
N LYS A 38 3.68 7.14 0.42
CA LYS A 38 4.50 7.18 -0.78
C LYS A 38 5.96 6.79 -0.48
N ALA A 39 6.13 5.97 0.55
CA ALA A 39 7.46 5.51 0.95
C ALA A 39 7.85 4.23 0.22
N SER A 40 8.95 3.62 0.64
CA SER A 40 9.42 2.39 0.03
C SER A 40 9.25 1.21 0.99
N SER A 41 9.34 1.50 2.28
CA SER A 41 9.20 0.46 3.30
C SER A 41 9.17 1.07 4.70
N VAL A 42 8.00 1.05 5.32
CA VAL A 42 7.84 1.60 6.67
C VAL A 42 8.12 0.54 7.72
N PHE A 43 8.46 1.00 8.93
CA PHE A 43 8.75 0.10 10.04
C PHE A 43 7.52 -0.08 10.93
N LEU A 44 6.72 -1.10 10.64
CA LEU A 44 5.52 -1.38 11.42
C LEU A 44 5.70 -2.63 12.27
N SER A 45 5.66 -2.45 13.60
CA SER A 45 5.82 -3.56 14.52
C SER A 45 7.17 -4.22 14.33
N GLY A 46 8.19 -3.43 14.04
CA GLY A 46 9.52 -3.96 13.84
C GLY A 46 9.62 -4.84 12.61
N LEU A 47 8.88 -4.47 11.56
CA LEU A 47 8.90 -5.23 10.32
C LEU A 47 9.06 -4.31 9.11
N ASN A 48 8.89 -4.87 7.92
CA ASN A 48 9.01 -4.10 6.69
C ASN A 48 7.74 -4.19 5.86
N GLN A 49 6.77 -3.31 6.16
CA GLN A 49 5.51 -3.30 5.44
C GLN A 49 5.45 -2.13 4.47
N ARG A 50 4.47 -2.16 3.57
CA ARG A 50 4.31 -1.11 2.58
C ARG A 50 2.84 -0.71 2.44
N PHE A 51 2.61 0.58 2.25
CA PHE A 51 1.25 1.09 2.10
C PHE A 51 0.65 0.68 0.76
N CYS A 52 -0.43 -0.09 0.81
CA CYS A 52 -1.10 -0.56 -0.40
C CYS A 52 -2.28 0.34 -0.75
N GLN A 53 -2.09 1.20 -1.74
CA GLN A 53 -3.14 2.11 -2.17
C GLN A 53 -4.33 1.35 -2.76
N GLN A 54 -4.06 0.15 -3.27
CA GLN A 54 -5.10 -0.68 -3.86
C GLN A 54 -6.22 -0.96 -2.84
N CYS A 55 -5.83 -1.24 -1.60
CA CYS A 55 -6.80 -1.52 -0.55
C CYS A 55 -6.71 -0.49 0.59
N SER A 56 -5.84 0.50 0.43
CA SER A 56 -5.66 1.54 1.44
C SER A 56 -5.14 0.95 2.76
N ARG A 57 -4.81 -0.33 2.77
CA ARG A 57 -4.30 -0.99 3.96
C ARG A 57 -2.78 -1.13 3.90
N PHE A 58 -2.23 -1.89 4.84
CA PHE A 58 -0.79 -2.11 4.89
C PHE A 58 -0.46 -3.59 4.71
N HIS A 59 0.34 -3.91 3.69
CA HIS A 59 0.72 -5.29 3.42
C HIS A 59 2.24 -5.46 3.50
N ASP A 60 2.65 -6.61 4.02
CA ASP A 60 4.08 -6.91 4.17
C ASP A 60 4.81 -6.82 2.83
N LEU A 61 6.13 -6.74 2.88
CA LEU A 61 6.95 -6.65 1.68
C LEU A 61 7.05 -8.00 0.98
N GLN A 62 6.76 -9.08 1.71
CA GLN A 62 6.82 -10.43 1.15
C GLN A 62 5.48 -10.84 0.54
N GLU A 63 4.62 -9.86 0.28
CA GLU A 63 3.31 -10.14 -0.30
C GLU A 63 3.24 -9.67 -1.75
N PHE A 64 3.99 -8.61 -2.05
CA PHE A 64 4.03 -8.06 -3.41
C PHE A 64 4.97 -8.85 -4.29
N ASP A 65 4.54 -9.15 -5.51
CA ASP A 65 5.35 -9.90 -6.46
C ASP A 65 5.97 -8.97 -7.50
N GLU A 66 7.12 -9.37 -8.03
CA GLU A 66 7.81 -8.57 -9.04
C GLU A 66 8.18 -7.19 -8.47
N ALA A 67 8.51 -6.27 -9.36
CA ALA A 67 8.89 -4.92 -8.94
C ALA A 67 7.69 -3.98 -8.96
N LYS A 68 6.54 -4.49 -8.54
CA LYS A 68 5.32 -3.69 -8.52
C LYS A 68 5.01 -3.22 -7.10
N ARG A 69 4.59 -1.96 -6.97
CA ARG A 69 4.26 -1.39 -5.67
C ARG A 69 2.76 -1.43 -5.42
N SER A 70 2.11 -2.49 -5.91
CA SER A 70 0.67 -2.65 -5.72
C SER A 70 0.32 -4.09 -5.39
N CYS A 71 -0.87 -4.28 -4.82
CA CYS A 71 -1.34 -5.61 -4.44
C CYS A 71 -1.33 -6.56 -5.64
N ARG A 72 -1.80 -7.77 -5.42
CA ARG A 72 -1.85 -8.77 -6.48
C ARG A 72 -3.17 -9.54 -6.46
N ARG A 73 -4.14 -9.03 -5.73
CA ARG A 73 -5.45 -9.68 -5.63
C ARG A 73 -6.39 -9.17 -6.71
N ARG A 74 -6.26 -7.88 -7.03
CA ARG A 74 -7.10 -7.26 -8.06
C ARG A 74 -6.28 -6.94 -9.31
N LEU A 75 -5.01 -6.60 -9.10
CA LEU A 75 -4.13 -6.27 -10.22
C LEU A 75 -3.78 -7.51 -11.03
N ALA A 76 -3.31 -8.55 -10.35
CA ALA A 76 -2.94 -9.79 -11.00
C ALA A 76 -4.14 -10.74 -11.09
N GLY A 77 -4.79 -10.75 -12.25
CA GLY A 77 -5.94 -11.61 -12.45
C GLY A 77 -5.73 -12.61 -13.56
N HIS A 78 -6.17 -13.85 -13.33
CA HIS A 78 -6.03 -14.90 -14.33
C HIS A 78 -4.57 -15.15 -14.66
N ASN A 79 -4.31 -16.10 -15.55
CA ASN A 79 -2.95 -16.43 -15.95
C ASN A 79 -2.84 -16.50 -17.47
N GLU A 80 -1.65 -16.84 -17.95
CA GLU A 80 -1.40 -16.95 -19.39
C GLU A 80 -1.97 -18.25 -19.95
N ARG A 81 -2.91 -18.13 -20.88
CA ARG A 81 -3.53 -19.31 -21.48
C ARG A 81 -4.14 -18.95 -22.84
N ARG A 82 -4.43 -19.98 -23.63
CA ARG A 82 -5.02 -19.77 -24.95
C ARG A 82 -6.54 -19.99 -24.91
N ARG A 83 -7.14 -19.61 -23.79
CA ARG A 83 -8.59 -19.75 -23.62
C ARG A 83 -9.09 -18.89 -22.46
N LYS A 84 -10.15 -18.13 -22.72
CA LYS A 84 -10.72 -17.26 -21.71
C LYS A 84 -12.25 -17.27 -21.78
N SER A 85 -12.78 -17.14 -22.99
CA SER A 85 -14.22 -17.13 -23.20
C SER A 85 -14.71 -18.51 -23.62
N SER A 86 -14.16 -19.54 -23.01
CA SER A 86 -14.55 -20.92 -23.32
C SER A 86 -15.70 -21.37 -22.43
N GLY A 87 -15.68 -20.92 -21.17
CA GLY A 87 -16.73 -21.29 -20.24
C GLY A 87 -16.73 -20.43 -19.00
N GLU A 88 -16.66 -19.12 -19.20
CA GLU A 88 -16.66 -18.18 -18.08
C GLU A 88 -18.03 -17.58 -17.86
ZN ZN B . 2.56 8.33 9.68
ZN ZN C . -3.77 -4.64 -0.96
N LEU A 8 -1.60 16.73 14.47
CA LEU A 8 -2.56 15.87 15.20
C LEU A 8 -2.22 14.38 15.02
N ARG A 9 -2.43 13.59 16.06
CA ARG A 9 -2.15 12.17 16.01
C ARG A 9 -3.25 11.41 15.28
N LEU A 10 -3.01 11.12 14.01
CA LEU A 10 -3.98 10.41 13.19
C LEU A 10 -3.34 9.20 12.51
N CYS A 11 -2.12 9.38 12.00
CA CYS A 11 -1.40 8.30 11.32
C CYS A 11 -1.36 7.05 12.18
N GLN A 12 -1.58 5.90 11.55
CA GLN A 12 -1.57 4.62 12.26
C GLN A 12 -0.15 4.09 12.40
N VAL A 13 0.71 4.47 11.45
CA VAL A 13 2.11 4.02 11.47
C VAL A 13 2.80 4.44 12.76
N ASP A 14 3.67 3.58 13.27
CA ASP A 14 4.40 3.87 14.49
C ASP A 14 5.68 4.65 14.20
N ARG A 15 6.21 5.30 15.22
CA ARG A 15 7.42 6.10 15.08
C ARG A 15 7.21 7.29 14.14
N CYS A 16 5.95 7.68 13.96
CA CYS A 16 5.62 8.79 13.10
C CYS A 16 5.66 10.11 13.88
N THR A 17 6.12 11.17 13.21
CA THR A 17 6.22 12.48 13.85
C THR A 17 5.83 13.59 12.88
N ALA A 18 4.99 13.25 11.90
CA ALA A 18 4.55 14.23 10.91
C ALA A 18 3.27 14.93 11.36
N ASP A 19 3.31 16.25 11.37
CA ASP A 19 2.15 17.04 11.78
C ASP A 19 1.03 16.95 10.76
N MET A 20 -0.09 16.36 11.17
CA MET A 20 -1.24 16.20 10.29
C MET A 20 -2.27 17.29 10.53
N LYS A 21 -1.79 18.48 10.87
CA LYS A 21 -2.68 19.62 11.12
C LYS A 21 -3.08 20.30 9.83
N GLU A 22 -2.18 20.27 8.85
CA GLU A 22 -2.44 20.89 7.55
C GLU A 22 -2.43 19.84 6.44
N ALA A 23 -2.83 18.62 6.77
CA ALA A 23 -2.86 17.54 5.79
C ALA A 23 -4.11 17.62 4.93
N LYS A 24 -4.25 16.66 4.02
CA LYS A 24 -5.41 16.61 3.12
C LYS A 24 -6.41 15.57 3.58
N LEU A 25 -7.59 15.57 2.97
CA LEU A 25 -8.63 14.62 3.32
C LEU A 25 -8.33 13.23 2.77
N TYR A 26 -7.31 13.13 1.92
CA TYR A 26 -6.92 11.86 1.33
C TYR A 26 -6.09 11.03 2.31
N HIS A 27 -5.38 11.72 3.20
CA HIS A 27 -4.55 11.05 4.20
C HIS A 27 -5.27 10.95 5.53
N ARG A 28 -6.56 10.62 5.49
CA ARG A 28 -7.36 10.50 6.69
C ARG A 28 -8.06 9.14 6.75
N ARG A 29 -8.83 8.85 5.71
CA ARG A 29 -9.56 7.58 5.63
C ARG A 29 -8.60 6.40 5.71
N HIS A 30 -7.40 6.59 5.20
CA HIS A 30 -6.38 5.53 5.20
C HIS A 30 -5.58 5.54 6.50
N LYS A 31 -5.70 6.62 7.27
CA LYS A 31 -5.00 6.74 8.54
C LYS A 31 -3.48 6.73 8.32
N VAL A 32 -3.05 7.28 7.20
CA VAL A 32 -1.64 7.34 6.87
C VAL A 32 -1.27 8.69 6.25
N CYS A 33 -0.06 9.17 6.55
CA CYS A 33 0.40 10.45 6.03
C CYS A 33 1.22 10.25 4.75
N GLU A 34 1.64 11.35 4.14
CA GLU A 34 2.42 11.30 2.91
C GLU A 34 3.81 10.74 3.18
N VAL A 35 4.36 11.05 4.35
CA VAL A 35 5.69 10.59 4.73
C VAL A 35 5.76 9.06 4.71
N HIS A 36 4.63 8.42 4.98
CA HIS A 36 4.57 6.96 5.00
C HIS A 36 3.84 6.43 3.77
N ALA A 37 2.89 7.22 3.26
CA ALA A 37 2.12 6.82 2.09
C ALA A 37 3.00 6.80 0.84
N LYS A 38 3.90 7.76 0.73
CA LYS A 38 4.79 7.85 -0.41
C LYS A 38 5.94 6.85 -0.28
N ALA A 39 6.34 6.57 0.96
CA ALA A 39 7.43 5.64 1.22
C ALA A 39 7.13 4.26 0.64
N SER A 40 8.13 3.40 0.62
CA SER A 40 7.97 2.05 0.09
C SER A 40 7.72 1.06 1.22
N SER A 41 8.68 0.94 2.13
CA SER A 41 8.56 0.03 3.27
C SER A 41 8.48 0.79 4.58
N VAL A 42 7.62 0.33 5.48
CA VAL A 42 7.44 0.97 6.78
C VAL A 42 7.41 -0.08 7.90
N PHE A 43 7.72 0.37 9.11
CA PHE A 43 7.72 -0.52 10.27
C PHE A 43 6.32 -0.66 10.85
N LEU A 44 5.63 -1.74 10.49
CA LEU A 44 4.28 -1.98 10.98
C LEU A 44 4.24 -3.24 11.84
N SER A 45 3.90 -3.07 13.12
CA SER A 45 3.82 -4.19 14.04
C SER A 45 5.17 -4.90 14.16
N GLY A 46 6.25 -4.13 14.06
CA GLY A 46 7.57 -4.72 14.15
C GLY A 46 7.96 -5.48 12.90
N LEU A 47 7.39 -5.09 11.76
CA LEU A 47 7.68 -5.75 10.50
C LEU A 47 7.77 -4.73 9.36
N ASN A 48 8.33 -5.15 8.23
CA ASN A 48 8.46 -4.28 7.08
C ASN A 48 7.30 -4.46 6.11
N GLN A 49 6.37 -3.50 6.12
CA GLN A 49 5.20 -3.57 5.25
C GLN A 49 5.18 -2.37 4.30
N ARG A 50 4.66 -2.60 3.09
CA ARG A 50 4.59 -1.54 2.09
C ARG A 50 3.13 -1.14 1.85
N PHE A 51 2.89 0.17 1.83
CA PHE A 51 1.54 0.69 1.60
C PHE A 51 1.04 0.32 0.21
N CYS A 52 -0.07 -0.41 0.16
CA CYS A 52 -0.65 -0.83 -1.11
C CYS A 52 -1.88 0.01 -1.46
N GLN A 53 -1.72 0.89 -2.45
CA GLN A 53 -2.81 1.76 -2.88
C GLN A 53 -3.89 0.95 -3.59
N GLN A 54 -3.49 -0.14 -4.23
CA GLN A 54 -4.42 -1.00 -4.94
C GLN A 54 -5.54 -1.50 -4.02
N CYS A 55 -5.21 -1.68 -2.74
CA CYS A 55 -6.19 -2.14 -1.76
C CYS A 55 -6.35 -1.14 -0.62
N SER A 56 -5.65 0.00 -0.71
CA SER A 56 -5.73 1.03 0.32
C SER A 56 -5.24 0.53 1.68
N ARG A 57 -4.68 -0.68 1.71
CA ARG A 57 -4.17 -1.25 2.95
C ARG A 57 -2.69 -1.58 2.83
N PHE A 58 -2.07 -1.93 3.95
CA PHE A 58 -0.65 -2.27 3.97
C PHE A 58 -0.43 -3.74 3.61
N HIS A 59 0.75 -4.03 3.05
CA HIS A 59 1.08 -5.40 2.67
C HIS A 59 2.52 -5.72 3.06
N ASP A 60 2.72 -6.89 3.67
CA ASP A 60 4.05 -7.32 4.09
C ASP A 60 5.02 -7.35 2.91
N LEU A 61 6.31 -7.44 3.21
CA LEU A 61 7.33 -7.47 2.19
C LEU A 61 7.30 -8.80 1.43
N GLN A 62 6.89 -9.86 2.12
CA GLN A 62 6.80 -11.19 1.51
C GLN A 62 5.43 -11.43 0.89
N GLU A 63 4.67 -10.36 0.70
CA GLU A 63 3.33 -10.48 0.10
C GLU A 63 3.39 -10.23 -1.40
N PHE A 64 4.29 -9.34 -1.82
CA PHE A 64 4.44 -9.01 -3.23
C PHE A 64 5.33 -10.03 -3.93
N ASP A 65 5.23 -10.08 -5.25
CA ASP A 65 6.03 -11.02 -6.05
C ASP A 65 7.50 -10.63 -6.01
N GLU A 66 7.77 -9.34 -5.89
CA GLU A 66 9.15 -8.84 -5.86
C GLU A 66 9.17 -7.34 -5.57
N ALA A 67 8.87 -6.56 -6.60
CA ALA A 67 8.86 -5.09 -6.46
C ALA A 67 7.53 -4.52 -6.93
N LYS A 68 6.45 -5.30 -6.80
CA LYS A 68 5.13 -4.86 -7.21
C LYS A 68 4.67 -3.68 -6.36
N ARG A 69 4.55 -2.52 -6.99
CA ARG A 69 4.10 -1.32 -6.29
C ARG A 69 2.61 -1.08 -6.51
N SER A 70 1.87 -2.16 -6.73
CA SER A 70 0.43 -2.04 -6.95
C SER A 70 -0.25 -3.40 -6.81
N CYS A 71 0.32 -4.26 -5.96
CA CYS A 71 -0.25 -5.59 -5.73
C CYS A 71 -0.29 -6.39 -7.02
N ARG A 72 -0.90 -7.57 -6.97
CA ARG A 72 -1.01 -8.43 -8.14
C ARG A 72 -2.40 -9.05 -8.25
N ARG A 73 -3.39 -8.37 -7.68
CA ARG A 73 -4.77 -8.86 -7.71
C ARG A 73 -5.50 -8.34 -8.94
N ARG A 74 -5.19 -7.10 -9.32
CA ARG A 74 -5.82 -6.47 -10.48
C ARG A 74 -4.82 -6.30 -11.61
N LEU A 75 -3.57 -6.04 -11.25
CA LEU A 75 -2.51 -5.85 -12.23
C LEU A 75 -2.26 -7.14 -13.02
N ALA A 76 -2.02 -8.24 -12.30
CA ALA A 76 -1.77 -9.52 -12.93
C ALA A 76 -3.03 -10.05 -13.61
N GLY A 77 -3.16 -9.73 -14.90
CA GLY A 77 -4.32 -10.18 -15.66
C GLY A 77 -4.83 -9.13 -16.62
N HIS A 78 -5.91 -9.44 -17.33
CA HIS A 78 -6.50 -8.51 -18.28
C HIS A 78 -7.89 -8.08 -17.83
N ASN A 79 -8.64 -9.02 -17.25
CA ASN A 79 -9.98 -8.72 -16.78
C ASN A 79 -10.89 -8.26 -17.92
N GLU A 80 -11.62 -9.21 -18.50
CA GLU A 80 -12.53 -8.91 -19.61
C GLU A 80 -13.89 -9.54 -19.38
N ARG A 81 -14.89 -8.70 -19.08
CA ARG A 81 -16.24 -9.18 -18.85
C ARG A 81 -17.20 -8.63 -19.89
N ARG A 82 -17.18 -9.22 -21.08
CA ARG A 82 -18.05 -8.79 -22.17
C ARG A 82 -17.78 -7.33 -22.53
N ARG A 83 -16.98 -7.10 -23.56
CA ARG A 83 -16.64 -5.76 -24.00
C ARG A 83 -17.67 -5.24 -25.01
N LYS A 84 -18.00 -6.09 -25.98
CA LYS A 84 -18.97 -5.72 -27.01
C LYS A 84 -20.35 -5.52 -26.40
N SER A 85 -20.72 -6.40 -25.47
CA SER A 85 -22.02 -6.32 -24.81
C SER A 85 -21.88 -5.71 -23.42
N SER A 86 -22.95 -5.08 -22.95
CA SER A 86 -22.96 -4.46 -21.63
C SER A 86 -24.38 -4.28 -21.12
N GLY A 87 -24.83 -5.19 -20.27
CA GLY A 87 -26.17 -5.12 -19.73
C GLY A 87 -27.18 -5.89 -20.55
N GLU A 88 -28.10 -6.57 -19.87
CA GLU A 88 -29.12 -7.36 -20.56
C GLU A 88 -30.28 -6.47 -21.00
ZN ZN B . 2.99 8.82 9.18
ZN ZN C . -2.94 -5.09 -2.20
N LEU A 8 -0.41 16.34 16.02
CA LEU A 8 -1.64 15.52 16.06
C LEU A 8 -1.33 14.06 15.72
N ARG A 9 -1.59 13.17 16.67
CA ARG A 9 -1.33 11.74 16.49
C ARG A 9 -2.55 11.06 15.87
N LEU A 10 -2.69 11.21 14.55
CA LEU A 10 -3.80 10.59 13.84
C LEU A 10 -3.33 9.41 12.99
N CYS A 11 -2.09 9.48 12.54
CA CYS A 11 -1.51 8.42 11.72
C CYS A 11 -1.54 7.08 12.47
N GLN A 12 -2.06 6.05 11.81
CA GLN A 12 -2.15 4.73 12.41
C GLN A 12 -0.76 4.13 12.60
N VAL A 13 0.16 4.49 11.72
CA VAL A 13 1.53 3.99 11.79
C VAL A 13 2.23 4.46 13.06
N ASP A 14 3.08 3.62 13.61
CA ASP A 14 3.82 3.95 14.83
C ASP A 14 5.15 4.63 14.50
N ARG A 15 5.73 5.27 15.49
CA ARG A 15 7.01 5.96 15.32
C ARG A 15 6.89 7.08 14.28
N CYS A 16 5.67 7.54 14.03
CA CYS A 16 5.44 8.61 13.07
C CYS A 16 5.79 9.96 13.67
N THR A 17 6.74 10.65 13.05
CA THR A 17 7.17 11.97 13.53
C THR A 17 6.56 13.08 12.69
N ALA A 18 6.30 12.77 11.42
CA ALA A 18 5.71 13.75 10.50
C ALA A 18 4.39 14.29 11.05
N ASP A 19 4.21 15.60 10.93
CA ASP A 19 2.99 16.25 11.41
C ASP A 19 1.78 15.79 10.60
N MET A 20 0.85 15.11 11.26
CA MET A 20 -0.34 14.61 10.59
C MET A 20 -1.54 15.51 10.92
N LYS A 21 -1.29 16.78 11.14
CA LYS A 21 -2.33 17.74 11.46
C LYS A 21 -2.89 18.38 10.19
N GLU A 22 -1.99 18.66 9.24
CA GLU A 22 -2.38 19.27 7.97
C GLU A 22 -2.39 18.24 6.85
N ALA A 23 -3.24 17.22 6.99
CA ALA A 23 -3.35 16.17 5.99
C ALA A 23 -4.54 16.41 5.07
N LYS A 24 -4.40 16.03 3.80
CA LYS A 24 -5.46 16.19 2.83
C LYS A 24 -6.58 15.17 3.04
N LEU A 25 -7.66 15.33 2.31
CA LEU A 25 -8.81 14.43 2.42
C LEU A 25 -8.40 13.00 2.09
N TYR A 26 -7.39 12.86 1.23
CA TYR A 26 -6.91 11.54 0.82
C TYR A 26 -5.99 10.94 1.90
N HIS A 27 -5.30 11.82 2.61
CA HIS A 27 -4.38 11.37 3.67
C HIS A 27 -5.11 11.26 5.01
N ARG A 28 -6.17 12.05 5.18
CA ARG A 28 -6.94 12.02 6.41
C ARG A 28 -7.92 10.85 6.42
N ARG A 29 -8.49 10.55 5.25
CA ARG A 29 -9.44 9.46 5.13
C ARG A 29 -8.78 8.12 5.47
N HIS A 30 -7.62 7.87 4.85
CA HIS A 30 -6.89 6.63 5.09
C HIS A 30 -6.16 6.66 6.44
N LYS A 31 -6.14 7.83 7.07
CA LYS A 31 -5.46 7.99 8.36
C LYS A 31 -3.95 7.80 8.21
N VAL A 32 -3.43 8.16 7.05
CA VAL A 32 -2.00 8.04 6.78
C VAL A 32 -1.44 9.33 6.20
N CYS A 33 -0.21 9.66 6.59
CA CYS A 33 0.43 10.88 6.10
C CYS A 33 1.24 10.60 4.84
N GLU A 34 1.75 11.65 4.21
CA GLU A 34 2.53 11.51 2.98
C GLU A 34 3.84 10.76 3.25
N VAL A 35 4.43 10.99 4.42
CA VAL A 35 5.68 10.34 4.79
C VAL A 35 5.54 8.82 4.75
N HIS A 36 4.36 8.32 5.12
CA HIS A 36 4.10 6.89 5.13
C HIS A 36 3.33 6.46 3.89
N ALA A 37 2.54 7.38 3.35
CA ALA A 37 1.75 7.10 2.16
C ALA A 37 2.64 6.90 0.93
N LYS A 38 3.77 7.59 0.92
CA LYS A 38 4.71 7.50 -0.19
C LYS A 38 5.76 6.42 0.07
N ALA A 39 6.16 6.29 1.34
CA ALA A 39 7.16 5.30 1.72
C ALA A 39 6.70 3.89 1.35
N SER A 40 7.57 3.14 0.69
CA SER A 40 7.26 1.77 0.29
C SER A 40 7.90 0.77 1.25
N SER A 41 7.94 1.11 2.52
CA SER A 41 8.53 0.24 3.53
C SER A 41 8.38 0.86 4.92
N VAL A 42 7.19 0.73 5.50
CA VAL A 42 6.94 1.27 6.83
C VAL A 42 7.27 0.24 7.92
N PHE A 43 7.52 0.73 9.12
CA PHE A 43 7.84 -0.14 10.25
C PHE A 43 6.63 -0.33 11.16
N LEU A 44 5.62 -1.02 10.65
CA LEU A 44 4.40 -1.27 11.41
C LEU A 44 4.49 -2.60 12.17
N SER A 45 4.33 -2.53 13.48
CA SER A 45 4.39 -3.73 14.32
C SER A 45 5.76 -4.40 14.20
N GLY A 46 6.80 -3.60 14.00
CA GLY A 46 8.14 -4.13 13.87
C GLY A 46 8.31 -4.97 12.61
N LEU A 47 7.64 -4.57 11.54
CA LEU A 47 7.73 -5.29 10.28
C LEU A 47 7.66 -4.33 9.10
N ASN A 48 8.23 -4.74 7.97
CA ASN A 48 8.23 -3.91 6.77
C ASN A 48 6.94 -4.09 5.98
N GLN A 49 6.14 -3.03 5.91
CA GLN A 49 4.88 -3.09 5.19
C GLN A 49 4.80 -1.96 4.15
N ARG A 50 4.25 -2.28 2.98
CA ARG A 50 4.12 -1.29 1.91
C ARG A 50 2.65 -0.94 1.68
N PHE A 51 2.35 0.35 1.75
CA PHE A 51 0.98 0.82 1.55
C PHE A 51 0.46 0.41 0.17
N CYS A 52 -0.23 -0.73 0.11
CA CYS A 52 -0.78 -1.22 -1.14
C CYS A 52 -2.04 -0.45 -1.52
N GLN A 53 -1.88 0.48 -2.47
CA GLN A 53 -3.01 1.29 -2.93
C GLN A 53 -4.04 0.41 -3.65
N GLN A 54 -3.59 -0.71 -4.20
CA GLN A 54 -4.47 -1.62 -4.93
C GLN A 54 -5.61 -2.09 -4.03
N CYS A 55 -5.30 -2.36 -2.77
CA CYS A 55 -6.31 -2.83 -1.82
C CYS A 55 -6.52 -1.81 -0.70
N SER A 56 -5.95 -0.61 -0.86
CA SER A 56 -6.07 0.45 0.13
C SER A 56 -5.63 -0.02 1.52
N ARG A 57 -4.93 -1.14 1.58
CA ARG A 57 -4.46 -1.67 2.86
C ARG A 57 -2.96 -1.94 2.81
N PHE A 58 -2.37 -2.21 3.97
CA PHE A 58 -0.93 -2.48 4.04
C PHE A 58 -0.65 -3.96 3.79
N HIS A 59 0.50 -4.23 3.18
CA HIS A 59 0.90 -5.60 2.89
C HIS A 59 2.35 -5.86 3.31
N ASP A 60 2.64 -7.10 3.67
CA ASP A 60 3.99 -7.47 4.10
C ASP A 60 5.00 -7.18 3.00
N LEU A 61 6.25 -6.92 3.40
CA LEU A 61 7.31 -6.63 2.45
C LEU A 61 7.48 -7.79 1.46
N GLN A 62 7.05 -8.98 1.86
CA GLN A 62 7.16 -10.16 1.00
C GLN A 62 5.92 -10.31 0.12
N GLU A 63 5.43 -9.20 -0.42
CA GLU A 63 4.25 -9.23 -1.28
C GLU A 63 4.42 -8.28 -2.46
N PHE A 64 5.66 -8.01 -2.84
CA PHE A 64 5.95 -7.12 -3.95
C PHE A 64 7.26 -7.51 -4.63
N ASP A 65 7.16 -8.30 -5.71
CA ASP A 65 8.33 -8.75 -6.45
C ASP A 65 8.39 -8.10 -7.82
N GLU A 66 9.50 -8.31 -8.52
CA GLU A 66 9.67 -7.75 -9.85
C GLU A 66 9.62 -6.23 -9.82
N ALA A 67 9.72 -5.60 -10.98
CA ALA A 67 9.68 -4.15 -11.08
C ALA A 67 8.25 -3.63 -10.96
N LYS A 68 7.65 -3.87 -9.80
CA LYS A 68 6.28 -3.43 -9.55
C LYS A 68 6.18 -2.73 -8.20
N ARG A 69 5.27 -1.76 -8.10
CA ARG A 69 5.07 -1.02 -6.86
C ARG A 69 3.63 -1.16 -6.37
N SER A 70 3.07 -2.35 -6.53
CA SER A 70 1.70 -2.62 -6.10
C SER A 70 1.42 -4.11 -6.04
N CYS A 71 0.21 -4.47 -5.61
CA CYS A 71 -0.19 -5.86 -5.50
C CYS A 71 -0.08 -6.56 -6.85
N ARG A 72 0.07 -7.89 -6.80
CA ARG A 72 0.20 -8.68 -8.03
C ARG A 72 -1.08 -9.49 -8.28
N ARG A 73 -2.21 -8.97 -7.82
CA ARG A 73 -3.49 -9.64 -8.01
C ARG A 73 -4.15 -9.21 -9.30
N ARG A 74 -4.12 -7.91 -9.58
CA ARG A 74 -4.70 -7.35 -10.78
C ARG A 74 -3.64 -6.78 -11.71
N LEU A 75 -2.60 -6.19 -11.12
CA LEU A 75 -1.52 -5.61 -11.89
C LEU A 75 -0.84 -6.67 -12.76
N ALA A 76 -0.67 -7.87 -12.21
CA ALA A 76 -0.04 -8.96 -12.94
C ALA A 76 -0.87 -9.35 -14.15
N GLY A 77 -0.40 -8.97 -15.34
CA GLY A 77 -1.10 -9.29 -16.56
C GLY A 77 -0.39 -10.37 -17.37
N HIS A 78 -0.74 -10.45 -18.65
CA HIS A 78 -0.13 -11.44 -19.54
C HIS A 78 0.73 -10.75 -20.59
N ASN A 79 2.01 -10.58 -20.27
CA ASN A 79 2.95 -9.94 -21.19
C ASN A 79 4.25 -10.73 -21.27
N GLU A 80 4.24 -11.80 -22.06
CA GLU A 80 5.43 -12.63 -22.23
C GLU A 80 5.36 -13.41 -23.53
N ARG A 81 6.48 -13.45 -24.25
CA ARG A 81 6.55 -14.16 -25.53
C ARG A 81 7.97 -14.11 -26.09
N ARG A 82 8.50 -12.90 -26.24
CA ARG A 82 9.85 -12.72 -26.76
C ARG A 82 10.77 -12.12 -25.72
N ARG A 83 11.87 -12.82 -25.43
CA ARG A 83 12.84 -12.35 -24.44
C ARG A 83 13.86 -11.42 -25.08
N LYS A 84 14.59 -10.69 -24.25
CA LYS A 84 15.61 -9.78 -24.74
C LYS A 84 16.73 -9.60 -23.71
N SER A 85 16.34 -9.39 -22.46
CA SER A 85 17.31 -9.20 -21.38
C SER A 85 18.03 -10.51 -21.08
N SER A 86 18.99 -10.44 -20.15
CA SER A 86 19.76 -11.63 -19.77
C SER A 86 18.95 -12.52 -18.84
N GLY A 87 18.68 -12.02 -17.63
CA GLY A 87 17.91 -12.79 -16.67
C GLY A 87 18.12 -12.31 -15.25
N GLU A 88 18.11 -10.99 -15.07
CA GLU A 88 18.30 -10.39 -13.75
C GLU A 88 17.03 -9.67 -13.31
ZN ZN B . 2.74 8.90 9.30
ZN ZN C . -2.95 -5.62 -2.08
N LEU A 8 -1.31 16.06 15.06
CA LEU A 8 -2.46 15.16 15.36
C LEU A 8 -2.13 13.71 15.06
N ARG A 9 -2.31 12.84 16.04
CA ARG A 9 -2.02 11.42 15.89
C ARG A 9 -3.13 10.73 15.08
N LEU A 10 -3.05 10.85 13.76
CA LEU A 10 -4.05 10.24 12.89
C LEU A 10 -3.44 9.11 12.08
N CYS A 11 -2.15 9.23 11.78
CA CYS A 11 -1.45 8.21 11.01
C CYS A 11 -1.52 6.85 11.69
N GLN A 12 -1.87 5.82 10.93
CA GLN A 12 -1.99 4.47 11.46
C GLN A 12 -0.61 3.92 11.85
N VAL A 13 0.41 4.37 11.13
CA VAL A 13 1.77 3.92 11.40
C VAL A 13 2.21 4.30 12.81
N ASP A 14 2.97 3.41 13.45
CA ASP A 14 3.45 3.65 14.80
C ASP A 14 4.77 4.41 14.79
N ARG A 15 5.10 5.04 15.91
CA ARG A 15 6.34 5.80 16.03
C ARG A 15 6.35 7.00 15.08
N CYS A 16 5.17 7.38 14.59
CA CYS A 16 5.05 8.52 13.68
C CYS A 16 4.82 9.81 14.45
N THR A 17 5.86 10.63 14.55
CA THR A 17 5.77 11.90 15.27
C THR A 17 5.54 13.06 14.31
N ALA A 18 4.87 12.77 13.19
CA ALA A 18 4.58 13.80 12.20
C ALA A 18 3.25 14.49 12.49
N ASP A 19 3.07 15.69 11.95
CA ASP A 19 1.85 16.45 12.16
C ASP A 19 0.93 16.34 10.94
N MET A 20 -0.37 16.35 11.19
CA MET A 20 -1.36 16.25 10.11
C MET A 20 -2.47 17.25 10.30
N LYS A 21 -2.13 18.43 10.83
CA LYS A 21 -3.11 19.49 11.06
C LYS A 21 -3.79 19.90 9.77
N GLU A 22 -3.00 19.97 8.69
CA GLU A 22 -3.52 20.37 7.39
C GLU A 22 -3.22 19.30 6.34
N ALA A 23 -3.92 18.17 6.44
CA ALA A 23 -3.72 17.07 5.50
C ALA A 23 -4.91 16.92 4.56
N LYS A 24 -4.65 16.43 3.36
CA LYS A 24 -5.71 16.25 2.37
C LYS A 24 -6.55 15.02 2.69
N LEU A 25 -7.60 14.80 1.90
CA LEU A 25 -8.49 13.66 2.10
C LEU A 25 -7.81 12.35 1.70
N TYR A 26 -6.69 12.46 0.98
CA TYR A 26 -5.95 11.28 0.53
C TYR A 26 -5.10 10.70 1.66
N HIS A 27 -4.68 11.55 2.59
CA HIS A 27 -3.87 11.12 3.72
C HIS A 27 -4.73 10.91 4.96
N ARG A 28 -5.82 11.66 5.06
CA ARG A 28 -6.72 11.56 6.21
C ARG A 28 -7.65 10.36 6.05
N ARG A 29 -8.03 10.07 4.81
CA ARG A 29 -8.93 8.95 4.53
C ARG A 29 -8.19 7.62 4.66
N HIS A 30 -6.92 7.62 4.28
CA HIS A 30 -6.10 6.41 4.36
C HIS A 30 -5.36 6.32 5.69
N LYS A 31 -5.34 7.42 6.44
CA LYS A 31 -4.66 7.47 7.73
C LYS A 31 -3.16 7.26 7.56
N VAL A 32 -2.63 7.73 6.43
CA VAL A 32 -1.20 7.61 6.15
C VAL A 32 -0.64 8.93 5.63
N CYS A 33 0.33 9.47 6.36
CA CYS A 33 0.96 10.74 5.98
C CYS A 33 1.86 10.55 4.76
N GLU A 34 2.39 11.65 4.25
CA GLU A 34 3.26 11.60 3.08
C GLU A 34 4.59 10.94 3.42
N VAL A 35 5.06 11.16 4.65
CA VAL A 35 6.32 10.58 5.09
C VAL A 35 6.29 9.06 5.02
N HIS A 36 5.11 8.48 5.19
CA HIS A 36 4.95 7.03 5.13
C HIS A 36 4.30 6.60 3.81
N ALA A 37 3.49 7.48 3.25
CA ALA A 37 2.82 7.19 1.99
C ALA A 37 3.80 7.13 0.83
N LYS A 38 4.85 7.94 0.90
CA LYS A 38 5.87 7.97 -0.14
C LYS A 38 7.06 7.09 0.22
N ALA A 39 7.26 6.87 1.52
CA ALA A 39 8.36 6.04 1.99
C ALA A 39 8.31 4.64 1.38
N SER A 40 7.13 4.23 0.93
CA SER A 40 6.95 2.92 0.32
C SER A 40 7.07 1.82 1.36
N SER A 41 8.26 1.66 1.91
CA SER A 41 8.51 0.64 2.92
C SER A 41 8.54 1.25 4.32
N VAL A 42 7.77 0.68 5.23
CA VAL A 42 7.70 1.18 6.60
C VAL A 42 7.97 0.06 7.60
N PHE A 43 8.38 0.42 8.80
CA PHE A 43 8.68 -0.55 9.84
C PHE A 43 7.48 -0.72 10.77
N LEU A 44 6.52 -1.54 10.35
CA LEU A 44 5.33 -1.79 11.14
C LEU A 44 5.45 -3.10 11.92
N SER A 45 5.30 -3.01 13.24
CA SER A 45 5.39 -4.18 14.10
C SER A 45 6.73 -4.90 13.93
N GLY A 46 7.74 -4.14 13.51
CA GLY A 46 9.06 -4.71 13.32
C GLY A 46 9.31 -5.16 11.89
N LEU A 47 8.27 -5.68 11.25
CA LEU A 47 8.37 -6.15 9.87
C LEU A 47 8.24 -5.00 8.88
N ASN A 48 8.48 -5.28 7.61
CA ASN A 48 8.39 -4.26 6.57
C ASN A 48 7.14 -4.48 5.71
N GLN A 49 6.26 -3.49 5.70
CA GLN A 49 5.03 -3.57 4.91
C GLN A 49 4.84 -2.31 4.07
N ARG A 50 4.39 -2.50 2.83
CA ARG A 50 4.16 -1.38 1.93
C ARG A 50 2.69 -0.98 1.93
N PHE A 51 2.43 0.29 1.61
CA PHE A 51 1.07 0.81 1.58
C PHE A 51 0.36 0.37 0.30
N CYS A 52 -0.62 -0.52 0.45
CA CYS A 52 -1.38 -1.01 -0.69
C CYS A 52 -2.62 -0.15 -0.94
N GLN A 53 -2.51 0.75 -1.89
CA GLN A 53 -3.63 1.64 -2.23
C GLN A 53 -4.82 0.83 -2.76
N GLN A 54 -4.53 -0.32 -3.35
CA GLN A 54 -5.57 -1.18 -3.89
C GLN A 54 -6.57 -1.59 -2.81
N CYS A 55 -6.06 -1.89 -1.62
CA CYS A 55 -6.91 -2.28 -0.51
C CYS A 55 -6.88 -1.24 0.61
N SER A 56 -6.40 -0.04 0.29
CA SER A 56 -6.31 1.04 1.27
C SER A 56 -5.66 0.60 2.58
N ARG A 57 -4.91 -0.50 2.53
CA ARG A 57 -4.23 -1.01 3.71
C ARG A 57 -2.79 -1.41 3.39
N PHE A 58 -2.08 -1.92 4.39
CA PHE A 58 -0.70 -2.33 4.22
C PHE A 58 -0.60 -3.83 3.93
N HIS A 59 0.53 -4.25 3.38
CA HIS A 59 0.75 -5.65 3.06
C HIS A 59 2.22 -6.03 3.27
N ASP A 60 2.44 -7.29 3.63
CA ASP A 60 3.80 -7.79 3.87
C ASP A 60 4.67 -7.60 2.63
N LEU A 61 5.97 -7.48 2.86
CA LEU A 61 6.93 -7.30 1.76
C LEU A 61 6.96 -8.53 0.86
N GLN A 62 6.65 -9.70 1.43
CA GLN A 62 6.65 -10.94 0.68
C GLN A 62 5.33 -11.14 -0.07
N GLU A 63 4.44 -10.16 -0.01
CA GLU A 63 3.15 -10.24 -0.67
C GLU A 63 3.26 -9.74 -2.12
N PHE A 64 4.07 -8.69 -2.31
CA PHE A 64 4.26 -8.11 -3.63
C PHE A 64 5.27 -8.90 -4.44
N ASP A 65 5.11 -8.92 -5.76
CA ASP A 65 6.02 -9.64 -6.64
C ASP A 65 7.22 -8.77 -7.02
N GLU A 66 8.41 -9.30 -6.79
CA GLU A 66 9.64 -8.57 -7.10
C GLU A 66 9.76 -7.32 -6.25
N ALA A 67 9.06 -6.27 -6.66
CA ALA A 67 9.08 -5.01 -5.94
C ALA A 67 7.97 -4.07 -6.41
N LYS A 68 6.83 -4.66 -6.77
CA LYS A 68 5.69 -3.88 -7.24
C LYS A 68 5.25 -2.87 -6.19
N ARG A 69 4.46 -1.89 -6.61
CA ARG A 69 3.96 -0.86 -5.71
C ARG A 69 2.46 -1.00 -5.47
N SER A 70 1.95 -2.23 -5.64
CA SER A 70 0.53 -2.49 -5.45
C SER A 70 0.27 -3.99 -5.29
N CYS A 71 -0.94 -4.33 -4.87
CA CYS A 71 -1.33 -5.72 -4.67
C CYS A 71 -1.12 -6.53 -5.96
N ARG A 72 -1.42 -7.82 -5.90
CA ARG A 72 -1.26 -8.70 -7.05
C ARG A 72 -2.51 -9.56 -7.26
N ARG A 73 -3.66 -9.04 -6.87
CA ARG A 73 -4.92 -9.75 -7.01
C ARG A 73 -5.57 -9.44 -8.35
N ARG A 74 -5.99 -8.19 -8.51
CA ARG A 74 -6.62 -7.75 -9.75
C ARG A 74 -5.69 -6.87 -10.56
N LEU A 75 -4.81 -6.15 -9.86
CA LEU A 75 -3.86 -5.26 -10.53
C LEU A 75 -2.98 -6.04 -11.50
N ALA A 76 -2.56 -7.23 -11.09
CA ALA A 76 -1.71 -8.07 -11.93
C ALA A 76 -2.53 -8.75 -13.03
N GLY A 77 -2.76 -8.02 -14.12
CA GLY A 77 -3.52 -8.55 -15.22
C GLY A 77 -2.64 -8.99 -16.38
N HIS A 78 -2.82 -10.22 -16.84
CA HIS A 78 -2.04 -10.75 -17.95
C HIS A 78 -2.73 -10.47 -19.27
N ASN A 79 -2.15 -9.56 -20.06
CA ASN A 79 -2.71 -9.21 -21.36
C ASN A 79 -1.63 -8.70 -22.30
N GLU A 80 -1.39 -9.44 -23.38
CA GLU A 80 -0.38 -9.07 -24.36
C GLU A 80 -1.02 -8.49 -25.62
N ARG A 81 -2.17 -7.84 -25.43
CA ARG A 81 -2.88 -7.24 -26.55
C ARG A 81 -3.50 -5.90 -26.16
N ARG A 82 -3.09 -4.84 -26.84
CA ARG A 82 -3.61 -3.51 -26.56
C ARG A 82 -4.88 -3.24 -27.33
N ARG A 83 -5.64 -2.24 -26.89
CA ARG A 83 -6.90 -1.88 -27.54
C ARG A 83 -7.09 -0.37 -27.55
N LYS A 84 -6.00 0.37 -27.68
CA LYS A 84 -6.05 1.82 -27.70
C LYS A 84 -5.81 2.35 -29.11
N SER A 85 -6.20 1.57 -30.10
CA SER A 85 -6.03 1.97 -31.50
C SER A 85 -7.28 2.66 -32.03
N SER A 86 -7.11 3.40 -33.13
CA SER A 86 -8.23 4.11 -33.73
C SER A 86 -8.31 3.82 -35.23
N GLY A 87 -9.20 2.90 -35.60
CA GLY A 87 -9.37 2.54 -37.00
C GLY A 87 -8.54 1.32 -37.38
N GLU A 88 -7.30 1.28 -36.91
CA GLU A 88 -6.41 0.16 -37.20
C GLU A 88 -6.95 -1.13 -36.60
ZN ZN B . 3.12 8.68 9.27
ZN ZN C . -3.84 -5.32 -1.25
N LEU A 8 -2.64 16.87 14.57
CA LEU A 8 -3.54 15.79 15.04
C LEU A 8 -2.88 14.43 14.93
N ARG A 9 -3.29 13.50 15.79
CA ARG A 9 -2.73 12.16 15.79
C ARG A 9 -3.78 11.12 15.42
N LEU A 10 -3.75 10.67 14.17
CA LEU A 10 -4.71 9.68 13.68
C LEU A 10 -4.03 8.69 12.73
N CYS A 11 -2.71 8.56 12.85
CA CYS A 11 -1.95 7.65 12.00
C CYS A 11 -1.87 6.27 12.64
N GLN A 12 -1.91 5.23 11.81
CA GLN A 12 -1.82 3.86 12.29
C GLN A 12 -0.37 3.38 12.36
N VAL A 13 0.46 3.93 11.48
CA VAL A 13 1.88 3.57 11.44
C VAL A 13 2.56 3.83 12.78
N ASP A 14 3.48 2.96 13.15
CA ASP A 14 4.20 3.10 14.41
C ASP A 14 5.47 3.93 14.22
N ARG A 15 5.95 4.53 15.31
CA ARG A 15 7.16 5.34 15.27
C ARG A 15 6.96 6.55 14.34
N CYS A 16 5.72 6.98 14.20
CA CYS A 16 5.40 8.12 13.34
C CYS A 16 5.73 9.44 14.05
N THR A 17 6.48 10.30 13.36
CA THR A 17 6.85 11.59 13.92
C THR A 17 6.20 12.75 13.16
N ALA A 18 5.81 12.48 11.91
CA ALA A 18 5.17 13.50 11.09
C ALA A 18 3.85 13.96 11.70
N ASP A 19 3.56 15.25 11.55
CA ASP A 19 2.32 15.82 12.09
C ASP A 19 1.19 15.75 11.06
N MET A 20 0.00 15.39 11.52
CA MET A 20 -1.15 15.29 10.64
C MET A 20 -2.11 16.46 10.86
N LYS A 21 -1.56 17.60 11.22
CA LYS A 21 -2.37 18.80 11.47
C LYS A 21 -2.78 19.45 10.15
N GLU A 22 -1.93 19.33 9.14
CA GLU A 22 -2.20 19.90 7.83
C GLU A 22 -1.97 18.88 6.73
N ALA A 23 -2.93 17.97 6.55
CA ALA A 23 -2.82 16.93 5.53
C ALA A 23 -3.92 17.10 4.48
N LYS A 24 -3.67 16.57 3.29
CA LYS A 24 -4.64 16.66 2.20
C LYS A 24 -5.91 15.89 2.54
N LEU A 25 -7.01 16.24 1.87
CA LEU A 25 -8.29 15.58 2.10
C LEU A 25 -8.20 14.08 1.86
N TYR A 26 -7.25 13.67 1.02
CA TYR A 26 -7.06 12.26 0.71
C TYR A 26 -6.27 11.56 1.81
N HIS A 27 -5.43 12.32 2.50
CA HIS A 27 -4.62 11.77 3.59
C HIS A 27 -5.27 12.05 4.94
N ARG A 28 -6.59 12.00 4.98
CA ARG A 28 -7.33 12.26 6.22
C ARG A 28 -8.17 11.05 6.59
N ARG A 29 -9.22 10.79 5.80
CA ARG A 29 -10.10 9.66 6.05
C ARG A 29 -9.33 8.35 6.08
N HIS A 30 -8.26 8.28 5.29
CA HIS A 30 -7.43 7.10 5.22
C HIS A 30 -6.59 6.93 6.48
N LYS A 31 -6.40 8.02 7.21
CA LYS A 31 -5.62 7.99 8.45
C LYS A 31 -4.18 7.57 8.16
N VAL A 32 -3.58 8.18 7.13
CA VAL A 32 -2.21 7.86 6.76
C VAL A 32 -1.50 9.10 6.20
N CYS A 33 -0.22 9.22 6.50
CA CYS A 33 0.58 10.34 6.03
C CYS A 33 1.03 10.14 4.58
N GLU A 34 1.31 11.24 3.89
CA GLU A 34 1.76 11.18 2.51
C GLU A 34 3.07 10.40 2.40
N VAL A 35 3.97 10.65 3.35
CA VAL A 35 5.26 9.98 3.37
C VAL A 35 5.10 8.50 3.71
N HIS A 36 4.09 8.20 4.51
CA HIS A 36 3.83 6.82 4.92
C HIS A 36 3.03 6.08 3.86
N ALA A 37 2.20 6.82 3.12
CA ALA A 37 1.38 6.23 2.07
C ALA A 37 2.10 6.23 0.72
N LYS A 38 3.40 6.52 0.74
CA LYS A 38 4.19 6.54 -0.48
C LYS A 38 5.65 6.20 -0.20
N ALA A 39 5.87 5.40 0.84
CA ALA A 39 7.22 4.99 1.22
C ALA A 39 7.61 3.70 0.51
N SER A 40 8.84 3.25 0.74
CA SER A 40 9.35 2.03 0.13
C SER A 40 9.24 0.86 1.09
N SER A 41 9.36 1.14 2.39
CA SER A 41 9.27 0.11 3.41
C SER A 41 9.11 0.73 4.79
N VAL A 42 7.87 0.87 5.23
CA VAL A 42 7.57 1.45 6.54
C VAL A 42 7.76 0.42 7.65
N PHE A 43 7.98 0.91 8.86
CA PHE A 43 8.18 0.04 10.01
C PHE A 43 6.86 -0.21 10.75
N LEU A 44 6.54 -1.48 10.96
CA LEU A 44 5.31 -1.85 11.65
C LEU A 44 5.52 -3.09 12.51
N SER A 45 5.47 -2.91 13.84
CA SER A 45 5.66 -4.01 14.77
C SER A 45 7.04 -4.65 14.59
N GLY A 46 7.98 -3.89 14.04
CA GLY A 46 9.32 -4.39 13.84
C GLY A 46 9.52 -4.96 12.44
N LEU A 47 8.48 -5.57 11.89
CA LEU A 47 8.55 -6.16 10.57
C LEU A 47 8.38 -5.09 9.49
N ASN A 48 8.90 -5.37 8.30
CA ASN A 48 8.81 -4.43 7.19
C ASN A 48 7.44 -4.49 6.53
N GLN A 49 6.84 -3.33 6.28
CA GLN A 49 5.53 -3.25 5.65
C GLN A 49 5.50 -2.19 4.56
N ARG A 50 4.37 -2.10 3.87
CA ARG A 50 4.21 -1.12 2.80
C ARG A 50 2.74 -0.86 2.51
N PHE A 51 2.47 0.25 1.83
CA PHE A 51 1.09 0.62 1.50
C PHE A 51 0.69 0.03 0.14
N CYS A 52 -0.56 -0.43 0.05
CA CYS A 52 -1.07 -1.01 -1.18
C CYS A 52 -2.21 -0.17 -1.75
N GLN A 53 -1.90 0.64 -2.76
CA GLN A 53 -2.90 1.49 -3.39
C GLN A 53 -4.01 0.65 -4.00
N GLN A 54 -3.69 -0.59 -4.36
CA GLN A 54 -4.67 -1.49 -4.97
C GLN A 54 -5.87 -1.69 -4.05
N CYS A 55 -5.61 -1.95 -2.78
CA CYS A 55 -6.68 -2.16 -1.79
C CYS A 55 -6.64 -1.08 -0.71
N SER A 56 -5.90 -0.01 -0.96
CA SER A 56 -5.79 1.09 0.01
C SER A 56 -5.52 0.56 1.42
N ARG A 57 -4.96 -0.64 1.51
CA ARG A 57 -4.65 -1.24 2.81
C ARG A 57 -3.15 -1.31 3.03
N PHE A 58 -2.75 -1.95 4.13
CA PHE A 58 -1.34 -2.09 4.46
C PHE A 58 -0.94 -3.56 4.46
N HIS A 59 -0.21 -3.97 3.43
CA HIS A 59 0.24 -5.35 3.31
C HIS A 59 1.73 -5.47 3.63
N ASP A 60 2.15 -6.69 3.98
CA ASP A 60 3.55 -6.94 4.32
C ASP A 60 4.48 -6.51 3.19
N LEU A 61 5.76 -6.35 3.51
CA LEU A 61 6.76 -5.94 2.52
C LEU A 61 7.02 -7.06 1.53
N GLN A 62 6.78 -8.30 1.95
CA GLN A 62 7.00 -9.46 1.08
C GLN A 62 6.27 -9.29 -0.25
N GLU A 63 5.20 -8.52 -0.24
CA GLU A 63 4.42 -8.27 -1.45
C GLU A 63 5.10 -7.23 -2.33
N PHE A 64 5.81 -6.29 -1.70
CA PHE A 64 6.50 -5.23 -2.42
C PHE A 64 7.99 -5.52 -2.51
N ASP A 65 8.35 -6.81 -2.51
CA ASP A 65 9.74 -7.22 -2.59
C ASP A 65 10.12 -7.62 -4.01
N GLU A 66 11.42 -7.62 -4.29
CA GLU A 66 11.92 -7.99 -5.61
C GLU A 66 11.41 -7.02 -6.68
N ALA A 67 10.18 -7.23 -7.12
CA ALA A 67 9.57 -6.38 -8.13
C ALA A 67 8.09 -6.13 -7.83
N LYS A 68 7.44 -5.38 -8.71
CA LYS A 68 6.03 -5.06 -8.53
C LYS A 68 5.79 -4.29 -7.23
N ARG A 69 5.39 -3.04 -7.35
CA ARG A 69 5.13 -2.20 -6.19
C ARG A 69 3.63 -2.17 -5.87
N SER A 70 2.97 -3.30 -6.08
CA SER A 70 1.54 -3.39 -5.82
C SER A 70 1.17 -4.78 -5.31
N CYS A 71 -0.13 -5.03 -5.15
CA CYS A 71 -0.62 -6.32 -4.68
C CYS A 71 -0.37 -7.40 -5.73
N ARG A 72 -0.69 -8.64 -5.37
CA ARG A 72 -0.51 -9.76 -6.28
C ARG A 72 -1.78 -10.58 -6.44
N ARG A 73 -2.93 -9.97 -6.10
CA ARG A 73 -4.22 -10.64 -6.19
C ARG A 73 -4.84 -10.40 -7.57
N ARG A 74 -5.22 -9.16 -7.82
CA ARG A 74 -5.84 -8.79 -9.09
C ARG A 74 -4.81 -8.18 -10.04
N LEU A 75 -3.82 -7.50 -9.48
CA LEU A 75 -2.79 -6.86 -10.27
C LEU A 75 -2.05 -7.88 -11.13
N ALA A 76 -1.79 -9.06 -10.55
CA ALA A 76 -1.10 -10.13 -11.26
C ALA A 76 -1.87 -10.55 -12.50
N GLY A 77 -1.57 -9.89 -13.62
CA GLY A 77 -2.24 -10.21 -14.88
C GLY A 77 -1.78 -9.34 -16.02
N HIS A 78 -1.62 -9.94 -17.19
CA HIS A 78 -1.18 -9.21 -18.37
C HIS A 78 -2.28 -8.29 -18.89
N ASN A 79 -1.89 -7.31 -19.69
CA ASN A 79 -2.85 -6.36 -20.26
C ASN A 79 -2.75 -6.31 -21.77
N GLU A 80 -3.46 -7.21 -22.45
CA GLU A 80 -3.45 -7.27 -23.90
C GLU A 80 -4.84 -7.55 -24.45
N ARG A 81 -5.55 -6.49 -24.80
CA ARG A 81 -6.90 -6.62 -25.34
C ARG A 81 -6.87 -6.73 -26.86
N ARG A 82 -6.00 -5.95 -27.49
CA ARG A 82 -5.87 -5.97 -28.94
C ARG A 82 -4.71 -6.86 -29.38
N ARG A 83 -4.56 -7.02 -30.69
CA ARG A 83 -3.48 -7.85 -31.23
C ARG A 83 -2.92 -7.25 -32.52
N LYS A 84 -2.47 -6.00 -32.43
CA LYS A 84 -1.91 -5.31 -33.58
C LYS A 84 -2.95 -5.18 -34.70
N SER A 85 -3.60 -4.03 -34.77
CA SER A 85 -4.60 -3.77 -35.78
C SER A 85 -4.09 -2.79 -36.84
N SER A 86 -4.00 -1.53 -36.46
CA SER A 86 -3.53 -0.49 -37.37
C SER A 86 -4.43 -0.39 -38.59
N GLY A 87 -5.48 0.41 -38.48
CA GLY A 87 -6.41 0.59 -39.58
C GLY A 87 -6.78 2.04 -39.81
N GLU A 88 -6.42 2.56 -40.97
CA GLU A 88 -6.72 3.95 -41.31
C GLU A 88 -6.06 4.90 -40.33
ZN ZN B . 2.34 8.61 9.85
ZN ZN C . -3.61 -5.20 -1.70
N LEU A 8 -2.01 16.72 14.08
CA LEU A 8 -2.20 15.80 15.23
C LEU A 8 -1.71 14.40 14.88
N ARG A 9 -1.56 13.56 15.91
CA ARG A 9 -1.10 12.19 15.71
C ARG A 9 -2.26 11.27 15.36
N LEU A 10 -2.63 11.27 14.08
CA LEU A 10 -3.73 10.43 13.60
C LEU A 10 -3.21 9.24 12.82
N CYS A 11 -1.99 9.35 12.31
CA CYS A 11 -1.38 8.27 11.53
C CYS A 11 -1.40 6.95 12.31
N GLN A 12 -1.67 5.86 11.60
CA GLN A 12 -1.72 4.54 12.22
C GLN A 12 -0.32 4.02 12.51
N VAL A 13 0.63 4.38 11.66
CA VAL A 13 2.02 3.94 11.82
C VAL A 13 2.63 4.54 13.09
N ASP A 14 3.45 3.75 13.77
CA ASP A 14 4.10 4.20 14.99
C ASP A 14 5.41 4.91 14.68
N ARG A 15 5.90 5.69 15.65
CA ARG A 15 7.14 6.42 15.47
C ARG A 15 7.05 7.42 14.33
N CYS A 16 5.83 7.82 13.98
CA CYS A 16 5.61 8.77 12.90
C CYS A 16 6.01 10.17 13.32
N THR A 17 7.02 10.72 12.64
CA THR A 17 7.50 12.06 12.95
C THR A 17 6.73 13.12 12.16
N ALA A 18 6.27 12.75 10.97
CA ALA A 18 5.52 13.66 10.12
C ALA A 18 4.25 14.14 10.82
N ASP A 19 3.97 15.43 10.72
CA ASP A 19 2.79 16.01 11.35
C ASP A 19 1.58 15.91 10.42
N MET A 20 0.39 16.04 10.99
CA MET A 20 -0.84 15.96 10.20
C MET A 20 -1.72 17.18 10.46
N LYS A 21 -1.09 18.33 10.71
CA LYS A 21 -1.82 19.56 10.98
C LYS A 21 -2.69 19.95 9.78
N GLU A 22 -2.24 19.58 8.59
CA GLU A 22 -2.98 19.88 7.37
C GLU A 22 -3.13 18.64 6.49
N ALA A 23 -4.05 17.77 6.87
CA ALA A 23 -4.29 16.54 6.12
C ALA A 23 -5.34 16.76 5.03
N LYS A 24 -5.28 15.93 3.98
CA LYS A 24 -6.23 16.04 2.88
C LYS A 24 -7.30 14.97 3.00
N LEU A 25 -8.29 15.03 2.10
CA LEU A 25 -9.38 14.06 2.10
C LEU A 25 -8.87 12.65 1.92
N TYR A 26 -7.72 12.51 1.26
CA TYR A 26 -7.12 11.21 1.02
C TYR A 26 -6.36 10.72 2.26
N HIS A 27 -5.96 11.66 3.11
CA HIS A 27 -5.23 11.32 4.33
C HIS A 27 -6.09 11.55 5.57
N ARG A 28 -7.34 11.09 5.51
CA ARG A 28 -8.27 11.24 6.62
C ARG A 28 -8.81 9.89 7.06
N ARG A 29 -9.79 9.38 6.31
CA ARG A 29 -10.40 8.09 6.63
C ARG A 29 -9.35 6.98 6.69
N HIS A 30 -8.26 7.16 5.96
CA HIS A 30 -7.18 6.17 5.93
C HIS A 30 -6.31 6.28 7.17
N LYS A 31 -6.25 7.48 7.76
CA LYS A 31 -5.46 7.71 8.95
C LYS A 31 -3.97 7.46 8.68
N VAL A 32 -3.48 8.00 7.56
CA VAL A 32 -2.09 7.84 7.19
C VAL A 32 -1.56 9.09 6.49
N CYS A 33 -0.26 9.33 6.62
CA CYS A 33 0.37 10.49 6.00
C CYS A 33 1.07 10.12 4.70
N GLU A 34 1.52 11.12 3.97
CA GLU A 34 2.20 10.89 2.70
C GLU A 34 3.55 10.21 2.93
N VAL A 35 4.22 10.56 4.02
CA VAL A 35 5.52 9.98 4.35
C VAL A 35 5.44 8.47 4.47
N HIS A 36 4.29 7.98 4.94
CA HIS A 36 4.08 6.54 5.10
C HIS A 36 3.23 5.98 3.97
N ALA A 37 2.36 6.82 3.41
CA ALA A 37 1.49 6.41 2.33
C ALA A 37 2.28 6.21 1.03
N LYS A 38 3.36 6.98 0.88
CA LYS A 38 4.19 6.90 -0.31
C LYS A 38 5.64 6.61 0.07
N ALA A 39 5.83 5.75 1.08
CA ALA A 39 7.17 5.39 1.53
C ALA A 39 7.70 4.18 0.77
N SER A 40 8.87 3.71 1.18
CA SER A 40 9.49 2.55 0.54
C SER A 40 9.39 1.31 1.43
N SER A 41 9.42 1.53 2.74
CA SER A 41 9.33 0.44 3.70
C SER A 41 9.15 0.97 5.12
N VAL A 42 8.08 0.54 5.77
CA VAL A 42 7.80 0.97 7.14
C VAL A 42 7.89 -0.20 8.12
N PHE A 43 8.11 0.11 9.39
CA PHE A 43 8.21 -0.90 10.42
C PHE A 43 6.92 -0.98 11.24
N LEU A 44 5.94 -1.71 10.73
CA LEU A 44 4.66 -1.86 11.41
C LEU A 44 4.65 -3.11 12.28
N SER A 45 4.50 -2.91 13.59
CA SER A 45 4.47 -4.03 14.52
C SER A 45 5.78 -4.82 14.47
N GLY A 46 6.87 -4.13 14.20
CA GLY A 46 8.16 -4.78 14.12
C GLY A 46 8.27 -5.69 12.91
N LEU A 47 7.54 -5.36 11.86
CA LEU A 47 7.57 -6.16 10.64
C LEU A 47 7.70 -5.26 9.40
N ASN A 48 8.03 -5.87 8.27
CA ASN A 48 8.20 -5.14 7.02
C ASN A 48 6.89 -5.10 6.24
N GLN A 49 6.35 -3.89 6.07
CA GLN A 49 5.10 -3.71 5.34
C GLN A 49 5.17 -2.50 4.42
N ARG A 50 4.34 -2.50 3.38
CA ARG A 50 4.31 -1.41 2.42
C ARG A 50 2.88 -0.98 2.13
N PHE A 51 2.68 0.33 1.97
CA PHE A 51 1.36 0.87 1.69
C PHE A 51 0.96 0.60 0.24
N CYS A 52 0.15 -0.44 0.05
CA CYS A 52 -0.31 -0.81 -1.29
C CYS A 52 -1.25 0.25 -1.85
N GLN A 53 -0.70 1.11 -2.72
CA GLN A 53 -1.48 2.17 -3.34
C GLN A 53 -2.65 1.61 -4.12
N GLN A 54 -2.52 0.36 -4.57
CA GLN A 54 -3.57 -0.30 -5.33
C GLN A 54 -4.87 -0.38 -4.54
N CYS A 55 -4.77 -0.86 -3.30
CA CYS A 55 -5.94 -0.97 -2.43
C CYS A 55 -5.89 0.04 -1.29
N SER A 56 -4.92 0.95 -1.34
CA SER A 56 -4.77 1.96 -0.30
C SER A 56 -4.63 1.33 1.09
N ARG A 57 -4.38 0.02 1.13
CA ARG A 57 -4.22 -0.69 2.39
C ARG A 57 -2.76 -0.93 2.71
N PHE A 58 -2.49 -1.64 3.80
CA PHE A 58 -1.13 -1.94 4.21
C PHE A 58 -0.83 -3.44 4.05
N HIS A 59 -0.11 -3.78 2.99
CA HIS A 59 0.25 -5.18 2.74
C HIS A 59 1.71 -5.44 3.09
N ASP A 60 1.99 -6.68 3.47
CA ASP A 60 3.35 -7.07 3.85
C ASP A 60 4.30 -6.93 2.67
N LEU A 61 5.59 -6.83 2.96
CA LEU A 61 6.61 -6.69 1.92
C LEU A 61 6.71 -7.96 1.10
N GLN A 62 6.47 -9.10 1.73
CA GLN A 62 6.54 -10.39 1.05
C GLN A 62 5.52 -10.46 -0.09
N GLU A 63 4.47 -9.66 0.01
CA GLU A 63 3.42 -9.64 -1.01
C GLU A 63 3.84 -8.79 -2.21
N PHE A 64 4.66 -7.77 -1.94
CA PHE A 64 5.14 -6.88 -3.00
C PHE A 64 6.03 -7.63 -3.97
N ASP A 65 6.85 -8.54 -3.44
CA ASP A 65 7.76 -9.33 -4.27
C ASP A 65 8.71 -8.42 -5.04
N GLU A 66 9.79 -9.01 -5.56
CA GLU A 66 10.79 -8.26 -6.31
C GLU A 66 10.24 -7.88 -7.69
N ALA A 67 9.47 -8.77 -8.28
CA ALA A 67 8.89 -8.53 -9.60
C ALA A 67 7.73 -7.53 -9.52
N LYS A 68 6.82 -7.75 -8.58
CA LYS A 68 5.68 -6.87 -8.39
C LYS A 68 6.03 -5.71 -7.47
N ARG A 69 5.14 -4.73 -7.41
CA ARG A 69 5.36 -3.56 -6.55
C ARG A 69 4.03 -2.88 -6.22
N SER A 70 3.01 -3.69 -5.95
CA SER A 70 1.69 -3.16 -5.62
C SER A 70 0.80 -4.25 -5.04
N CYS A 71 0.26 -5.09 -5.92
CA CYS A 71 -0.62 -6.18 -5.51
C CYS A 71 -0.75 -7.22 -6.62
N ARG A 72 -1.63 -8.18 -6.42
CA ARG A 72 -1.86 -9.23 -7.41
C ARG A 72 -3.05 -8.90 -8.29
N ARG A 73 -4.14 -8.46 -7.66
CA ARG A 73 -5.35 -8.11 -8.40
C ARG A 73 -5.07 -7.01 -9.42
N ARG A 74 -5.40 -7.28 -10.68
CA ARG A 74 -5.19 -6.33 -11.76
C ARG A 74 -3.71 -6.25 -12.14
N LEU A 75 -2.88 -5.85 -11.19
CA LEU A 75 -1.45 -5.72 -11.42
C LEU A 75 -0.89 -6.97 -12.11
N ALA A 76 -1.32 -8.13 -11.66
CA ALA A 76 -0.87 -9.39 -12.24
C ALA A 76 -1.46 -9.61 -13.63
N GLY A 77 -0.59 -9.64 -14.64
CA GLY A 77 -1.05 -9.83 -16.01
C GLY A 77 0.09 -9.82 -17.01
N HIS A 78 0.97 -10.81 -16.91
CA HIS A 78 2.11 -10.92 -17.81
C HIS A 78 2.00 -12.15 -18.71
N ASN A 79 1.58 -11.93 -19.95
CA ASN A 79 1.42 -13.02 -20.90
C ASN A 79 1.55 -12.53 -22.33
N GLU A 80 2.36 -11.50 -22.53
CA GLU A 80 2.56 -10.91 -23.86
C GLU A 80 3.87 -11.41 -24.46
N ARG A 81 3.96 -11.33 -25.79
CA ARG A 81 5.17 -11.76 -26.49
C ARG A 81 5.35 -10.97 -27.78
N ARG A 82 6.54 -10.39 -27.94
CA ARG A 82 6.86 -9.60 -29.13
C ARG A 82 7.81 -10.36 -30.05
N ARG A 83 7.75 -10.05 -31.34
CA ARG A 83 8.61 -10.70 -32.32
C ARG A 83 9.50 -9.68 -33.02
N LYS A 84 10.73 -10.09 -33.34
CA LYS A 84 11.67 -9.21 -34.02
C LYS A 84 11.68 -9.47 -35.52
N SER A 85 12.53 -8.73 -36.23
CA SER A 85 12.63 -8.88 -37.68
C SER A 85 14.08 -8.74 -38.15
N SER A 86 14.75 -7.69 -37.67
CA SER A 86 16.13 -7.44 -38.04
C SER A 86 17.07 -8.33 -37.23
N GLY A 87 18.07 -8.90 -37.91
CA GLY A 87 19.02 -9.76 -37.24
C GLY A 87 20.38 -9.12 -37.10
N GLU A 88 20.95 -8.68 -38.22
CA GLU A 88 22.27 -8.05 -38.22
C GLU A 88 22.21 -6.69 -37.54
ZN ZN B . 2.91 8.73 9.15
ZN ZN C . -3.38 -4.45 -2.39
N LEU A 8 -1.20 16.42 15.71
CA LEU A 8 -2.34 15.51 15.99
C LEU A 8 -2.03 14.08 15.53
N ARG A 9 -2.03 13.16 16.47
CA ARG A 9 -1.75 11.75 16.17
C ARG A 9 -2.91 11.12 15.41
N LEU A 10 -2.84 11.17 14.08
CA LEU A 10 -3.88 10.61 13.24
C LEU A 10 -3.37 9.42 12.43
N CYS A 11 -2.09 9.48 12.05
CA CYS A 11 -1.47 8.40 11.29
C CYS A 11 -1.57 7.07 12.02
N GLN A 12 -1.82 6.00 11.27
CA GLN A 12 -1.93 4.68 11.86
C GLN A 12 -0.57 4.04 12.06
N VAL A 13 0.38 4.39 11.19
CA VAL A 13 1.72 3.85 11.27
C VAL A 13 2.39 4.23 12.59
N ASP A 14 3.22 3.33 13.11
CA ASP A 14 3.91 3.58 14.37
C ASP A 14 5.24 4.27 14.12
N ARG A 15 5.79 4.88 15.18
CA ARG A 15 7.06 5.59 15.08
C ARG A 15 6.94 6.83 14.19
N CYS A 16 5.71 7.27 13.95
CA CYS A 16 5.49 8.44 13.10
C CYS A 16 5.68 9.73 13.90
N THR A 17 6.41 10.67 13.33
CA THR A 17 6.67 11.95 14.00
C THR A 17 6.31 13.12 13.09
N ALA A 18 5.42 12.88 12.13
CA ALA A 18 5.01 13.91 11.20
C ALA A 18 3.79 14.68 11.73
N ASP A 19 3.51 15.82 11.13
CA ASP A 19 2.38 16.65 11.54
C ASP A 19 1.15 16.36 10.68
N MET A 20 -0.02 16.39 11.30
CA MET A 20 -1.27 16.12 10.59
C MET A 20 -2.37 17.06 11.07
N LYS A 21 -1.99 18.29 11.41
CA LYS A 21 -2.95 19.29 11.87
C LYS A 21 -3.90 19.68 10.75
N GLU A 22 -3.39 19.74 9.53
CA GLU A 22 -4.20 20.11 8.38
C GLU A 22 -3.83 19.27 7.16
N ALA A 23 -4.26 18.02 7.14
CA ALA A 23 -3.98 17.12 6.04
C ALA A 23 -5.08 17.16 4.99
N LYS A 24 -4.97 16.28 3.99
CA LYS A 24 -5.96 16.23 2.92
C LYS A 24 -6.98 15.13 3.17
N LEU A 25 -8.11 15.22 2.50
CA LEU A 25 -9.18 14.23 2.65
C LEU A 25 -8.69 12.84 2.27
N TYR A 26 -7.65 12.77 1.45
CA TYR A 26 -7.08 11.49 1.02
C TYR A 26 -6.17 10.92 2.09
N HIS A 27 -5.46 11.79 2.79
CA HIS A 27 -4.55 11.36 3.86
C HIS A 27 -5.29 11.19 5.17
N ARG A 28 -6.36 11.96 5.35
CA ARG A 28 -7.15 11.89 6.58
C ARG A 28 -8.10 10.69 6.54
N ARG A 29 -8.55 10.33 5.34
CA ARG A 29 -9.46 9.21 5.18
C ARG A 29 -8.72 7.88 5.35
N HIS A 30 -7.49 7.83 4.84
CA HIS A 30 -6.68 6.62 4.93
C HIS A 30 -5.92 6.56 6.25
N LYS A 31 -5.88 7.68 6.98
CA LYS A 31 -5.19 7.74 8.25
C LYS A 31 -3.69 7.54 8.06
N VAL A 32 -3.16 8.05 6.94
CA VAL A 32 -1.75 7.93 6.63
C VAL A 32 -1.20 9.24 6.07
N CYS A 33 0.05 9.55 6.43
CA CYS A 33 0.69 10.77 5.96
C CYS A 33 1.52 10.50 4.71
N GLU A 34 2.05 11.58 4.12
CA GLU A 34 2.86 11.46 2.91
C GLU A 34 4.19 10.77 3.22
N VAL A 35 4.74 11.05 4.40
CA VAL A 35 6.01 10.45 4.81
C VAL A 35 5.95 8.93 4.75
N HIS A 36 4.76 8.38 4.99
CA HIS A 36 4.57 6.93 4.97
C HIS A 36 3.90 6.48 3.69
N ALA A 37 3.10 7.38 3.10
CA ALA A 37 2.39 7.07 1.86
C ALA A 37 3.37 6.76 0.73
N LYS A 38 4.54 7.39 0.79
CA LYS A 38 5.56 7.20 -0.23
C LYS A 38 6.77 6.46 0.35
N ALA A 39 6.52 5.60 1.33
CA ALA A 39 7.59 4.85 1.97
C ALA A 39 7.80 3.51 1.26
N SER A 40 9.06 3.21 0.95
CA SER A 40 9.41 1.97 0.27
C SER A 40 9.25 0.78 1.21
N SER A 41 9.47 1.01 2.50
CA SER A 41 9.36 -0.05 3.50
C SER A 41 9.15 0.55 4.89
N VAL A 42 7.90 0.55 5.35
CA VAL A 42 7.57 1.08 6.66
C VAL A 42 7.81 0.04 7.75
N PHE A 43 7.99 0.51 8.98
CA PHE A 43 8.22 -0.38 10.12
C PHE A 43 6.99 -0.47 11.00
N LEU A 44 6.07 -1.36 10.66
CA LEU A 44 4.84 -1.54 11.42
C LEU A 44 4.95 -2.75 12.35
N SER A 45 4.89 -2.50 13.65
CA SER A 45 4.98 -3.57 14.63
C SER A 45 6.29 -4.32 14.51
N GLY A 46 7.35 -3.61 14.10
CA GLY A 46 8.65 -4.22 13.94
C GLY A 46 8.70 -5.18 12.77
N LEU A 47 7.86 -4.93 11.77
CA LEU A 47 7.82 -5.77 10.59
C LEU A 47 7.86 -4.93 9.31
N ASN A 48 8.44 -5.50 8.26
CA ASN A 48 8.54 -4.79 6.98
C ASN A 48 7.22 -4.86 6.21
N GLN A 49 6.62 -3.70 6.00
CA GLN A 49 5.35 -3.62 5.29
C GLN A 49 5.37 -2.50 4.25
N ARG A 50 4.47 -2.58 3.28
CA ARG A 50 4.39 -1.58 2.22
C ARG A 50 2.94 -1.13 2.00
N PHE A 51 2.78 0.09 1.52
CA PHE A 51 1.44 0.64 1.27
C PHE A 51 0.90 0.16 -0.06
N CYS A 52 -0.18 -0.62 -0.01
CA CYS A 52 -0.80 -1.16 -1.22
C CYS A 52 -1.85 -0.20 -1.75
N GLN A 53 -1.47 0.62 -2.72
CA GLN A 53 -2.38 1.58 -3.32
C GLN A 53 -3.60 0.88 -3.94
N GLN A 54 -3.43 -0.38 -4.31
CA GLN A 54 -4.50 -1.16 -4.91
C GLN A 54 -5.71 -1.23 -3.98
N CYS A 55 -5.47 -1.59 -2.72
CA CYS A 55 -6.55 -1.69 -1.74
C CYS A 55 -6.48 -0.57 -0.71
N SER A 56 -5.45 0.26 -0.81
CA SER A 56 -5.27 1.39 0.12
C SER A 56 -4.87 0.91 1.52
N ARG A 57 -4.79 -0.42 1.71
CA ARG A 57 -4.42 -0.99 2.99
C ARG A 57 -2.92 -1.27 3.05
N PHE A 58 -2.48 -1.91 4.13
CA PHE A 58 -1.07 -2.24 4.31
C PHE A 58 -0.87 -3.75 4.29
N HIS A 59 -0.02 -4.21 3.39
CA HIS A 59 0.27 -5.64 3.26
C HIS A 59 1.74 -5.93 3.52
N ASP A 60 2.06 -7.19 3.77
CA ASP A 60 3.44 -7.60 4.04
C ASP A 60 4.35 -7.24 2.88
N LEU A 61 5.64 -7.23 3.13
CA LEU A 61 6.63 -6.91 2.10
C LEU A 61 6.81 -8.06 1.12
N GLN A 62 6.59 -9.28 1.61
CA GLN A 62 6.72 -10.47 0.78
C GLN A 62 5.80 -10.41 -0.43
N GLU A 63 4.76 -9.59 -0.33
CA GLU A 63 3.80 -9.44 -1.43
C GLU A 63 4.35 -8.51 -2.51
N PHE A 64 5.21 -7.59 -2.11
CA PHE A 64 5.81 -6.63 -3.04
C PHE A 64 7.25 -7.03 -3.37
N ASP A 65 7.47 -8.32 -3.60
CA ASP A 65 8.80 -8.83 -3.93
C ASP A 65 8.76 -9.69 -5.18
N GLU A 66 7.91 -9.30 -6.13
CA GLU A 66 7.76 -10.05 -7.37
C GLU A 66 7.47 -9.10 -8.53
N ALA A 67 6.86 -9.62 -9.60
CA ALA A 67 6.53 -8.80 -10.77
C ALA A 67 5.13 -8.22 -10.65
N LYS A 68 4.75 -7.82 -9.44
CA LYS A 68 3.44 -7.24 -9.19
C LYS A 68 3.50 -6.26 -8.02
N ARG A 69 3.81 -5.01 -8.32
CA ARG A 69 3.91 -3.98 -7.28
C ARG A 69 2.54 -3.35 -7.02
N SER A 70 1.56 -4.18 -6.72
CA SER A 70 0.20 -3.71 -6.44
C SER A 70 -0.73 -4.87 -6.12
N CYS A 71 -0.34 -5.69 -5.15
CA CYS A 71 -1.14 -6.84 -4.74
C CYS A 71 -1.26 -7.85 -5.88
N ARG A 72 -2.06 -8.88 -5.66
CA ARG A 72 -2.27 -9.92 -6.66
C ARG A 72 -3.66 -9.82 -7.27
N ARG A 73 -4.62 -9.42 -6.45
CA ARG A 73 -6.00 -9.28 -6.90
C ARG A 73 -6.10 -8.27 -8.04
N ARG A 74 -6.77 -8.67 -9.11
CA ARG A 74 -6.95 -7.81 -10.29
C ARG A 74 -5.64 -7.59 -11.02
N LEU A 75 -4.69 -6.95 -10.33
CA LEU A 75 -3.38 -6.67 -10.92
C LEU A 75 -2.80 -7.89 -11.62
N ALA A 76 -2.92 -9.05 -10.96
CA ALA A 76 -2.40 -10.28 -11.53
C ALA A 76 -3.27 -10.75 -12.70
N GLY A 77 -2.67 -10.78 -13.89
CA GLY A 77 -3.39 -11.20 -15.08
C GLY A 77 -4.39 -10.17 -15.55
N HIS A 78 -4.53 -10.04 -16.87
CA HIS A 78 -5.46 -9.07 -17.45
C HIS A 78 -6.90 -9.55 -17.30
N ASN A 79 -7.84 -8.72 -17.73
CA ASN A 79 -9.25 -9.05 -17.65
C ASN A 79 -9.60 -10.19 -18.62
N GLU A 80 -9.04 -10.13 -19.82
CA GLU A 80 -9.29 -11.16 -20.83
C GLU A 80 -8.44 -12.40 -20.55
N ARG A 81 -8.93 -13.55 -21.01
CA ARG A 81 -8.23 -14.81 -20.82
C ARG A 81 -8.01 -15.53 -22.15
N ARG A 82 -7.13 -16.51 -22.15
CA ARG A 82 -6.83 -17.27 -23.36
C ARG A 82 -6.14 -18.60 -23.02
N ARG A 83 -6.39 -19.62 -23.84
CA ARG A 83 -5.79 -20.93 -23.62
C ARG A 83 -5.01 -21.38 -24.85
N LYS A 84 -4.36 -22.53 -24.73
CA LYS A 84 -3.58 -23.07 -25.84
C LYS A 84 -4.32 -24.21 -26.53
N SER A 85 -3.73 -24.73 -27.60
CA SER A 85 -4.35 -25.82 -28.36
C SER A 85 -5.71 -25.39 -28.91
N SER A 86 -6.38 -26.33 -29.59
CA SER A 86 -7.68 -26.05 -30.16
C SER A 86 -8.72 -25.80 -29.08
N GLY A 87 -9.84 -25.19 -29.47
CA GLY A 87 -10.90 -24.89 -28.52
C GLY A 87 -11.95 -23.97 -29.08
N GLU A 88 -11.51 -22.95 -29.81
CA GLU A 88 -12.42 -21.99 -30.41
C GLU A 88 -12.51 -22.18 -31.93
ZN ZN B . 2.96 8.79 9.17
ZN ZN C . -3.76 -5.07 -1.58
#